data_6B5I
#
_entry.id   6B5I
#
_cell.length_a   84.830
_cell.length_b   139.470
_cell.length_c   163.070
_cell.angle_alpha   90.000
_cell.angle_beta   90.000
_cell.angle_gamma   90.000
#
_symmetry.space_group_name_H-M   'P 21 21 21'
#
loop_
_entity.id
_entity.type
_entity.pdbx_description
1 polymer 'Retinal dehydrogenase 2'
2 non-polymer 1-(4-cyanophenyl)-N-(3-fluorophenyl)-3-[4-(methylsulfonyl)phenyl]-1H-pyrazole-4-carboxamide
3 water water
#
_entity_poly.entity_id   1
_entity_poly.type   'polypeptide(L)'
_entity_poly.pdbx_seq_one_letter_code
;LPSPTPNLEIKYTKIFINNEWQNSESGRVFPVYNPATGEQVCEVQEADKADIDKAVQAARLAFSLGSVWRRMDASERGRL
LDKLADLVERDRAVLATMESLNGGKPFLQAFYVDLQGVIKTFRYYAGWADKIHGMTIPVDGDYFTFTRHEPIGVCGQIIP
WNFPLLMFAWKIAPALCCGNTVVIKPAEQTPLSALYMGALIKEAGFPPGVINILPGYGPTAGAAIASHIGIDKIAFTGST
EVGKLIQEAAGRSNLKRVTLELGGKSPNIIFADADLDYAVEQAHQGVFFNQGQCCTAGSRIFVEESIYEEFVRRSVERAK
RRVVGSPFDPTTEQGPQIDKKQYNKILELIQSGVAEGAKLECGGKGLGRKGFFIEPTVFSNVTDDMRIAKEEIFGPVQEI
LRFKTMDEVIERANNSDFGLVAAVFTNDINKALTVSSAMQAGTVWINCYNALNAQSPFGGFKMSGNGREMGEFGLREYSE
VKTVTVKIPQKNS
;
_entity_poly.pdbx_strand_id   A,B,C,D
#
loop_
_chem_comp.id
_chem_comp.type
_chem_comp.name
_chem_comp.formula
CU4 non-polymer 1-(4-cyanophenyl)-N-(3-fluorophenyl)-3-[4-(methylsulfonyl)phenyl]-1H-pyrazole-4-carboxamide 'C24 H17 F N4 O3 S'
#
# COMPACT_ATOMS: atom_id res chain seq x y z
N PRO A 2 26.02 27.18 19.84
CA PRO A 2 26.99 26.87 18.80
C PRO A 2 27.37 28.12 18.01
N SER A 3 28.55 28.06 17.40
CA SER A 3 29.16 29.21 16.75
C SER A 3 29.75 28.78 15.41
N PRO A 4 29.87 29.70 14.47
CA PRO A 4 30.48 29.36 13.17
C PRO A 4 31.93 28.92 13.31
N THR A 5 32.37 28.15 12.32
CA THR A 5 33.77 27.73 12.27
C THR A 5 34.66 28.94 12.05
N PRO A 6 35.71 29.13 12.85
CA PRO A 6 36.58 30.30 12.66
C PRO A 6 37.34 30.20 11.34
N ASN A 7 37.33 31.32 10.59
CA ASN A 7 38.05 31.44 9.33
C ASN A 7 37.54 30.47 8.27
N LEU A 8 37.70 29.17 8.53
CA LEU A 8 37.18 28.09 7.69
C LEU A 8 37.87 28.01 6.33
N GLU A 9 38.51 26.88 6.05
CA GLU A 9 39.19 26.65 4.80
C GLU A 9 38.25 25.98 3.80
N ILE A 10 38.39 26.36 2.53
CA ILE A 10 37.62 25.76 1.44
C ILE A 10 38.56 24.79 0.74
N LYS A 11 38.43 23.51 1.07
CA LYS A 11 39.32 22.49 0.54
C LYS A 11 38.87 21.95 -0.81
N TYR A 12 37.56 21.96 -1.08
CA TYR A 12 36.99 21.23 -2.20
C TYR A 12 36.39 22.22 -3.18
N THR A 13 37.08 22.43 -4.31
CA THR A 13 36.65 23.36 -5.33
C THR A 13 36.73 22.74 -6.72
N LYS A 14 36.98 21.45 -6.82
CA LYS A 14 37.17 20.78 -8.09
C LYS A 14 35.96 19.94 -8.45
N ILE A 15 35.99 19.38 -9.66
CA ILE A 15 34.90 18.58 -10.17
C ILE A 15 35.00 17.17 -9.59
N PHE A 16 33.84 16.62 -9.21
CA PHE A 16 33.76 15.30 -8.56
C PHE A 16 33.20 14.30 -9.57
N ILE A 17 34.09 13.48 -10.14
CA ILE A 17 33.72 12.47 -11.12
C ILE A 17 34.44 11.17 -10.77
N ASN A 18 33.68 10.08 -10.63
CA ASN A 18 34.24 8.77 -10.29
C ASN A 18 35.06 8.84 -9.01
N ASN A 19 34.55 9.60 -8.03
CA ASN A 19 35.15 9.79 -6.71
C ASN A 19 36.54 10.42 -6.75
N GLU A 20 36.95 10.95 -7.90
CA GLU A 20 38.21 11.69 -8.02
C GLU A 20 37.91 13.16 -8.24
N TRP A 21 38.79 14.00 -7.70
CA TRP A 21 38.72 15.43 -7.93
C TRP A 21 39.41 15.77 -9.25
N GLN A 22 38.67 16.35 -10.18
CA GLN A 22 39.16 16.62 -11.53
C GLN A 22 39.14 18.11 -11.84
N ASN A 23 40.09 18.54 -12.67
CA ASN A 23 40.05 19.87 -13.24
C ASN A 23 39.07 19.91 -14.40
N SER A 24 38.63 21.12 -14.74
CA SER A 24 37.79 21.30 -15.92
C SER A 24 38.63 21.06 -17.17
N GLU A 25 37.99 20.45 -18.18
CA GLU A 25 38.68 20.19 -19.45
C GLU A 25 39.10 21.47 -20.14
N SER A 26 38.44 22.59 -19.85
CA SER A 26 38.83 23.88 -20.40
C SER A 26 39.83 24.60 -19.53
N GLY A 27 40.05 24.13 -18.30
CA GLY A 27 40.90 24.81 -17.35
C GLY A 27 40.28 26.03 -16.71
N ARG A 28 39.07 26.42 -17.11
CA ARG A 28 38.45 27.62 -16.58
C ARG A 28 38.04 27.41 -15.13
N VAL A 29 37.79 28.53 -14.44
CA VAL A 29 37.21 28.56 -13.11
C VAL A 29 36.18 29.68 -13.08
N PHE A 30 35.44 29.77 -11.98
CA PHE A 30 34.49 30.85 -11.79
C PHE A 30 34.45 31.18 -10.30
N PRO A 31 34.24 32.45 -9.95
CA PRO A 31 34.30 32.85 -8.54
C PRO A 31 32.98 32.57 -7.81
N VAL A 32 33.10 32.48 -6.48
CA VAL A 32 31.97 32.34 -5.57
C VAL A 32 32.06 33.47 -4.55
N TYR A 33 30.96 34.16 -4.30
CA TYR A 33 30.97 35.37 -3.52
C TYR A 33 30.27 35.20 -2.18
N ASN A 34 30.57 36.13 -1.27
CA ASN A 34 29.86 36.26 -0.01
C ASN A 34 28.77 37.30 -0.19
N PRO A 35 27.49 36.93 -0.22
CA PRO A 35 26.44 37.92 -0.50
C PRO A 35 26.29 38.98 0.58
N ALA A 36 26.87 38.79 1.77
CA ALA A 36 26.76 39.79 2.82
C ALA A 36 27.78 40.91 2.66
N THR A 37 28.92 40.63 2.01
CA THR A 37 29.96 41.62 1.81
C THR A 37 30.30 41.85 0.35
N GLY A 38 30.10 40.86 -0.53
CA GLY A 38 30.51 40.94 -1.90
C GLY A 38 31.89 40.39 -2.19
N GLU A 39 32.66 40.04 -1.16
CA GLU A 39 34.03 39.57 -1.37
C GLU A 39 34.02 38.24 -2.12
N GLN A 40 35.03 38.06 -2.97
CA GLN A 40 35.20 36.77 -3.63
C GLN A 40 35.69 35.75 -2.61
N VAL A 41 34.92 34.68 -2.43
CA VAL A 41 35.22 33.71 -1.39
C VAL A 41 36.26 32.71 -1.87
N CYS A 42 36.14 32.23 -3.11
CA CYS A 42 37.09 31.28 -3.70
C CYS A 42 36.76 31.16 -5.19
N GLU A 43 37.38 30.18 -5.84
CA GLU A 43 37.12 29.88 -7.24
C GLU A 43 36.91 28.39 -7.40
N VAL A 44 36.03 28.02 -8.34
CA VAL A 44 35.59 26.65 -8.54
C VAL A 44 35.81 26.27 -10.00
N GLN A 45 36.21 25.03 -10.23
CA GLN A 45 36.28 24.51 -11.58
C GLN A 45 34.92 24.63 -12.28
N GLU A 46 34.93 25.19 -13.48
CA GLU A 46 33.70 25.41 -14.26
C GLU A 46 33.51 24.23 -15.21
N ALA A 47 32.51 23.40 -14.93
CA ALA A 47 32.23 22.25 -15.78
C ALA A 47 31.41 22.67 -17.00
N ASP A 48 31.68 22.04 -18.13
CA ASP A 48 30.95 22.27 -19.37
C ASP A 48 30.49 20.93 -19.96
N LYS A 49 30.03 20.95 -21.23
CA LYS A 49 29.60 19.72 -21.88
C LYS A 49 30.70 18.67 -21.90
N ALA A 50 31.96 19.09 -21.90
CA ALA A 50 33.06 18.13 -21.86
C ALA A 50 33.07 17.35 -20.55
N ASP A 51 32.89 18.04 -19.43
CA ASP A 51 32.87 17.35 -18.14
C ASP A 51 31.57 16.58 -17.94
N ILE A 52 30.45 17.12 -18.43
CA ILE A 52 29.16 16.44 -18.28
C ILE A 52 29.19 15.08 -18.97
N ASP A 53 29.80 15.00 -20.15
CA ASP A 53 29.89 13.73 -20.85
C ASP A 53 30.70 12.72 -20.06
N LYS A 54 31.76 13.18 -19.38
CA LYS A 54 32.56 12.26 -18.58
C LYS A 54 31.78 11.70 -17.40
N ALA A 55 31.03 12.56 -16.70
CA ALA A 55 30.27 12.11 -15.54
C ALA A 55 29.19 11.12 -15.95
N VAL A 56 28.47 11.41 -17.04
CA VAL A 56 27.49 10.46 -17.55
C VAL A 56 28.16 9.15 -17.90
N GLN A 57 29.38 9.21 -18.45
CA GLN A 57 30.12 8.00 -18.76
C GLN A 57 30.42 7.20 -17.50
N ALA A 58 30.81 7.89 -16.41
CA ALA A 58 31.08 7.22 -15.15
C ALA A 58 29.79 6.70 -14.53
N ALA A 59 28.75 7.52 -14.50
CA ALA A 59 27.48 7.12 -13.92
C ALA A 59 26.88 5.93 -14.66
N ARG A 60 27.11 5.84 -15.97
CA ARG A 60 26.61 4.70 -16.73
C ARG A 60 27.38 3.43 -16.36
N LEU A 61 28.71 3.52 -16.24
CA LEU A 61 29.50 2.36 -15.87
C LEU A 61 29.17 1.90 -14.46
N ALA A 62 28.94 2.84 -13.55
CA ALA A 62 28.55 2.48 -12.19
C ALA A 62 27.16 1.86 -12.11
N PHE A 63 26.38 1.93 -13.20
CA PHE A 63 25.02 1.39 -13.24
C PHE A 63 24.89 0.13 -14.08
N SER A 64 25.96 -0.29 -14.76
CA SER A 64 25.88 -1.49 -15.57
C SER A 64 25.69 -2.73 -14.71
N LEU A 65 25.12 -3.77 -15.30
CA LEU A 65 24.89 -5.01 -14.59
C LEU A 65 26.22 -5.58 -14.09
N GLY A 66 26.16 -6.23 -12.93
CA GLY A 66 27.35 -6.73 -12.28
C GLY A 66 28.13 -5.70 -11.52
N SER A 67 27.75 -4.43 -11.59
CA SER A 67 28.47 -3.40 -10.85
C SER A 67 28.23 -3.55 -9.36
N VAL A 68 29.19 -3.06 -8.57
CA VAL A 68 29.04 -3.08 -7.12
C VAL A 68 27.75 -2.40 -6.70
N TRP A 69 27.40 -1.29 -7.35
CA TRP A 69 26.20 -0.56 -6.98
C TRP A 69 24.95 -1.34 -7.34
N ARG A 70 24.93 -1.97 -8.51
CA ARG A 70 23.78 -2.76 -8.93
C ARG A 70 23.65 -4.02 -8.09
N ARG A 71 24.77 -4.68 -7.81
CA ARG A 71 24.73 -5.91 -7.03
C ARG A 71 24.39 -5.64 -5.57
N MET A 72 24.81 -4.50 -5.04
CA MET A 72 24.70 -4.21 -3.62
C MET A 72 23.30 -4.51 -3.08
N ASP A 73 23.25 -5.17 -1.92
CA ASP A 73 21.99 -5.43 -1.24
C ASP A 73 21.25 -4.12 -0.97
N ALA A 74 19.92 -4.15 -1.15
CA ALA A 74 19.13 -2.94 -0.95
C ALA A 74 19.33 -2.37 0.45
N SER A 75 19.42 -3.24 1.46
CA SER A 75 19.69 -2.78 2.82
C SER A 75 21.06 -2.10 2.91
N GLU A 76 22.01 -2.51 2.08
CA GLU A 76 23.33 -1.90 2.15
C GLU A 76 23.35 -0.53 1.49
N ARG A 77 22.51 -0.30 0.48
CA ARG A 77 22.34 1.06 -0.01
C ARG A 77 21.79 1.97 1.07
N GLY A 78 20.94 1.43 1.95
CA GLY A 78 20.46 2.22 3.07
C GLY A 78 21.54 2.50 4.09
N ARG A 79 22.39 1.51 4.37
CA ARG A 79 23.48 1.71 5.32
C ARG A 79 24.44 2.80 4.84
N LEU A 80 24.70 2.85 3.53
CA LEU A 80 25.54 3.92 3.00
C LEU A 80 24.90 5.28 3.21
N LEU A 81 23.59 5.37 2.99
CA LEU A 81 22.88 6.62 3.26
C LEU A 81 22.95 6.99 4.75
N ASP A 82 22.81 5.99 5.63
CA ASP A 82 22.94 6.25 7.07
C ASP A 82 24.35 6.74 7.40
N LYS A 83 25.36 6.14 6.77
CA LYS A 83 26.74 6.56 7.00
C LYS A 83 26.94 8.01 6.57
N LEU A 84 26.39 8.37 5.41
CA LEU A 84 26.46 9.75 4.93
C LEU A 84 25.82 10.72 5.93
N ALA A 85 24.67 10.35 6.49
CA ALA A 85 24.02 11.20 7.48
C ALA A 85 24.88 11.37 8.72
N ASP A 86 25.70 10.36 9.06
CA ASP A 86 26.56 10.50 10.22
C ASP A 86 27.65 11.53 9.95
N LEU A 87 28.29 11.48 8.78
CA LEU A 87 29.33 12.44 8.45
C LEU A 87 28.80 13.86 8.38
N VAL A 88 27.53 14.03 8.00
CA VAL A 88 26.94 15.36 7.96
C VAL A 88 26.73 15.89 9.36
N GLU A 89 26.27 15.04 10.29
CA GLU A 89 26.10 15.46 11.67
C GLU A 89 27.43 15.77 12.34
N ARG A 90 28.49 15.03 11.99
CA ARG A 90 29.80 15.32 12.55
C ARG A 90 30.29 16.69 12.08
N ASP A 91 30.10 17.01 10.80
CA ASP A 91 30.49 18.28 10.23
C ASP A 91 29.31 19.24 10.12
N ARG A 92 28.33 19.12 11.03
CA ARG A 92 27.16 19.98 10.98
C ARG A 92 27.54 21.45 11.12
N ALA A 93 28.59 21.76 11.89
CA ALA A 93 28.99 23.14 12.09
C ALA A 93 29.76 23.69 10.90
N VAL A 94 30.54 22.86 10.21
CA VAL A 94 31.29 23.32 9.05
C VAL A 94 30.35 23.58 7.87
N LEU A 95 29.44 22.62 7.61
CA LEU A 95 28.49 22.78 6.51
C LEU A 95 27.53 23.93 6.75
N ALA A 96 27.09 24.14 7.99
CA ALA A 96 26.26 25.30 8.29
C ALA A 96 27.02 26.60 8.02
N THR A 97 28.31 26.63 8.36
CA THR A 97 29.10 27.83 8.10
C THR A 97 29.22 28.09 6.59
N MET A 98 29.43 27.03 5.80
CA MET A 98 29.49 27.20 4.35
C MET A 98 28.20 27.75 3.80
N GLU A 99 27.05 27.22 4.27
CA GLU A 99 25.77 27.73 3.81
C GLU A 99 25.58 29.19 4.16
N SER A 100 26.09 29.62 5.32
CA SER A 100 26.00 31.03 5.69
C SER A 100 26.92 31.89 4.83
N LEU A 101 28.16 31.45 4.68
CA LEU A 101 29.14 32.24 3.92
C LEU A 101 28.75 32.33 2.45
N ASN A 102 28.17 31.26 1.90
CA ASN A 102 27.88 31.20 0.47
C ASN A 102 26.48 31.71 0.15
N GLY A 103 25.47 31.32 0.92
CA GLY A 103 24.10 31.66 0.63
C GLY A 103 23.54 32.84 1.38
N GLY A 104 24.30 33.43 2.30
CA GLY A 104 23.80 34.55 3.09
C GLY A 104 22.78 34.17 4.14
N LYS A 105 22.52 32.89 4.34
CA LYS A 105 21.59 32.48 5.37
C LYS A 105 22.20 32.74 6.75
N PRO A 106 21.39 33.14 7.73
CA PRO A 106 21.88 33.25 9.11
C PRO A 106 22.39 31.90 9.62
N PHE A 107 23.46 31.95 10.42
CA PHE A 107 24.15 30.73 10.82
C PHE A 107 23.24 29.81 11.64
N LEU A 108 22.65 30.32 12.72
CA LEU A 108 21.79 29.49 13.54
C LEU A 108 20.61 28.93 12.74
N GLN A 109 20.21 29.63 11.68
CA GLN A 109 19.17 29.10 10.80
C GLN A 109 19.70 27.91 10.02
N ALA A 110 20.87 28.05 9.40
CA ALA A 110 21.45 26.96 8.62
C ALA A 110 21.82 25.77 9.49
N PHE A 111 21.98 25.99 10.80
CA PHE A 111 22.40 24.93 11.70
C PHE A 111 21.20 24.14 12.21
N TYR A 112 20.14 24.84 12.61
CA TYR A 112 19.00 24.18 13.24
C TYR A 112 17.86 23.86 12.28
N VAL A 113 17.86 24.44 11.08
CA VAL A 113 16.81 24.19 10.09
C VAL A 113 17.37 23.46 8.88
N ASP A 114 18.27 24.11 8.12
CA ASP A 114 18.81 23.51 6.91
C ASP A 114 19.51 22.19 7.21
N LEU A 115 20.53 22.23 8.09
CA LEU A 115 21.31 21.03 8.40
C LEU A 115 20.45 19.95 9.07
N GLN A 116 19.48 20.36 9.89
CA GLN A 116 18.55 19.39 10.45
C GLN A 116 17.77 18.66 9.35
N GLY A 117 17.27 19.41 8.36
CA GLY A 117 16.56 18.78 7.26
C GLY A 117 17.43 17.85 6.45
N VAL A 118 18.70 18.20 6.27
CA VAL A 118 19.61 17.35 5.49
C VAL A 118 19.83 16.03 6.20
N ILE A 119 20.16 16.07 7.49
CA ILE A 119 20.40 14.84 8.24
C ILE A 119 19.15 13.98 8.25
N LYS A 120 17.99 14.59 8.53
CA LYS A 120 16.76 13.82 8.62
C LYS A 120 16.33 13.27 7.26
N THR A 121 16.62 13.97 6.17
CA THR A 121 16.29 13.44 4.85
C THR A 121 17.09 12.19 4.55
N PHE A 122 18.40 12.22 4.81
CA PHE A 122 19.23 11.04 4.58
C PHE A 122 18.84 9.88 5.48
N ARG A 123 18.48 10.17 6.74
CA ARG A 123 18.03 9.11 7.64
C ARG A 123 16.69 8.55 7.19
N TYR A 124 15.76 9.40 6.76
CA TYR A 124 14.46 8.91 6.34
C TYR A 124 14.60 7.96 5.16
N TYR A 125 15.31 8.39 4.11
CA TYR A 125 15.41 7.57 2.90
C TYR A 125 16.33 6.37 3.07
N ALA A 126 17.21 6.39 4.07
CA ALA A 126 18.01 5.20 4.36
C ALA A 126 17.12 4.04 4.80
N GLY A 127 15.99 4.34 5.46
CA GLY A 127 15.05 3.31 5.83
C GLY A 127 14.19 2.79 4.69
N TRP A 128 14.01 3.58 3.64
CA TRP A 128 13.16 3.16 2.53
C TRP A 128 13.85 2.19 1.57
N ALA A 129 15.17 2.01 1.69
CA ALA A 129 15.91 1.29 0.65
C ALA A 129 15.37 -0.12 0.45
N ASP A 130 15.41 -0.95 1.49
CA ASP A 130 14.96 -2.33 1.42
C ASP A 130 13.47 -2.48 1.68
N LYS A 131 12.70 -1.40 1.55
CA LYS A 131 11.25 -1.45 1.75
C LYS A 131 10.49 -0.94 0.53
N ILE A 132 11.12 -0.90 -0.64
CA ILE A 132 10.48 -0.47 -1.88
C ILE A 132 9.85 -1.71 -2.50
N HIS A 133 8.55 -1.87 -2.31
CA HIS A 133 7.87 -3.12 -2.64
C HIS A 133 7.15 -3.02 -3.97
N GLY A 134 7.18 -4.11 -4.71
CA GLY A 134 6.29 -4.33 -5.83
C GLY A 134 5.02 -5.00 -5.37
N MET A 135 4.40 -5.75 -6.26
CA MET A 135 3.16 -6.42 -5.90
C MET A 135 2.99 -7.69 -6.71
N THR A 136 2.17 -8.59 -6.19
CA THR A 136 1.70 -9.76 -6.93
C THR A 136 0.20 -9.54 -7.19
N ILE A 137 -0.23 -9.77 -8.42
CA ILE A 137 -1.53 -9.32 -8.90
C ILE A 137 -2.33 -10.52 -9.37
N PRO A 138 -3.59 -10.69 -8.94
CA PRO A 138 -4.38 -11.83 -9.42
C PRO A 138 -5.04 -11.55 -10.76
N VAL A 139 -4.38 -11.91 -11.84
CA VAL A 139 -4.85 -11.62 -13.19
C VAL A 139 -5.77 -12.74 -13.67
N ASP A 140 -6.64 -12.41 -14.62
CA ASP A 140 -7.53 -13.40 -15.22
C ASP A 140 -6.72 -14.44 -15.98
N GLY A 141 -7.22 -15.67 -15.97
CA GLY A 141 -6.53 -16.75 -16.65
C GLY A 141 -5.50 -17.44 -15.77
N ASP A 142 -4.76 -18.36 -16.40
CA ASP A 142 -3.77 -19.18 -15.72
C ASP A 142 -2.41 -18.49 -15.85
N TYR A 143 -2.25 -17.42 -15.07
CA TYR A 143 -1.03 -16.63 -15.09
C TYR A 143 -0.65 -16.23 -13.68
N PHE A 144 0.64 -16.01 -13.47
CA PHE A 144 1.17 -15.41 -12.25
C PHE A 144 1.88 -14.12 -12.64
N THR A 145 1.34 -12.99 -12.19
CA THR A 145 1.84 -11.67 -12.54
C THR A 145 2.34 -10.97 -11.29
N PHE A 146 3.61 -10.58 -11.29
CA PHE A 146 4.18 -9.80 -10.20
C PHE A 146 4.86 -8.55 -10.78
N THR A 147 5.28 -7.66 -9.89
CA THR A 147 5.75 -6.33 -10.27
C THR A 147 7.09 -6.06 -9.60
N ARG A 148 8.06 -5.58 -10.38
CA ARG A 148 9.39 -5.25 -9.88
C ARG A 148 9.64 -3.75 -10.06
N HIS A 149 10.17 -3.11 -9.02
CA HIS A 149 10.55 -1.70 -9.08
C HIS A 149 12.06 -1.65 -9.23
N GLU A 150 12.53 -1.20 -10.39
CA GLU A 150 13.96 -1.11 -10.67
C GLU A 150 14.40 0.35 -10.72
N PRO A 151 15.70 0.62 -10.54
CA PRO A 151 16.19 1.97 -10.82
C PRO A 151 16.18 2.24 -12.31
N ILE A 152 15.86 3.49 -12.66
CA ILE A 152 15.79 3.89 -14.07
C ILE A 152 17.17 3.92 -14.69
N GLY A 153 18.12 4.53 -14.02
CA GLY A 153 19.46 4.60 -14.55
C GLY A 153 20.15 5.89 -14.15
N VAL A 154 20.85 6.49 -15.12
CA VAL A 154 21.58 7.72 -14.88
C VAL A 154 20.60 8.86 -14.70
N CYS A 155 20.68 9.53 -13.56
CA CYS A 155 19.73 10.58 -13.19
C CYS A 155 20.49 11.91 -13.10
N GLY A 156 20.24 12.80 -14.05
CA GLY A 156 20.79 14.14 -14.01
C GLY A 156 19.90 15.05 -13.18
N GLN A 157 20.52 15.81 -12.28
CA GLN A 157 19.77 16.65 -11.36
C GLN A 157 20.36 18.05 -11.31
N ILE A 158 19.48 19.05 -11.28
CA ILE A 158 19.84 20.46 -11.25
C ILE A 158 19.09 21.13 -10.12
N ILE A 159 19.81 21.81 -9.24
CA ILE A 159 19.25 22.32 -7.99
C ILE A 159 19.53 23.82 -7.90
N PRO A 160 18.72 24.55 -7.12
CA PRO A 160 18.88 26.01 -7.08
C PRO A 160 19.73 26.48 -5.91
N TRP A 161 19.76 27.80 -5.71
CA TRP A 161 20.68 28.46 -4.79
C TRP A 161 20.06 28.88 -3.46
N ASN A 162 18.73 28.83 -3.34
CA ASN A 162 18.09 29.33 -2.12
C ASN A 162 18.20 28.36 -0.96
N PHE A 163 18.22 27.06 -1.23
CA PHE A 163 18.43 26.02 -0.22
C PHE A 163 19.45 25.03 -0.76
N PRO A 164 20.71 25.44 -0.90
CA PRO A 164 21.68 24.62 -1.65
C PRO A 164 21.85 23.22 -1.09
N LEU A 165 22.26 23.09 0.17
CA LEU A 165 22.50 21.77 0.74
C LEU A 165 21.20 20.98 0.90
N LEU A 166 20.14 21.65 1.32
CA LEU A 166 18.86 20.98 1.50
C LEU A 166 18.33 20.44 0.17
N MET A 167 18.36 21.26 -0.89
CA MET A 167 17.96 20.76 -2.21
C MET A 167 18.88 19.63 -2.67
N PHE A 168 20.17 19.74 -2.37
CA PHE A 168 21.10 18.67 -2.69
C PHE A 168 20.68 17.35 -2.03
N ALA A 169 20.26 17.41 -0.77
CA ALA A 169 19.84 16.18 -0.10
C ALA A 169 18.53 15.65 -0.70
N TRP A 170 17.54 16.53 -0.87
CA TRP A 170 16.25 16.12 -1.43
C TRP A 170 16.37 15.53 -2.83
N LYS A 171 17.47 15.81 -3.54
CA LYS A 171 17.64 15.28 -4.88
C LYS A 171 18.34 13.93 -4.89
N ILE A 172 19.42 13.77 -4.12
CA ILE A 172 20.20 12.55 -4.22
C ILE A 172 19.67 11.44 -3.30
N ALA A 173 19.12 11.80 -2.14
CA ALA A 173 18.64 10.77 -1.20
C ALA A 173 17.61 9.85 -1.82
N PRO A 174 16.50 10.33 -2.42
CA PRO A 174 15.55 9.36 -3.01
C PRO A 174 16.12 8.66 -4.24
N ALA A 175 17.00 9.31 -5.00
CA ALA A 175 17.53 8.68 -6.19
C ALA A 175 18.46 7.54 -5.84
N LEU A 176 19.33 7.73 -4.84
CA LEU A 176 20.21 6.64 -4.39
C LEU A 176 19.42 5.55 -3.68
N CYS A 177 18.37 5.94 -2.94
CA CYS A 177 17.52 4.96 -2.28
C CYS A 177 17.00 3.90 -3.26
N CYS A 178 16.65 4.30 -4.48
CA CYS A 178 16.18 3.35 -5.47
C CYS A 178 17.31 2.70 -6.26
N GLY A 179 18.55 3.08 -6.02
CA GLY A 179 19.67 2.48 -6.72
C GLY A 179 20.03 3.10 -8.05
N ASN A 180 19.74 4.39 -8.26
CA ASN A 180 20.18 5.09 -9.45
C ASN A 180 21.59 5.66 -9.25
N THR A 181 22.18 6.13 -10.34
CA THR A 181 23.41 6.90 -10.31
C THR A 181 23.09 8.35 -10.66
N VAL A 182 23.82 9.28 -10.05
CA VAL A 182 23.44 10.69 -10.03
C VAL A 182 24.53 11.52 -10.69
N VAL A 183 24.12 12.44 -11.56
CA VAL A 183 24.97 13.50 -12.11
C VAL A 183 24.27 14.80 -11.75
N ILE A 184 24.79 15.53 -10.77
CA ILE A 184 24.09 16.66 -10.19
C ILE A 184 24.90 17.94 -10.38
N LYS A 185 24.22 19.00 -10.81
CA LYS A 185 24.83 20.31 -10.98
C LYS A 185 24.25 21.29 -9.96
N PRO A 186 25.01 21.70 -8.94
CA PRO A 186 24.51 22.73 -8.04
C PRO A 186 24.53 24.10 -8.69
N ALA A 187 23.82 25.03 -8.07
CA ALA A 187 23.69 26.37 -8.61
C ALA A 187 25.07 27.04 -8.64
N GLU A 188 25.32 27.82 -9.69
CA GLU A 188 26.64 28.42 -9.85
C GLU A 188 26.95 29.39 -8.72
N GLN A 189 25.92 29.97 -8.11
CA GLN A 189 26.14 30.93 -7.02
C GLN A 189 26.60 30.22 -5.75
N THR A 190 26.07 29.03 -5.47
CA THR A 190 26.28 28.36 -4.19
C THR A 190 26.63 26.89 -4.42
N PRO A 191 27.83 26.61 -4.91
CA PRO A 191 28.25 25.21 -5.12
C PRO A 191 29.15 24.62 -4.02
N LEU A 192 29.43 25.36 -2.95
CA LEU A 192 30.47 24.93 -2.01
C LEU A 192 29.99 23.78 -1.14
N SER A 193 28.79 23.91 -0.55
CA SER A 193 28.27 22.85 0.30
C SER A 193 28.06 21.55 -0.49
N ALA A 194 27.70 21.65 -1.77
CA ALA A 194 27.55 20.45 -2.57
C ALA A 194 28.89 19.77 -2.84
N LEU A 195 29.93 20.56 -3.08
CA LEU A 195 31.25 19.97 -3.35
C LEU A 195 31.81 19.31 -2.10
N TYR A 196 31.59 19.92 -0.93
CA TYR A 196 31.98 19.28 0.33
C TYR A 196 31.26 17.95 0.49
N MET A 197 30.02 17.85 0.00
CA MET A 197 29.30 16.58 0.08
C MET A 197 30.01 15.49 -0.71
N GLY A 198 30.73 15.86 -1.77
CA GLY A 198 31.51 14.87 -2.50
C GLY A 198 32.57 14.22 -1.62
N ALA A 199 33.17 15.01 -0.73
CA ALA A 199 34.18 14.46 0.17
C ALA A 199 33.57 13.47 1.16
N LEU A 200 32.40 13.81 1.72
CA LEU A 200 31.72 12.88 2.62
C LEU A 200 31.27 11.63 1.90
N ILE A 201 30.77 11.77 0.67
CA ILE A 201 30.35 10.62 -0.13
C ILE A 201 31.53 9.65 -0.33
N LYS A 202 32.70 10.18 -0.67
CA LYS A 202 33.88 9.33 -0.80
C LYS A 202 34.25 8.72 0.55
N GLU A 203 34.06 9.48 1.62
CA GLU A 203 34.37 8.98 2.95
C GLU A 203 33.39 7.89 3.38
N ALA A 204 32.11 8.03 3.01
CA ALA A 204 31.11 7.05 3.39
C ALA A 204 31.34 5.70 2.70
N GLY A 205 31.93 5.70 1.52
CA GLY A 205 32.22 4.49 0.80
C GLY A 205 31.34 4.18 -0.40
N PHE A 206 30.67 5.18 -0.99
CA PHE A 206 29.88 4.94 -2.17
C PHE A 206 30.78 4.46 -3.31
N PRO A 207 30.34 3.46 -4.08
CA PRO A 207 31.16 3.01 -5.21
C PRO A 207 31.45 4.17 -6.15
N PRO A 208 32.56 4.10 -6.90
CA PRO A 208 32.89 5.19 -7.82
C PRO A 208 31.81 5.40 -8.87
N GLY A 209 31.66 6.66 -9.29
CA GLY A 209 30.73 7.03 -10.35
C GLY A 209 29.27 7.00 -9.97
N VAL A 210 28.92 6.61 -8.74
CA VAL A 210 27.52 6.57 -8.35
C VAL A 210 26.98 7.98 -8.17
N ILE A 211 27.80 8.90 -7.63
CA ILE A 211 27.43 10.30 -7.45
C ILE A 211 28.52 11.15 -8.06
N ASN A 212 28.16 11.94 -9.07
CA ASN A 212 29.09 12.82 -9.76
C ASN A 212 28.57 14.25 -9.67
N ILE A 213 29.34 15.13 -9.04
CA ILE A 213 28.94 16.51 -8.81
C ILE A 213 29.71 17.41 -9.76
N LEU A 214 29.00 18.24 -10.51
CA LEU A 214 29.60 19.09 -11.54
C LEU A 214 29.14 20.54 -11.38
N PRO A 215 29.94 21.39 -10.76
CA PRO A 215 29.55 22.81 -10.64
C PRO A 215 29.74 23.53 -11.97
N GLY A 216 28.83 24.46 -12.25
CA GLY A 216 28.87 25.15 -13.52
C GLY A 216 27.60 25.95 -13.76
N TYR A 217 27.59 26.63 -14.90
CA TYR A 217 26.51 27.54 -15.24
C TYR A 217 25.37 26.78 -15.91
N GLY A 218 24.18 27.38 -15.85
CA GLY A 218 22.99 26.81 -16.44
C GLY A 218 23.09 26.52 -17.92
N PRO A 219 23.31 27.56 -18.74
CA PRO A 219 23.37 27.35 -20.20
C PRO A 219 24.49 26.42 -20.63
N THR A 220 25.47 26.13 -19.76
CA THR A 220 26.59 25.28 -20.12
C THR A 220 26.38 23.87 -19.58
N ALA A 221 26.63 23.67 -18.29
CA ALA A 221 26.50 22.34 -17.69
C ALA A 221 25.05 21.89 -17.65
N GLY A 222 24.14 22.79 -17.24
CA GLY A 222 22.74 22.44 -17.16
C GLY A 222 22.15 22.01 -18.49
N ALA A 223 22.38 22.81 -19.54
CA ALA A 223 21.83 22.44 -20.85
C ALA A 223 22.48 21.18 -21.39
N ALA A 224 23.74 20.92 -21.01
CA ALA A 224 24.36 19.65 -21.39
C ALA A 224 23.63 18.47 -20.75
N ILE A 225 23.27 18.60 -19.47
CA ILE A 225 22.54 17.53 -18.80
C ILE A 225 21.14 17.39 -19.39
N ALA A 226 20.46 18.51 -19.62
CA ALA A 226 19.05 18.48 -20.01
C ALA A 226 18.82 17.77 -21.34
N SER A 227 19.82 17.74 -22.22
CA SER A 227 19.65 17.16 -23.56
C SER A 227 20.63 16.04 -23.82
N HIS A 228 21.20 15.44 -22.78
CA HIS A 228 22.15 14.35 -22.96
C HIS A 228 21.39 13.07 -23.30
N ILE A 229 21.84 12.37 -24.34
CA ILE A 229 21.13 11.18 -24.79
C ILE A 229 21.38 9.98 -23.89
N GLY A 230 22.42 10.00 -23.06
CA GLY A 230 22.68 8.93 -22.13
C GLY A 230 22.08 9.11 -20.76
N ILE A 231 21.30 10.16 -20.55
CA ILE A 231 20.66 10.43 -19.27
C ILE A 231 19.19 10.08 -19.40
N ASP A 232 18.67 9.30 -18.45
CA ASP A 232 17.34 8.74 -18.54
C ASP A 232 16.30 9.56 -17.78
N LYS A 233 16.69 10.24 -16.71
CA LYS A 233 15.75 11.02 -15.91
C LYS A 233 16.42 12.32 -15.47
N ILE A 234 15.69 13.42 -15.59
CA ILE A 234 16.16 14.72 -15.14
C ILE A 234 15.22 15.26 -14.08
N ALA A 235 15.79 15.89 -13.06
CA ALA A 235 15.03 16.52 -11.99
C ALA A 235 15.53 17.94 -11.83
N PHE A 236 14.62 18.91 -11.98
CA PHE A 236 14.98 20.33 -12.00
C PHE A 236 14.24 21.08 -10.92
N THR A 237 14.94 22.04 -10.29
CA THR A 237 14.36 22.98 -9.34
C THR A 237 15.11 24.30 -9.50
N GLY A 238 14.39 25.39 -9.70
CA GLY A 238 12.94 25.36 -9.76
C GLY A 238 12.33 26.68 -10.15
N SER A 239 12.78 27.24 -11.27
CA SER A 239 12.15 28.41 -11.86
C SER A 239 11.13 27.94 -12.91
N THR A 240 9.89 28.42 -12.78
CA THR A 240 8.85 28.01 -13.72
C THR A 240 9.22 28.37 -15.16
N GLU A 241 9.94 29.47 -15.37
CA GLU A 241 10.37 29.82 -16.72
C GLU A 241 11.38 28.82 -17.26
N VAL A 242 12.46 28.58 -16.51
CA VAL A 242 13.50 27.66 -16.98
C VAL A 242 12.96 26.24 -17.10
N GLY A 243 12.08 25.83 -16.19
CA GLY A 243 11.45 24.53 -16.26
C GLY A 243 10.72 24.25 -17.56
N LYS A 244 10.28 25.30 -18.27
CA LYS A 244 9.64 25.10 -19.56
C LYS A 244 10.63 24.51 -20.57
N LEU A 245 11.89 24.92 -20.50
CA LEU A 245 12.92 24.40 -21.42
C LEU A 245 13.45 23.05 -20.95
N ILE A 246 13.52 22.83 -19.64
CA ILE A 246 13.88 21.50 -19.14
C ILE A 246 12.97 20.47 -19.77
N GLN A 247 11.66 20.68 -19.66
CA GLN A 247 10.72 19.77 -20.30
C GLN A 247 10.72 19.94 -21.82
N GLU A 248 11.25 21.03 -22.35
CA GLU A 248 11.38 21.15 -23.79
C GLU A 248 12.54 20.32 -24.33
N ALA A 249 13.73 20.46 -23.71
CA ALA A 249 14.89 19.68 -24.15
C ALA A 249 14.76 18.20 -23.82
N ALA A 250 13.94 17.85 -22.83
CA ALA A 250 13.72 16.43 -22.52
C ALA A 250 13.01 15.73 -23.67
N GLY A 251 12.01 16.38 -24.27
CA GLY A 251 11.27 15.74 -25.34
C GLY A 251 12.03 15.74 -26.67
N ARG A 252 12.81 16.79 -26.92
CA ARG A 252 13.58 16.86 -28.15
C ARG A 252 14.83 15.99 -28.14
N SER A 253 15.30 15.58 -26.96
CA SER A 253 16.51 14.76 -26.88
C SER A 253 16.18 13.27 -26.96
N ASN A 254 16.03 12.61 -25.80
CA ASN A 254 15.78 11.18 -25.75
C ASN A 254 14.57 10.84 -24.89
N LEU A 255 13.71 11.81 -24.62
CA LEU A 255 12.47 11.61 -23.88
C LEU A 255 12.77 11.10 -22.45
N LYS A 256 13.49 11.92 -21.70
CA LYS A 256 13.71 11.62 -20.31
C LYS A 256 12.42 11.77 -19.52
N ARG A 257 12.38 11.11 -18.37
CA ARG A 257 11.31 11.35 -17.40
C ARG A 257 11.68 12.57 -16.56
N VAL A 258 10.73 13.48 -16.39
CA VAL A 258 11.00 14.81 -15.84
C VAL A 258 10.27 14.97 -14.52
N THR A 259 10.97 15.52 -13.53
CA THR A 259 10.38 16.00 -12.28
C THR A 259 10.68 17.49 -12.18
N LEU A 260 9.69 18.28 -11.78
CA LEU A 260 9.84 19.72 -11.66
C LEU A 260 9.34 20.17 -10.30
N GLU A 261 10.05 21.11 -9.69
CA GLU A 261 9.67 21.73 -8.42
C GLU A 261 9.78 23.23 -8.62
N LEU A 262 8.77 23.81 -9.26
CA LEU A 262 8.86 25.18 -9.75
C LEU A 262 8.28 26.17 -8.73
N GLY A 263 8.17 27.43 -9.12
CA GLY A 263 7.84 28.49 -8.19
C GLY A 263 6.35 28.58 -7.88
N GLY A 264 6.00 29.61 -7.13
CA GLY A 264 4.61 29.80 -6.73
C GLY A 264 4.40 31.16 -6.12
N LYS A 265 3.14 31.58 -6.15
CA LYS A 265 2.67 32.78 -5.46
C LYS A 265 1.64 32.34 -4.42
N SER A 266 2.13 31.72 -3.35
CA SER A 266 1.25 30.96 -2.46
C SER A 266 0.39 31.89 -1.60
N PRO A 267 -0.90 31.64 -1.49
CA PRO A 267 -1.76 32.47 -0.65
C PRO A 267 -1.74 32.02 0.80
N ASN A 268 -2.20 32.93 1.67
CA ASN A 268 -2.23 32.66 3.11
C ASN A 268 -3.48 33.34 3.68
N ILE A 269 -4.53 32.56 3.92
CA ILE A 269 -5.80 33.08 4.38
C ILE A 269 -5.80 33.18 5.91
N ILE A 270 -6.19 34.34 6.43
CA ILE A 270 -6.30 34.58 7.86
C ILE A 270 -7.75 34.92 8.15
N PHE A 271 -8.53 33.94 8.63
CA PHE A 271 -9.89 34.21 9.08
C PHE A 271 -9.87 34.93 10.42
N ALA A 272 -10.92 35.70 10.68
CA ALA A 272 -10.97 36.56 11.85
C ALA A 272 -11.00 35.78 13.17
N ASP A 273 -11.38 34.50 13.14
CA ASP A 273 -11.49 33.69 14.35
C ASP A 273 -10.24 32.88 14.61
N ALA A 274 -9.07 33.40 14.25
CA ALA A 274 -7.81 32.70 14.45
C ALA A 274 -7.03 33.34 15.59
N ASP A 275 -6.08 32.58 16.14
CA ASP A 275 -5.16 33.11 17.14
C ASP A 275 -4.38 34.27 16.54
N LEU A 276 -4.75 35.50 16.89
CA LEU A 276 -4.24 36.68 16.19
C LEU A 276 -2.73 36.82 16.36
N ASP A 277 -2.26 36.83 17.61
CA ASP A 277 -0.81 36.91 17.87
C ASP A 277 -0.05 35.78 17.20
N TYR A 278 -0.67 34.61 17.08
CA TYR A 278 -0.05 33.46 16.41
C TYR A 278 -0.03 33.66 14.91
N ALA A 279 -1.11 34.17 14.33
CA ALA A 279 -1.20 34.31 12.88
C ALA A 279 -0.23 35.38 12.36
N VAL A 280 -0.12 36.51 13.07
CA VAL A 280 0.74 37.58 12.59
C VAL A 280 2.20 37.10 12.56
N GLU A 281 2.61 36.34 13.58
CA GLU A 281 3.97 35.82 13.61
C GLU A 281 4.16 34.72 12.58
N GLN A 282 3.16 33.87 12.38
CA GLN A 282 3.30 32.77 11.43
C GLN A 282 3.26 33.29 10.00
N ALA A 283 2.41 34.28 9.72
CA ALA A 283 2.38 34.87 8.39
C ALA A 283 3.63 35.70 8.12
N HIS A 284 4.23 36.29 9.16
CA HIS A 284 5.49 37.01 8.99
C HIS A 284 6.62 36.05 8.65
N GLN A 285 6.80 34.99 9.45
CA GLN A 285 7.81 34.00 9.13
C GLN A 285 7.51 33.27 7.84
N GLY A 286 6.25 33.23 7.40
CA GLY A 286 5.94 32.60 6.14
C GLY A 286 6.44 33.40 4.95
N VAL A 287 6.58 34.70 5.12
CA VAL A 287 7.05 35.59 4.05
C VAL A 287 8.55 35.84 4.15
N PHE A 288 9.05 36.08 5.36
CA PHE A 288 10.40 36.61 5.54
C PHE A 288 11.44 35.55 5.83
N PHE A 289 11.04 34.29 5.99
CA PHE A 289 12.02 33.24 6.28
C PHE A 289 12.94 33.03 5.08
N ASN A 290 14.23 32.86 5.36
CA ASN A 290 15.26 32.68 4.33
C ASN A 290 15.28 33.88 3.36
N GLN A 291 15.16 35.09 3.92
CA GLN A 291 15.19 36.32 3.14
C GLN A 291 14.13 36.33 2.05
N GLY A 292 12.99 35.69 2.31
CA GLY A 292 11.91 35.63 1.34
C GLY A 292 12.23 34.75 0.15
N GLN A 293 13.37 34.08 0.20
CA GLN A 293 13.86 33.30 -0.93
C GLN A 293 13.43 31.84 -0.80
N CYS A 294 12.11 31.65 -0.85
CA CYS A 294 11.50 30.33 -0.78
C CYS A 294 10.41 30.22 -1.83
N CYS A 295 10.28 29.04 -2.44
CA CYS A 295 9.17 28.79 -3.35
C CYS A 295 7.84 28.73 -2.61
N THR A 296 7.85 28.52 -1.30
CA THR A 296 6.64 28.33 -0.50
C THR A 296 6.07 29.63 0.06
N ALA A 297 6.67 30.78 -0.24
CA ALA A 297 6.01 32.05 0.05
C ALA A 297 4.75 32.15 -0.79
N GLY A 298 3.69 32.72 -0.22
CA GLY A 298 3.72 33.37 1.08
C GLY A 298 3.33 34.80 0.84
N SER A 299 3.49 35.23 -0.42
CA SER A 299 3.40 36.63 -0.77
C SER A 299 1.99 37.17 -0.54
N ARG A 300 0.98 36.44 -1.00
CA ARG A 300 -0.41 36.90 -0.94
C ARG A 300 -1.02 36.48 0.38
N ILE A 301 -1.29 37.45 1.25
CA ILE A 301 -1.91 37.20 2.55
C ILE A 301 -3.29 37.83 2.54
N PHE A 302 -4.33 37.00 2.49
CA PHE A 302 -5.70 37.47 2.57
C PHE A 302 -6.15 37.47 4.03
N VAL A 303 -6.62 38.62 4.49
CA VAL A 303 -7.06 38.79 5.88
C VAL A 303 -8.49 39.30 5.87
N GLU A 304 -9.35 38.71 6.72
CA GLU A 304 -10.73 39.14 6.78
C GLU A 304 -10.82 40.57 7.30
N GLU A 305 -11.77 41.32 6.75
CA GLU A 305 -11.80 42.78 6.94
C GLU A 305 -11.93 43.16 8.41
N SER A 306 -12.68 42.39 9.19
CA SER A 306 -12.91 42.76 10.59
C SER A 306 -11.60 42.85 11.37
N ILE A 307 -10.61 42.04 11.01
CA ILE A 307 -9.31 42.05 11.69
C ILE A 307 -8.21 42.57 10.78
N TYR A 308 -8.57 43.16 9.63
CA TYR A 308 -7.56 43.57 8.65
C TYR A 308 -6.68 44.69 9.20
N GLU A 309 -7.30 45.74 9.74
CA GLU A 309 -6.50 46.88 10.20
C GLU A 309 -5.66 46.52 11.43
N GLU A 310 -6.15 45.60 12.26
CA GLU A 310 -5.34 45.15 13.39
C GLU A 310 -4.22 44.23 12.93
N PHE A 311 -4.50 43.35 11.96
CA PHE A 311 -3.45 42.48 11.43
C PHE A 311 -2.34 43.28 10.77
N VAL A 312 -2.71 44.27 9.95
CA VAL A 312 -1.73 45.12 9.28
C VAL A 312 -0.88 45.84 10.31
N ARG A 313 -1.51 46.38 11.35
CA ARG A 313 -0.79 47.14 12.37
C ARG A 313 0.35 46.32 12.97
N ARG A 314 0.04 45.13 13.51
CA ARG A 314 1.07 44.34 14.18
C ARG A 314 2.05 43.71 13.21
N SER A 315 1.63 43.47 11.97
CA SER A 315 2.58 43.00 10.95
C SER A 315 3.62 44.08 10.66
N VAL A 316 3.21 45.34 10.68
CA VAL A 316 4.16 46.42 10.47
C VAL A 316 5.09 46.56 11.67
N GLU A 317 4.55 46.45 12.88
CA GLU A 317 5.39 46.46 14.07
C GLU A 317 6.39 45.32 14.04
N ARG A 318 5.94 44.12 13.65
CA ARG A 318 6.84 42.97 13.59
C ARG A 318 7.89 43.14 12.50
N ALA A 319 7.50 43.70 11.36
CA ALA A 319 8.46 43.92 10.28
C ALA A 319 9.52 44.95 10.65
N LYS A 320 9.14 45.99 11.40
CA LYS A 320 10.09 47.05 11.73
C LYS A 320 11.15 46.57 12.72
N ARG A 321 10.81 45.63 13.59
CA ARG A 321 11.75 45.13 14.59
C ARG A 321 12.57 43.94 14.08
N ARG A 322 12.28 43.44 12.88
CA ARG A 322 13.04 42.34 12.32
C ARG A 322 14.51 42.72 12.15
N VAL A 323 15.40 42.01 12.84
CA VAL A 323 16.82 42.34 12.87
C VAL A 323 17.48 41.84 11.59
N VAL A 324 17.97 42.77 10.78
CA VAL A 324 18.71 42.45 9.55
C VAL A 324 20.17 42.81 9.78
N GLY A 325 21.05 41.87 9.53
CA GLY A 325 22.46 42.07 9.81
C GLY A 325 23.31 40.95 9.29
N SER A 326 24.50 40.83 9.87
CA SER A 326 25.47 39.86 9.39
C SER A 326 25.00 38.43 9.67
N PRO A 327 25.18 37.51 8.73
CA PRO A 327 24.73 36.13 8.96
C PRO A 327 25.44 35.44 10.13
N PHE A 328 26.69 35.80 10.41
CA PHE A 328 27.43 35.15 11.49
C PHE A 328 27.05 35.69 12.86
N ASP A 329 26.05 36.56 12.95
CA ASP A 329 25.65 37.16 14.22
C ASP A 329 24.43 36.45 14.76
N PRO A 330 24.48 35.90 15.97
CA PRO A 330 23.34 35.11 16.47
C PRO A 330 22.07 35.91 16.70
N THR A 331 22.14 37.24 16.63
CA THR A 331 20.94 38.06 16.73
C THR A 331 20.29 38.32 15.38
N THR A 332 20.97 38.01 14.29
CA THR A 332 20.43 38.30 12.96
C THR A 332 19.32 37.31 12.61
N GLU A 333 18.20 37.84 12.13
CA GLU A 333 17.12 37.02 11.62
C GLU A 333 17.13 36.89 10.11
N GLN A 334 17.68 37.89 9.41
CA GLN A 334 17.57 37.97 7.97
C GLN A 334 18.91 38.36 7.39
N GLY A 335 19.42 37.54 6.48
CA GLY A 335 20.66 37.84 5.80
C GLY A 335 20.42 38.65 4.55
N PRO A 336 21.39 38.66 3.64
CA PRO A 336 21.23 39.38 2.39
C PRO A 336 20.53 38.52 1.34
N GLN A 337 20.21 39.16 0.22
CA GLN A 337 19.77 38.43 -0.95
C GLN A 337 20.97 37.79 -1.63
N ILE A 338 20.70 36.97 -2.64
CA ILE A 338 21.75 36.09 -3.16
C ILE A 338 22.73 36.86 -4.04
N ASP A 339 22.27 37.80 -4.85
CA ASP A 339 23.17 38.50 -5.76
C ASP A 339 22.53 39.81 -6.20
N LYS A 340 23.24 40.52 -7.09
CA LYS A 340 22.77 41.81 -7.57
C LYS A 340 21.53 41.67 -8.45
N LYS A 341 21.49 40.63 -9.29
CA LYS A 341 20.34 40.44 -10.17
C LYS A 341 19.06 40.21 -9.38
N GLN A 342 19.11 39.36 -8.34
CA GLN A 342 17.97 39.21 -7.46
C GLN A 342 17.67 40.51 -6.73
N TYR A 343 18.71 41.16 -6.21
CA TYR A 343 18.54 42.42 -5.49
C TYR A 343 17.85 43.46 -6.37
N ASN A 344 18.30 43.60 -7.63
CA ASN A 344 17.70 44.57 -8.53
C ASN A 344 16.24 44.25 -8.81
N LYS A 345 15.94 42.98 -9.10
CA LYS A 345 14.59 42.59 -9.47
C LYS A 345 13.60 42.84 -8.34
N ILE A 346 14.03 42.68 -7.08
CA ILE A 346 13.13 42.92 -5.96
C ILE A 346 12.80 44.41 -5.85
N LEU A 347 13.83 45.26 -5.84
CA LEU A 347 13.59 46.69 -5.74
C LEU A 347 12.74 47.20 -6.88
N GLU A 348 12.93 46.66 -8.08
CA GLU A 348 12.02 46.96 -9.19
C GLU A 348 10.58 46.60 -8.81
N LEU A 349 10.37 45.37 -8.33
CA LEU A 349 9.01 44.95 -7.99
C LEU A 349 8.45 45.76 -6.82
N ILE A 350 9.31 46.19 -5.89
CA ILE A 350 8.87 47.09 -4.83
C ILE A 350 8.38 48.40 -5.41
N GLN A 351 9.10 48.94 -6.41
CA GLN A 351 8.73 50.23 -6.98
C GLN A 351 7.46 50.13 -7.82
N SER A 352 7.17 48.94 -8.37
CA SER A 352 5.95 48.74 -9.12
C SER A 352 4.72 48.81 -8.22
N GLY A 353 4.83 48.31 -6.99
CA GLY A 353 3.72 48.40 -6.06
C GLY A 353 3.43 49.83 -5.64
N VAL A 354 4.48 50.62 -5.44
CA VAL A 354 4.29 52.03 -5.07
C VAL A 354 3.64 52.79 -6.21
N ALA A 355 4.07 52.52 -7.46
CA ALA A 355 3.52 53.15 -8.64
C ALA A 355 2.22 52.49 -9.10
N GLU A 356 1.45 51.88 -8.17
CA GLU A 356 0.19 51.26 -8.59
C GLU A 356 -0.91 51.33 -7.53
N GLY A 357 -0.68 52.01 -6.41
CA GLY A 357 -1.71 52.25 -5.42
C GLY A 357 -1.57 51.45 -4.15
N ALA A 358 -0.49 50.71 -3.98
CA ALA A 358 -0.27 49.95 -2.76
C ALA A 358 0.34 50.84 -1.69
N LYS A 359 -0.06 50.62 -0.44
CA LYS A 359 0.38 51.43 0.68
C LYS A 359 1.67 50.84 1.25
N LEU A 360 2.78 51.53 1.04
CA LEU A 360 4.07 51.10 1.58
C LEU A 360 4.14 51.46 3.05
N GLU A 361 3.90 50.48 3.93
CA GLU A 361 3.81 50.74 5.36
C GLU A 361 5.19 50.87 6.01
N CYS A 362 6.19 50.15 5.50
CA CYS A 362 7.52 50.20 6.08
C CYS A 362 8.52 49.75 5.03
N GLY A 363 9.79 50.09 5.26
CA GLY A 363 10.84 49.74 4.34
C GLY A 363 10.60 50.33 2.96
N GLY A 364 11.23 49.72 1.96
CA GLY A 364 11.01 50.10 0.58
C GLY A 364 12.26 50.12 -0.27
N LYS A 365 13.43 50.08 0.35
CA LYS A 365 14.69 50.20 -0.38
C LYS A 365 15.75 49.31 0.26
N GLY A 366 16.94 49.35 -0.31
CA GLY A 366 18.04 48.54 0.19
C GLY A 366 18.58 49.04 1.51
N LEU A 367 19.49 48.24 2.07
CA LEU A 367 20.11 48.52 3.37
C LEU A 367 21.62 48.45 3.23
N GLY A 368 22.29 49.48 3.71
CA GLY A 368 23.74 49.48 3.67
C GLY A 368 24.25 49.74 2.25
N ARG A 369 25.55 49.52 2.10
CA ARG A 369 26.22 49.77 0.84
C ARG A 369 26.94 48.55 0.29
N LYS A 370 27.36 47.63 1.15
CA LYS A 370 27.96 46.38 0.72
C LYS A 370 26.96 45.24 0.87
N GLY A 371 27.10 44.25 0.01
CA GLY A 371 26.20 43.12 0.03
C GLY A 371 24.87 43.44 -0.63
N PHE A 372 23.88 42.57 -0.35
CA PHE A 372 22.57 42.67 -0.97
C PHE A 372 21.47 42.61 0.09
N PHE A 373 21.56 43.53 1.04
CA PHE A 373 20.58 43.61 2.12
C PHE A 373 19.43 44.52 1.70
N ILE A 374 18.20 44.07 1.98
CA ILE A 374 16.99 44.83 1.68
C ILE A 374 16.19 44.97 2.97
N GLU A 375 15.56 46.14 3.15
CA GLU A 375 14.72 46.36 4.32
C GLU A 375 13.52 45.40 4.30
N PRO A 376 13.07 44.94 5.47
CA PRO A 376 11.78 44.24 5.53
C PRO A 376 10.63 45.20 5.28
N THR A 377 9.92 45.04 4.16
CA THR A 377 8.90 45.98 3.73
C THR A 377 7.53 45.31 3.69
N VAL A 378 6.49 46.11 3.91
CA VAL A 378 5.12 45.63 3.94
C VAL A 378 4.26 46.54 3.07
N PHE A 379 3.56 45.95 2.11
CA PHE A 379 2.64 46.67 1.24
C PHE A 379 1.22 46.38 1.69
N SER A 380 0.45 47.44 1.94
CA SER A 380 -0.94 47.34 2.36
C SER A 380 -1.88 47.65 1.21
N ASN A 381 -3.15 47.29 1.40
CA ASN A 381 -4.20 47.55 0.43
C ASN A 381 -3.84 47.01 -0.95
N VAL A 382 -3.27 45.81 -0.97
CA VAL A 382 -2.92 45.13 -2.22
C VAL A 382 -4.18 44.52 -2.82
N THR A 383 -4.35 44.69 -4.13
CA THR A 383 -5.47 44.11 -4.87
C THR A 383 -4.96 43.06 -5.83
N ASP A 384 -5.90 42.26 -6.36
CA ASP A 384 -5.53 41.08 -7.15
C ASP A 384 -4.91 41.45 -8.48
N ASP A 385 -5.26 42.60 -9.03
CA ASP A 385 -4.79 42.99 -10.36
C ASP A 385 -3.39 43.61 -10.34
N MET A 386 -2.89 43.99 -9.18
CA MET A 386 -1.63 44.73 -9.09
C MET A 386 -0.46 43.86 -9.52
N ARG A 387 0.62 44.53 -9.92
CA ARG A 387 1.79 43.84 -10.44
C ARG A 387 2.41 42.92 -9.38
N ILE A 388 2.46 43.38 -8.13
CA ILE A 388 3.02 42.56 -7.06
C ILE A 388 2.09 41.44 -6.63
N ALA A 389 0.82 41.48 -7.06
CA ALA A 389 -0.12 40.40 -6.73
C ALA A 389 0.23 39.12 -7.48
N LYS A 390 0.41 39.22 -8.80
CA LYS A 390 1.09 38.17 -9.55
C LYS A 390 2.59 38.39 -9.38
N GLU A 391 3.41 37.67 -10.15
CA GLU A 391 4.87 37.83 -10.13
C GLU A 391 5.46 37.52 -8.76
N GLU A 392 6.08 36.35 -8.62
CA GLU A 392 6.67 36.00 -7.33
C GLU A 392 7.88 36.88 -7.05
N ILE A 393 7.99 37.29 -5.79
CA ILE A 393 9.05 38.21 -5.36
C ILE A 393 9.91 37.44 -4.36
N PHE A 394 11.09 37.02 -4.79
CA PHE A 394 11.98 36.24 -3.94
C PHE A 394 12.69 37.13 -2.92
N GLY A 395 11.93 37.94 -2.19
CA GLY A 395 12.51 38.91 -1.29
C GLY A 395 11.62 39.22 -0.11
N PRO A 396 12.16 39.99 0.85
CA PRO A 396 11.42 40.30 2.09
C PRO A 396 10.36 41.37 1.90
N VAL A 397 9.34 41.05 1.11
CA VAL A 397 8.22 41.95 0.84
C VAL A 397 6.93 41.20 1.16
N GLN A 398 6.23 41.64 2.20
CA GLN A 398 4.96 41.03 2.61
C GLN A 398 3.80 41.87 2.11
N GLU A 399 2.81 41.23 1.51
CA GLU A 399 1.69 41.92 0.87
C GLU A 399 0.39 41.42 1.47
N ILE A 400 -0.35 42.33 2.11
CA ILE A 400 -1.54 41.98 2.86
C ILE A 400 -2.77 42.48 2.11
N LEU A 401 -3.63 41.55 1.72
CA LEU A 401 -4.90 41.83 1.06
C LEU A 401 -6.03 41.72 2.07
N ARG A 402 -7.24 42.06 1.62
CA ARG A 402 -8.43 41.97 2.46
C ARG A 402 -9.53 41.27 1.67
N PHE A 403 -10.49 40.69 2.40
CA PHE A 403 -11.54 39.92 1.75
C PHE A 403 -12.76 39.84 2.66
N LYS A 404 -13.92 39.64 2.02
CA LYS A 404 -15.13 39.22 2.70
C LYS A 404 -15.56 37.88 2.11
N THR A 405 -16.26 37.09 2.92
CA THR A 405 -16.83 35.80 2.51
C THR A 405 -15.77 34.75 2.24
N MET A 406 -15.96 33.55 2.81
CA MET A 406 -15.02 32.46 2.56
C MET A 406 -15.05 32.02 1.10
N ASP A 407 -16.22 32.11 0.46
CA ASP A 407 -16.32 31.70 -0.95
C ASP A 407 -15.52 32.64 -1.85
N GLU A 408 -15.35 33.89 -1.45
CA GLU A 408 -14.60 34.83 -2.29
C GLU A 408 -13.10 34.61 -2.15
N VAL A 409 -12.61 34.42 -0.92
CA VAL A 409 -11.18 34.21 -0.71
C VAL A 409 -10.71 32.91 -1.38
N ILE A 410 -11.59 31.91 -1.49
CA ILE A 410 -11.19 30.65 -2.12
C ILE A 410 -11.03 30.84 -3.62
N GLU A 411 -11.99 31.53 -4.25
CA GLU A 411 -11.91 31.76 -5.68
C GLU A 411 -10.67 32.58 -6.04
N ARG A 412 -10.34 33.58 -5.22
CA ARG A 412 -9.19 34.43 -5.52
C ARG A 412 -7.87 33.71 -5.25
N ALA A 413 -7.79 32.97 -4.14
CA ALA A 413 -6.56 32.25 -3.83
C ALA A 413 -6.25 31.16 -4.85
N ASN A 414 -7.28 30.62 -5.51
CA ASN A 414 -7.09 29.66 -6.59
C ASN A 414 -6.88 30.33 -7.93
N ASN A 415 -7.33 31.58 -8.09
CA ASN A 415 -7.16 32.33 -9.34
C ASN A 415 -5.68 32.66 -9.51
N SER A 416 -4.93 31.69 -9.99
CA SER A 416 -3.49 31.81 -10.18
C SER A 416 -3.01 30.59 -10.95
N ASP A 417 -1.98 30.79 -11.76
CA ASP A 417 -1.35 29.67 -12.46
C ASP A 417 -0.39 28.90 -11.57
N PHE A 418 -0.11 29.39 -10.37
CA PHE A 418 0.73 28.70 -9.40
C PHE A 418 -0.14 27.96 -8.40
N GLY A 419 0.29 26.75 -8.02
CA GLY A 419 -0.45 25.96 -7.06
C GLY A 419 0.46 25.10 -6.22
N LEU A 420 1.53 25.71 -5.68
CA LEU A 420 2.47 24.94 -4.89
C LEU A 420 1.98 24.76 -3.46
N VAL A 421 1.62 25.85 -2.80
CA VAL A 421 1.40 25.84 -1.37
C VAL A 421 0.27 26.80 -1.01
N ALA A 422 -0.47 26.47 0.04
CA ALA A 422 -1.46 27.36 0.62
C ALA A 422 -1.49 27.15 2.13
N ALA A 423 -2.04 28.14 2.83
CA ALA A 423 -2.14 28.07 4.28
C ALA A 423 -3.38 28.84 4.72
N VAL A 424 -4.15 28.24 5.63
CA VAL A 424 -5.35 28.86 6.15
C VAL A 424 -5.25 28.87 7.66
N PHE A 425 -5.73 29.94 8.29
CA PHE A 425 -5.66 30.11 9.74
C PHE A 425 -7.06 30.37 10.25
N THR A 426 -7.62 29.39 10.96
CA THR A 426 -8.96 29.51 11.54
C THR A 426 -9.08 28.46 12.62
N ASN A 427 -10.05 28.67 13.51
CA ASN A 427 -10.34 27.71 14.57
C ASN A 427 -11.62 26.93 14.33
N ASP A 428 -12.32 27.20 13.23
CA ASP A 428 -13.53 26.44 12.89
C ASP A 428 -13.15 25.26 12.00
N ILE A 429 -13.42 24.05 12.48
CA ILE A 429 -13.02 22.86 11.74
C ILE A 429 -13.73 22.79 10.39
N ASN A 430 -14.96 23.31 10.30
CA ASN A 430 -15.66 23.30 9.02
C ASN A 430 -14.97 24.21 8.02
N LYS A 431 -14.63 25.43 8.45
CA LYS A 431 -13.94 26.36 7.57
C LYS A 431 -12.57 25.83 7.14
N ALA A 432 -11.85 25.20 8.07
CA ALA A 432 -10.50 24.73 7.74
C ALA A 432 -10.53 23.61 6.72
N LEU A 433 -11.43 22.64 6.89
CA LEU A 433 -11.49 21.54 5.94
C LEU A 433 -12.20 21.90 4.65
N THR A 434 -13.08 22.90 4.67
CA THR A 434 -13.68 23.38 3.43
C THR A 434 -12.64 24.03 2.53
N VAL A 435 -11.84 24.94 3.08
CA VAL A 435 -10.82 25.64 2.29
C VAL A 435 -9.76 24.66 1.82
N SER A 436 -9.19 23.88 2.74
CA SER A 436 -8.06 23.01 2.43
C SER A 436 -8.39 22.01 1.34
N SER A 437 -9.64 21.55 1.28
CA SER A 437 -10.04 20.63 0.23
C SER A 437 -10.32 21.35 -1.09
N ALA A 438 -10.62 22.64 -1.05
CA ALA A 438 -10.90 23.41 -2.25
C ALA A 438 -9.67 24.09 -2.83
N MET A 439 -8.55 24.11 -2.10
CA MET A 439 -7.35 24.77 -2.58
C MET A 439 -6.70 23.94 -3.68
N GLN A 440 -6.32 24.60 -4.77
CA GLN A 440 -5.53 23.95 -5.81
C GLN A 440 -4.05 24.15 -5.51
N ALA A 441 -3.58 23.39 -4.51
CA ALA A 441 -2.21 23.48 -4.06
C ALA A 441 -1.76 22.11 -3.59
N GLY A 442 -0.46 21.82 -3.79
CA GLY A 442 0.07 20.52 -3.42
C GLY A 442 0.25 20.34 -1.93
N THR A 443 0.51 21.42 -1.21
CA THR A 443 0.66 21.37 0.24
C THR A 443 -0.21 22.47 0.84
N VAL A 444 -1.05 22.10 1.80
CA VAL A 444 -1.92 23.04 2.50
C VAL A 444 -1.71 22.88 3.99
N TRP A 445 -1.25 23.93 4.65
CA TRP A 445 -1.04 23.92 6.09
C TRP A 445 -2.20 24.59 6.80
N ILE A 446 -2.66 23.98 7.89
CA ILE A 446 -3.73 24.52 8.71
C ILE A 446 -3.12 24.98 10.02
N ASN A 447 -3.17 26.30 10.24
CA ASN A 447 -2.67 26.93 11.47
C ASN A 447 -1.16 26.71 11.63
N CYS A 448 -0.44 26.67 10.51
CA CYS A 448 1.02 26.67 10.53
C CYS A 448 1.52 27.09 9.15
N TYR A 449 2.84 27.25 9.04
CA TYR A 449 3.45 27.58 7.77
C TYR A 449 4.85 26.97 7.73
N ASN A 450 5.24 26.53 6.54
CA ASN A 450 6.54 25.89 6.28
C ASN A 450 6.77 24.66 7.17
N ALA A 451 5.69 24.06 7.67
CA ALA A 451 5.78 22.84 8.44
C ALA A 451 6.20 21.68 7.54
N LEU A 452 7.45 21.69 7.11
CA LEU A 452 7.99 20.66 6.23
C LEU A 452 8.66 19.56 7.04
N ASN A 453 8.75 18.38 6.45
CA ASN A 453 9.33 17.21 7.11
C ASN A 453 9.78 16.22 6.05
N ALA A 454 10.67 15.32 6.47
CA ALA A 454 11.13 14.25 5.59
C ALA A 454 10.05 13.22 5.31
N GLN A 455 8.97 13.18 6.09
CA GLN A 455 7.94 12.16 5.92
C GLN A 455 6.81 12.59 4.99
N SER A 456 6.57 13.91 4.81
CA SER A 456 5.43 14.40 4.06
C SER A 456 5.85 14.79 2.64
N PRO A 457 5.16 14.30 1.61
CA PRO A 457 5.52 14.67 0.23
C PRO A 457 5.26 16.14 -0.06
N PHE A 458 5.98 16.65 -1.05
CA PHE A 458 5.99 18.07 -1.36
C PHE A 458 6.07 18.27 -2.87
N GLY A 459 5.35 19.25 -3.36
CA GLY A 459 5.21 19.50 -4.78
C GLY A 459 3.90 20.21 -5.07
N GLY A 460 3.84 20.87 -6.24
CA GLY A 460 2.78 21.80 -6.53
C GLY A 460 1.80 21.32 -7.58
N PHE A 461 0.64 21.99 -7.60
CA PHE A 461 -0.38 21.86 -8.63
C PHE A 461 -0.03 22.75 -9.82
N LYS A 462 -0.72 22.51 -10.94
CA LYS A 462 -0.74 23.41 -12.11
C LYS A 462 0.70 23.70 -12.53
N MET A 463 1.11 24.96 -12.69
CA MET A 463 2.45 25.31 -13.16
C MET A 463 3.44 25.52 -12.03
N SER A 464 3.29 24.80 -10.92
CA SER A 464 4.26 24.86 -9.83
C SER A 464 5.17 23.63 -9.78
N GLY A 465 5.04 22.71 -10.74
CA GLY A 465 5.89 21.54 -10.79
C GLY A 465 5.18 20.27 -11.22
N ASN A 466 5.95 19.24 -11.58
CA ASN A 466 5.41 17.93 -11.96
C ASN A 466 6.06 16.88 -11.07
N GLY A 467 5.24 16.09 -10.38
CA GLY A 467 5.73 15.10 -9.44
C GLY A 467 5.95 15.68 -8.05
N ARG A 468 6.11 14.76 -7.10
CA ARG A 468 6.26 15.12 -5.69
C ARG A 468 7.59 14.61 -5.14
N GLU A 469 8.26 15.45 -4.35
CA GLU A 469 9.43 15.07 -3.58
C GLU A 469 9.03 14.81 -2.13
N MET A 470 9.97 14.22 -1.38
CA MET A 470 9.77 13.86 0.03
C MET A 470 8.75 12.75 0.20
N GLY A 471 8.72 12.14 1.37
CA GLY A 471 7.78 11.06 1.62
C GLY A 471 8.00 9.84 0.71
N GLU A 472 7.09 8.87 0.87
CA GLU A 472 7.11 7.70 0.00
C GLU A 472 6.87 8.09 -1.46
N PHE A 473 6.01 9.09 -1.70
CA PHE A 473 5.67 9.44 -3.07
C PHE A 473 6.86 10.07 -3.81
N GLY A 474 7.89 10.51 -3.09
CA GLY A 474 9.12 10.93 -3.75
C GLY A 474 9.89 9.75 -4.34
N LEU A 475 9.69 8.56 -3.79
CA LEU A 475 10.35 7.38 -4.35
C LEU A 475 9.78 6.99 -5.69
N ARG A 476 8.53 7.34 -5.97
CA ARG A 476 7.91 6.94 -7.23
C ARG A 476 8.52 7.67 -8.41
N GLU A 477 9.24 8.78 -8.18
CA GLU A 477 9.90 9.49 -9.27
C GLU A 477 11.12 8.75 -9.78
N TYR A 478 11.80 7.97 -8.94
CA TYR A 478 13.10 7.39 -9.29
C TYR A 478 13.06 5.89 -9.48
N SER A 479 11.88 5.32 -9.71
CA SER A 479 11.73 3.90 -9.96
C SER A 479 11.05 3.68 -11.31
N GLU A 480 11.17 2.46 -11.81
CA GLU A 480 10.57 2.04 -13.07
C GLU A 480 9.90 0.69 -12.87
N VAL A 481 8.60 0.64 -13.11
CA VAL A 481 7.84 -0.59 -12.86
C VAL A 481 8.04 -1.56 -14.01
N LYS A 482 8.50 -2.76 -13.69
CA LYS A 482 8.57 -3.85 -14.66
C LYS A 482 7.59 -4.93 -14.26
N THR A 483 6.64 -5.23 -15.14
CA THR A 483 5.68 -6.29 -14.92
C THR A 483 6.19 -7.58 -15.55
N VAL A 484 6.03 -8.69 -14.83
CA VAL A 484 6.44 -10.01 -15.31
C VAL A 484 5.26 -10.95 -15.18
N THR A 485 4.87 -11.58 -16.29
CA THR A 485 3.74 -12.48 -16.35
C THR A 485 4.20 -13.87 -16.75
N VAL A 486 3.87 -14.86 -15.92
CA VAL A 486 4.29 -16.24 -16.11
C VAL A 486 3.05 -17.08 -16.41
N LYS A 487 3.17 -17.95 -17.41
CA LYS A 487 2.09 -18.88 -17.71
C LYS A 487 2.06 -19.99 -16.66
N ILE A 488 0.91 -20.16 -16.02
CA ILE A 488 0.76 -21.10 -14.92
C ILE A 488 0.01 -22.33 -15.42
N PRO A 489 0.45 -23.54 -15.05
CA PRO A 489 -0.39 -24.73 -15.34
C PRO A 489 -1.64 -24.81 -14.48
N GLN A 490 -1.56 -24.50 -13.19
CA GLN A 490 -2.67 -24.69 -12.27
C GLN A 490 -3.60 -23.49 -12.23
N LYS A 491 -3.17 -22.43 -11.55
CA LYS A 491 -3.96 -21.27 -11.18
C LYS A 491 -5.00 -21.62 -10.11
N ASN A 492 -4.63 -21.46 -8.85
CA ASN A 492 -5.52 -21.60 -7.71
C ASN A 492 -5.41 -20.35 -6.85
N SER A 493 -6.40 -20.16 -5.97
CA SER A 493 -6.43 -18.99 -5.11
C SER A 493 -5.26 -18.95 -4.11
N PRO B 2 -42.11 3.21 -0.97
CA PRO B 2 -42.27 1.76 -1.00
C PRO B 2 -43.12 1.25 0.14
N SER B 3 -44.04 0.36 -0.19
CA SER B 3 -44.92 -0.26 0.78
C SER B 3 -44.44 -1.67 1.11
N PRO B 4 -44.68 -2.14 2.33
CA PRO B 4 -44.32 -3.53 2.66
C PRO B 4 -45.14 -4.52 1.84
N THR B 5 -44.48 -5.62 1.46
CA THR B 5 -45.13 -6.69 0.72
C THR B 5 -46.37 -7.16 1.50
N PRO B 6 -47.55 -7.24 0.84
CA PRO B 6 -48.80 -7.46 1.58
C PRO B 6 -48.81 -8.72 2.41
N ASN B 7 -49.04 -9.85 1.78
CA ASN B 7 -49.13 -11.14 2.47
C ASN B 7 -47.94 -11.98 2.04
N LEU B 8 -46.80 -11.73 2.68
CA LEU B 8 -45.57 -12.45 2.36
C LEU B 8 -45.53 -13.78 3.09
N GLU B 9 -45.15 -14.84 2.37
CA GLU B 9 -45.03 -16.17 2.93
C GLU B 9 -43.57 -16.56 3.06
N ILE B 10 -43.20 -17.08 4.24
CA ILE B 10 -41.86 -17.55 4.50
C ILE B 10 -41.61 -18.83 3.71
N LYS B 11 -41.20 -18.69 2.44
CA LYS B 11 -40.99 -19.86 1.59
C LYS B 11 -39.80 -20.70 2.05
N TYR B 12 -38.78 -20.07 2.64
CA TYR B 12 -37.52 -20.74 2.94
C TYR B 12 -37.39 -20.94 4.44
N THR B 13 -37.37 -22.20 4.86
CA THR B 13 -37.38 -22.54 6.28
C THR B 13 -36.41 -23.65 6.64
N LYS B 14 -35.73 -24.24 5.66
CA LYS B 14 -34.82 -25.35 5.89
C LYS B 14 -33.38 -24.89 5.93
N ILE B 15 -32.51 -25.79 6.38
CA ILE B 15 -31.09 -25.53 6.47
C ILE B 15 -30.48 -25.56 5.07
N PHE B 16 -29.53 -24.68 4.82
CA PHE B 16 -28.93 -24.47 3.49
C PHE B 16 -27.53 -25.07 3.48
N ILE B 17 -27.36 -26.20 2.80
CA ILE B 17 -26.06 -26.86 2.68
C ILE B 17 -25.86 -27.30 1.23
N ASN B 18 -24.71 -26.95 0.65
CA ASN B 18 -24.35 -27.36 -0.71
C ASN B 18 -25.34 -26.83 -1.74
N ASN B 19 -25.89 -25.64 -1.49
CA ASN B 19 -26.96 -25.07 -2.30
C ASN B 19 -28.11 -26.06 -2.46
N GLU B 20 -28.60 -26.51 -1.31
CA GLU B 20 -29.72 -27.43 -1.21
C GLU B 20 -30.36 -27.22 0.16
N TRP B 21 -31.65 -27.46 0.23
CA TRP B 21 -32.39 -27.35 1.48
C TRP B 21 -32.50 -28.73 2.10
N GLN B 22 -32.06 -28.85 3.36
CA GLN B 22 -32.13 -30.08 4.10
C GLN B 22 -32.88 -29.86 5.40
N ASN B 23 -33.41 -30.94 5.95
CA ASN B 23 -33.97 -30.92 7.29
C ASN B 23 -32.87 -31.23 8.31
N SER B 24 -33.15 -30.90 9.56
CA SER B 24 -32.21 -31.23 10.64
C SER B 24 -32.09 -32.74 10.78
N GLU B 25 -30.87 -33.20 11.07
CA GLU B 25 -30.64 -34.63 11.24
C GLU B 25 -31.46 -35.21 12.38
N SER B 26 -31.95 -34.36 13.28
CA SER B 26 -32.82 -34.80 14.37
C SER B 26 -34.30 -34.69 14.02
N GLY B 27 -34.66 -33.79 13.11
CA GLY B 27 -36.05 -33.47 12.87
C GLY B 27 -36.59 -32.37 13.75
N ARG B 28 -35.85 -31.96 14.78
CA ARG B 28 -36.29 -30.88 15.64
C ARG B 28 -36.34 -29.56 14.87
N VAL B 29 -37.30 -28.73 15.23
CA VAL B 29 -37.47 -27.40 14.65
C VAL B 29 -37.64 -26.41 15.79
N PHE B 30 -37.37 -25.14 15.49
CA PHE B 30 -37.52 -24.09 16.48
C PHE B 30 -38.37 -22.96 15.92
N PRO B 31 -39.25 -22.39 16.73
CA PRO B 31 -40.16 -21.35 16.24
C PRO B 31 -39.54 -19.96 16.30
N VAL B 32 -39.93 -19.14 15.31
CA VAL B 32 -39.51 -17.76 15.21
C VAL B 32 -40.72 -16.87 15.40
N TYR B 33 -40.53 -15.78 16.15
CA TYR B 33 -41.62 -14.90 16.54
C TYR B 33 -41.38 -13.49 16.03
N ASN B 34 -42.49 -12.77 15.84
CA ASN B 34 -42.45 -11.33 15.60
C ASN B 34 -42.58 -10.64 16.94
N PRO B 35 -41.56 -9.93 17.43
CA PRO B 35 -41.66 -9.27 18.75
C PRO B 35 -42.61 -8.08 18.79
N ALA B 36 -43.23 -7.71 17.66
CA ALA B 36 -44.25 -6.67 17.63
C ALA B 36 -45.66 -7.25 17.70
N THR B 37 -45.79 -8.54 17.97
CA THR B 37 -47.08 -9.18 18.04
C THR B 37 -47.02 -10.43 18.92
N GLY B 38 -45.82 -10.89 19.22
CA GLY B 38 -45.62 -12.04 20.09
C GLY B 38 -46.10 -13.33 19.48
N GLU B 39 -46.67 -13.27 18.28
CA GLU B 39 -47.24 -14.46 17.65
C GLU B 39 -46.16 -15.19 16.86
N GLN B 40 -46.20 -16.51 16.94
CA GLN B 40 -45.26 -17.35 16.22
C GLN B 40 -45.48 -17.22 14.72
N VAL B 41 -44.39 -16.96 13.99
CA VAL B 41 -44.48 -16.64 12.58
C VAL B 41 -44.31 -17.89 11.72
N CYS B 42 -43.29 -18.69 12.01
CA CYS B 42 -43.04 -19.90 11.24
C CYS B 42 -42.15 -20.82 12.07
N GLU B 43 -41.67 -21.90 11.45
CA GLU B 43 -40.78 -22.87 12.08
C GLU B 43 -39.60 -23.14 11.16
N VAL B 44 -38.41 -23.25 11.77
CA VAL B 44 -37.17 -23.40 11.02
C VAL B 44 -36.45 -24.66 11.51
N GLN B 45 -35.86 -25.40 10.58
CA GLN B 45 -35.05 -26.56 10.95
C GLN B 45 -33.91 -26.14 11.87
N GLU B 46 -33.72 -26.93 12.94
CA GLU B 46 -32.79 -26.60 14.01
C GLU B 46 -31.49 -27.36 13.81
N ALA B 47 -30.43 -26.63 13.44
CA ALA B 47 -29.15 -27.26 13.15
C ALA B 47 -28.37 -27.56 14.42
N ASP B 48 -27.55 -28.61 14.35
CA ASP B 48 -26.65 -28.97 15.44
C ASP B 48 -25.50 -29.77 14.85
N LYS B 49 -24.53 -30.10 15.72
CA LYS B 49 -23.25 -30.75 15.39
C LYS B 49 -23.29 -31.63 14.15
N ALA B 50 -24.31 -32.49 14.03
CA ALA B 50 -24.43 -33.33 12.85
C ALA B 50 -24.60 -32.50 11.59
N ASP B 51 -25.40 -31.43 11.67
CA ASP B 51 -25.56 -30.54 10.52
C ASP B 51 -24.34 -29.66 10.32
N ILE B 52 -23.68 -29.26 11.42
CA ILE B 52 -22.46 -28.47 11.31
C ILE B 52 -21.34 -29.29 10.66
N ASP B 53 -21.21 -30.55 11.06
CA ASP B 53 -20.21 -31.42 10.44
C ASP B 53 -20.50 -31.62 8.96
N LYS B 54 -21.78 -31.71 8.59
CA LYS B 54 -22.16 -31.89 7.19
C LYS B 54 -21.85 -30.64 6.37
N ALA B 55 -22.05 -29.46 6.97
CA ALA B 55 -21.76 -28.22 6.26
C ALA B 55 -20.26 -28.00 6.09
N VAL B 56 -19.48 -28.35 7.11
CA VAL B 56 -18.02 -28.21 7.01
C VAL B 56 -17.48 -29.08 5.90
N GLN B 57 -17.96 -30.33 5.80
CA GLN B 57 -17.50 -31.22 4.73
C GLN B 57 -17.87 -30.67 3.37
N ALA B 58 -19.03 -30.02 3.28
CA ALA B 58 -19.40 -29.35 2.04
C ALA B 58 -18.52 -28.12 1.80
N ALA B 59 -18.29 -27.32 2.85
CA ALA B 59 -17.43 -26.16 2.72
C ALA B 59 -16.00 -26.54 2.40
N ARG B 60 -15.54 -27.68 2.92
CA ARG B 60 -14.15 -28.09 2.67
C ARG B 60 -13.97 -28.62 1.25
N LEU B 61 -14.99 -29.27 0.70
CA LEU B 61 -14.87 -29.78 -0.66
C LEU B 61 -14.90 -28.64 -1.68
N ALA B 62 -15.76 -27.65 -1.47
CA ALA B 62 -15.81 -26.52 -2.38
C ALA B 62 -14.56 -25.65 -2.32
N PHE B 63 -13.72 -25.86 -1.31
CA PHE B 63 -12.46 -25.16 -1.16
C PHE B 63 -11.27 -26.01 -1.58
N SER B 64 -11.46 -27.32 -1.77
CA SER B 64 -10.34 -28.19 -2.12
C SER B 64 -9.67 -27.74 -3.40
N LEU B 65 -8.37 -28.00 -3.50
CA LEU B 65 -7.58 -27.53 -4.62
C LEU B 65 -8.15 -28.04 -5.94
N GLY B 66 -8.10 -27.19 -6.96
CA GLY B 66 -8.65 -27.53 -8.26
C GLY B 66 -10.16 -27.47 -8.36
N SER B 67 -10.85 -27.08 -7.30
CA SER B 67 -12.31 -26.97 -7.35
C SER B 67 -12.73 -25.83 -8.26
N VAL B 68 -14.04 -25.69 -8.45
CA VAL B 68 -14.55 -24.59 -9.25
C VAL B 68 -14.28 -23.26 -8.55
N TRP B 69 -14.54 -23.20 -7.24
CA TRP B 69 -14.34 -21.96 -6.50
C TRP B 69 -12.88 -21.55 -6.44
N ARG B 70 -11.96 -22.51 -6.41
CA ARG B 70 -10.54 -22.17 -6.35
C ARG B 70 -10.04 -21.67 -7.70
N ARG B 71 -10.26 -22.44 -8.76
CA ARG B 71 -9.75 -22.08 -10.08
C ARG B 71 -10.42 -20.85 -10.66
N MET B 72 -11.60 -20.48 -10.16
CA MET B 72 -12.34 -19.37 -10.73
C MET B 72 -11.54 -18.08 -10.62
N ASP B 73 -11.57 -17.28 -11.68
CA ASP B 73 -10.87 -16.00 -11.68
C ASP B 73 -11.38 -15.13 -10.55
N ALA B 74 -10.47 -14.36 -9.95
CA ALA B 74 -10.88 -13.49 -8.85
C ALA B 74 -11.88 -12.44 -9.32
N SER B 75 -11.75 -11.95 -10.56
CA SER B 75 -12.68 -10.95 -11.06
C SER B 75 -14.09 -11.52 -11.18
N GLU B 76 -14.22 -12.80 -11.54
CA GLU B 76 -15.53 -13.42 -11.57
C GLU B 76 -16.08 -13.70 -10.17
N ARG B 77 -15.20 -13.84 -9.17
CA ARG B 77 -15.67 -13.79 -7.79
C ARG B 77 -16.33 -12.45 -7.49
N GLY B 78 -15.77 -11.37 -8.04
CA GLY B 78 -16.41 -10.07 -7.89
C GLY B 78 -17.72 -9.97 -8.64
N ARG B 79 -17.78 -10.54 -9.85
CA ARG B 79 -19.03 -10.52 -10.61
C ARG B 79 -20.12 -11.31 -9.90
N LEU B 80 -19.76 -12.39 -9.21
CA LEU B 80 -20.73 -13.14 -8.43
C LEU B 80 -21.26 -12.31 -7.26
N LEU B 81 -20.39 -11.52 -6.64
CA LEU B 81 -20.86 -10.64 -5.57
C LEU B 81 -21.76 -9.54 -6.10
N ASP B 82 -21.36 -8.92 -7.22
CA ASP B 82 -22.19 -7.86 -7.80
C ASP B 82 -23.52 -8.43 -8.28
N LYS B 83 -23.55 -9.70 -8.68
CA LYS B 83 -24.81 -10.32 -9.06
C LYS B 83 -25.73 -10.49 -7.85
N LEU B 84 -25.17 -10.85 -6.70
CA LEU B 84 -25.98 -10.96 -5.48
C LEU B 84 -26.60 -9.63 -5.11
N ALA B 85 -25.83 -8.54 -5.21
CA ALA B 85 -26.36 -7.21 -4.92
C ALA B 85 -27.52 -6.84 -5.83
N ASP B 86 -27.46 -7.26 -7.10
CA ASP B 86 -28.57 -7.00 -8.02
C ASP B 86 -29.83 -7.70 -7.57
N LEU B 87 -29.72 -8.99 -7.24
CA LEU B 87 -30.89 -9.74 -6.77
C LEU B 87 -31.42 -9.18 -5.47
N VAL B 88 -30.55 -8.68 -4.60
CA VAL B 88 -31.01 -8.09 -3.33
C VAL B 88 -31.80 -6.82 -3.62
N GLU B 89 -31.30 -5.96 -4.50
CA GLU B 89 -32.05 -4.75 -4.85
C GLU B 89 -33.37 -5.10 -5.53
N ARG B 90 -33.39 -6.18 -6.31
CA ARG B 90 -34.65 -6.62 -6.91
C ARG B 90 -35.65 -7.04 -5.84
N ASP B 91 -35.27 -7.99 -4.99
CA ASP B 91 -36.10 -8.40 -3.87
C ASP B 91 -35.94 -7.48 -2.68
N ARG B 92 -35.71 -6.19 -2.91
CA ARG B 92 -35.47 -5.24 -1.81
C ARG B 92 -36.68 -5.13 -0.91
N ALA B 93 -37.88 -5.06 -1.49
CA ALA B 93 -39.11 -4.98 -0.69
C ALA B 93 -39.28 -6.22 0.17
N VAL B 94 -39.16 -7.40 -0.45
CA VAL B 94 -39.36 -8.66 0.28
C VAL B 94 -38.39 -8.76 1.44
N LEU B 95 -37.11 -8.52 1.20
CA LEU B 95 -36.12 -8.55 2.27
C LEU B 95 -36.36 -7.48 3.33
N ALA B 96 -37.00 -6.37 2.96
CA ALA B 96 -37.29 -5.33 3.94
C ALA B 96 -38.37 -5.77 4.92
N THR B 97 -39.55 -6.13 4.40
CA THR B 97 -40.67 -6.45 5.27
C THR B 97 -40.34 -7.63 6.18
N MET B 98 -39.64 -8.64 5.66
CA MET B 98 -39.29 -9.78 6.49
C MET B 98 -38.20 -9.46 7.49
N GLU B 99 -37.56 -8.29 7.38
CA GLU B 99 -36.68 -7.81 8.42
C GLU B 99 -37.43 -7.02 9.49
N SER B 100 -38.53 -6.36 9.10
CA SER B 100 -39.40 -5.74 10.10
C SER B 100 -40.23 -6.78 10.82
N LEU B 101 -40.73 -7.79 10.08
CA LEU B 101 -41.51 -8.85 10.69
C LEU B 101 -40.68 -9.64 11.70
N ASN B 102 -39.41 -9.87 11.39
CA ASN B 102 -38.53 -10.68 12.23
C ASN B 102 -37.80 -9.85 13.28
N GLY B 103 -37.03 -8.85 12.83
CA GLY B 103 -36.25 -8.06 13.77
C GLY B 103 -37.06 -7.05 14.55
N GLY B 104 -38.16 -6.57 13.98
CA GLY B 104 -38.99 -5.59 14.64
C GLY B 104 -38.56 -4.16 14.41
N LYS B 105 -38.05 -3.83 13.22
CA LYS B 105 -37.67 -2.46 12.97
C LYS B 105 -38.68 -1.76 12.06
N PRO B 106 -38.82 -0.45 12.15
CA PRO B 106 -39.70 0.27 11.22
C PRO B 106 -39.36 -0.06 9.77
N PHE B 107 -40.40 -0.31 8.97
CA PHE B 107 -40.19 -0.87 7.64
C PHE B 107 -39.34 0.04 6.78
N LEU B 108 -39.59 1.36 6.83
CA LEU B 108 -38.83 2.29 6.02
C LEU B 108 -37.39 2.44 6.52
N GLN B 109 -37.13 2.16 7.79
CA GLN B 109 -35.75 2.11 8.27
C GLN B 109 -35.02 0.90 7.69
N ALA B 110 -35.65 -0.28 7.77
CA ALA B 110 -35.05 -1.48 7.18
C ALA B 110 -34.91 -1.37 5.68
N PHE B 111 -35.71 -0.52 5.03
CA PHE B 111 -35.63 -0.40 3.58
C PHE B 111 -34.52 0.57 3.16
N TYR B 112 -34.36 1.67 3.89
CA TYR B 112 -33.43 2.72 3.51
C TYR B 112 -32.13 2.71 4.33
N VAL B 113 -31.98 1.77 5.26
CA VAL B 113 -30.76 1.70 6.07
C VAL B 113 -30.14 0.32 5.93
N ASP B 114 -30.81 -0.70 6.47
CA ASP B 114 -30.26 -2.05 6.46
C ASP B 114 -30.07 -2.57 5.04
N LEU B 115 -31.01 -2.28 4.15
CA LEU B 115 -30.87 -2.75 2.78
C LEU B 115 -29.87 -1.93 2.00
N GLN B 116 -29.88 -0.60 2.20
CA GLN B 116 -28.89 0.24 1.53
C GLN B 116 -27.48 -0.19 1.91
N GLY B 117 -27.27 -0.51 3.19
CA GLY B 117 -25.97 -1.01 3.61
C GLY B 117 -25.62 -2.36 3.01
N VAL B 118 -26.63 -3.20 2.78
CA VAL B 118 -26.38 -4.54 2.25
C VAL B 118 -25.96 -4.46 0.79
N ILE B 119 -26.69 -3.69 -0.01
CA ILE B 119 -26.36 -3.59 -1.44
C ILE B 119 -25.01 -2.90 -1.63
N LYS B 120 -24.74 -1.85 -0.86
CA LYS B 120 -23.46 -1.17 -0.97
C LYS B 120 -22.31 -2.07 -0.51
N THR B 121 -22.55 -2.93 0.49
CA THR B 121 -21.50 -3.82 0.99
C THR B 121 -21.14 -4.88 -0.05
N PHE B 122 -22.13 -5.46 -0.71
CA PHE B 122 -21.83 -6.45 -1.74
C PHE B 122 -21.14 -5.80 -2.94
N ARG B 123 -21.56 -4.60 -3.31
CA ARG B 123 -20.97 -3.95 -4.47
C ARG B 123 -19.61 -3.35 -4.15
N TYR B 124 -19.36 -2.99 -2.89
CA TYR B 124 -18.04 -2.51 -2.51
C TYR B 124 -17.01 -3.65 -2.53
N TYR B 125 -17.40 -4.82 -2.06
CA TYR B 125 -16.47 -5.95 -2.06
C TYR B 125 -16.44 -6.70 -3.39
N ALA B 126 -17.36 -6.40 -4.31
CA ALA B 126 -17.23 -6.94 -5.65
C ALA B 126 -16.01 -6.39 -6.37
N GLY B 127 -15.63 -5.14 -6.07
CA GLY B 127 -14.45 -4.57 -6.69
C GLY B 127 -13.14 -4.98 -6.07
N TRP B 128 -13.15 -5.31 -4.77
CA TRP B 128 -11.92 -5.72 -4.08
C TRP B 128 -11.41 -7.09 -4.54
N ALA B 129 -12.27 -7.92 -5.14
CA ALA B 129 -11.94 -9.32 -5.35
C ALA B 129 -10.66 -9.47 -6.19
N ASP B 130 -10.60 -8.78 -7.32
CA ASP B 130 -9.46 -8.84 -8.23
C ASP B 130 -8.37 -7.85 -7.88
N LYS B 131 -8.47 -7.16 -6.75
CA LYS B 131 -7.50 -6.13 -6.38
C LYS B 131 -6.83 -6.42 -5.04
N ILE B 132 -6.78 -7.69 -4.63
CA ILE B 132 -6.06 -8.11 -3.44
C ILE B 132 -4.63 -8.45 -3.87
N HIS B 133 -3.68 -7.59 -3.51
CA HIS B 133 -2.31 -7.67 -3.99
C HIS B 133 -1.37 -8.15 -2.90
N GLY B 134 -0.38 -8.95 -3.29
CA GLY B 134 0.75 -9.27 -2.45
C GLY B 134 1.87 -8.28 -2.70
N MET B 135 3.10 -8.70 -2.43
CA MET B 135 4.22 -7.79 -2.61
C MET B 135 5.49 -8.56 -2.91
N THR B 136 6.32 -7.98 -3.77
CA THR B 136 7.67 -8.49 -4.02
C THR B 136 8.66 -7.73 -3.14
N ILE B 137 9.56 -8.45 -2.50
CA ILE B 137 10.40 -7.92 -1.43
C ILE B 137 11.85 -7.91 -1.90
N PRO B 138 12.58 -6.79 -1.75
CA PRO B 138 14.01 -6.79 -2.09
C PRO B 138 14.89 -7.21 -0.92
N VAL B 139 15.11 -8.52 -0.77
CA VAL B 139 15.79 -9.08 0.39
C VAL B 139 17.29 -9.19 0.15
N ASP B 140 18.06 -9.37 1.23
CA ASP B 140 19.50 -9.54 1.11
C ASP B 140 19.84 -10.87 0.46
N GLY B 141 20.74 -10.85 -0.52
CA GLY B 141 21.27 -12.07 -1.11
C GLY B 141 20.68 -12.36 -2.48
N ASP B 142 21.11 -13.49 -3.02
CA ASP B 142 20.70 -13.98 -4.35
C ASP B 142 19.33 -14.66 -4.25
N TYR B 143 18.32 -13.85 -3.96
CA TYR B 143 16.98 -14.36 -3.74
C TYR B 143 15.95 -13.42 -4.36
N PHE B 144 14.80 -14.00 -4.73
CA PHE B 144 13.64 -13.25 -5.21
C PHE B 144 12.46 -13.67 -4.35
N THR B 145 11.95 -12.75 -3.54
CA THR B 145 10.94 -13.06 -2.55
C THR B 145 9.66 -12.31 -2.86
N PHE B 146 8.54 -13.02 -2.90
CA PHE B 146 7.23 -12.42 -3.09
C PHE B 146 6.23 -13.10 -2.16
N THR B 147 5.08 -12.46 -1.96
CA THR B 147 4.03 -13.00 -1.13
C THR B 147 2.74 -13.13 -1.92
N ARG B 148 1.91 -14.09 -1.53
CA ARG B 148 0.59 -14.27 -2.10
C ARG B 148 -0.44 -14.17 -0.99
N HIS B 149 -1.50 -13.41 -1.23
CA HIS B 149 -2.63 -13.34 -0.31
C HIS B 149 -3.63 -14.42 -0.72
N GLU B 150 -3.72 -15.46 0.08
CA GLU B 150 -4.55 -16.61 -0.23
C GLU B 150 -5.66 -16.76 0.79
N PRO B 151 -6.83 -17.22 0.36
CA PRO B 151 -7.93 -17.46 1.31
C PRO B 151 -7.53 -18.48 2.36
N ILE B 152 -8.02 -18.27 3.58
CA ILE B 152 -7.70 -19.17 4.69
C ILE B 152 -8.33 -20.55 4.46
N GLY B 153 -9.64 -20.58 4.24
CA GLY B 153 -10.35 -21.83 4.01
C GLY B 153 -11.80 -21.78 4.42
N VAL B 154 -12.23 -22.74 5.25
CA VAL B 154 -13.59 -22.75 5.76
C VAL B 154 -13.67 -21.77 6.93
N CYS B 155 -14.64 -20.85 6.86
CA CYS B 155 -14.81 -19.81 7.85
C CYS B 155 -16.19 -19.92 8.48
N GLY B 156 -16.23 -19.95 9.81
CA GLY B 156 -17.48 -20.00 10.54
C GLY B 156 -17.82 -18.63 11.09
N GLN B 157 -19.07 -18.24 10.90
CA GLN B 157 -19.54 -16.91 11.28
C GLN B 157 -20.80 -17.04 12.10
N ILE B 158 -20.94 -16.19 13.11
CA ILE B 158 -22.09 -16.23 14.01
C ILE B 158 -22.61 -14.81 14.22
N ILE B 159 -23.58 -14.40 13.41
CA ILE B 159 -24.10 -13.04 13.48
C ILE B 159 -25.13 -12.92 14.61
N PRO B 160 -25.35 -11.71 15.16
CA PRO B 160 -26.41 -11.54 16.18
C PRO B 160 -27.77 -11.26 15.58
N TRP B 161 -28.69 -10.69 16.38
CA TRP B 161 -30.09 -10.57 16.00
C TRP B 161 -30.54 -9.14 15.70
N ASN B 162 -29.76 -8.13 16.07
CA ASN B 162 -30.18 -6.74 15.94
C ASN B 162 -29.93 -6.14 14.57
N PHE B 163 -29.16 -6.81 13.71
CA PHE B 163 -28.98 -6.40 12.33
C PHE B 163 -28.82 -7.64 11.47
N PRO B 164 -29.87 -8.46 11.38
CA PRO B 164 -29.69 -9.80 10.77
C PRO B 164 -29.16 -9.77 9.35
N LEU B 165 -29.67 -8.87 8.52
CA LEU B 165 -29.25 -8.86 7.13
C LEU B 165 -27.99 -8.02 6.95
N LEU B 166 -27.89 -6.90 7.67
CA LEU B 166 -26.68 -6.09 7.56
C LEU B 166 -25.46 -6.86 8.05
N MET B 167 -25.56 -7.53 9.20
CA MET B 167 -24.45 -8.34 9.68
C MET B 167 -24.18 -9.53 8.77
N PHE B 168 -25.22 -10.00 8.06
CA PHE B 168 -25.02 -11.10 7.12
C PHE B 168 -24.10 -10.69 5.98
N ALA B 169 -24.34 -9.52 5.41
CA ALA B 169 -23.49 -9.01 4.34
C ALA B 169 -22.09 -8.69 4.85
N TRP B 170 -21.99 -7.98 5.98
CA TRP B 170 -20.69 -7.59 6.53
C TRP B 170 -19.81 -8.79 6.86
N LYS B 171 -20.39 -9.98 6.95
CA LYS B 171 -19.64 -11.20 7.25
C LYS B 171 -19.25 -11.96 5.99
N ILE B 172 -20.21 -12.24 5.11
CA ILE B 172 -19.88 -13.15 4.00
C ILE B 172 -19.22 -12.40 2.85
N ALA B 173 -19.48 -11.11 2.70
CA ALA B 173 -18.94 -10.37 1.55
C ALA B 173 -17.41 -10.34 1.55
N PRO B 174 -16.73 -9.91 2.63
CA PRO B 174 -15.26 -9.97 2.58
C PRO B 174 -14.72 -11.39 2.48
N ALA B 175 -15.33 -12.33 3.20
CA ALA B 175 -14.84 -13.72 3.17
C ALA B 175 -14.84 -14.28 1.76
N LEU B 176 -15.99 -14.19 1.07
CA LEU B 176 -16.08 -14.67 -0.30
C LEU B 176 -15.21 -13.84 -1.23
N CYS B 177 -15.03 -12.56 -0.91
CA CYS B 177 -14.17 -11.70 -1.72
C CYS B 177 -12.75 -12.26 -1.79
N CYS B 178 -12.25 -12.82 -0.69
CA CYS B 178 -10.91 -13.36 -0.70
C CYS B 178 -10.85 -14.80 -1.18
N GLY B 179 -11.99 -15.41 -1.47
CA GLY B 179 -12.03 -16.79 -1.95
C GLY B 179 -12.23 -17.84 -0.89
N ASN B 180 -12.80 -17.51 0.26
CA ASN B 180 -13.06 -18.47 1.33
C ASN B 180 -14.39 -19.19 1.09
N THR B 181 -14.61 -20.25 1.87
CA THR B 181 -15.91 -20.87 2.01
C THR B 181 -16.46 -20.56 3.40
N VAL B 182 -17.78 -20.52 3.52
CA VAL B 182 -18.44 -19.94 4.68
C VAL B 182 -19.42 -20.95 5.27
N VAL B 183 -19.40 -21.09 6.60
CA VAL B 183 -20.44 -21.77 7.36
C VAL B 183 -20.95 -20.75 8.37
N ILE B 184 -22.09 -20.12 8.08
CA ILE B 184 -22.58 -18.99 8.84
C ILE B 184 -23.86 -19.38 9.57
N LYS B 185 -23.96 -18.99 10.85
CA LYS B 185 -25.14 -19.29 11.65
C LYS B 185 -25.88 -18.00 12.01
N PRO B 186 -27.06 -17.77 11.46
CA PRO B 186 -27.85 -16.60 11.87
C PRO B 186 -28.34 -16.76 13.30
N ALA B 187 -28.90 -15.67 13.83
CA ALA B 187 -29.38 -15.68 15.20
C ALA B 187 -30.66 -16.48 15.31
N GLU B 188 -30.81 -17.19 16.45
CA GLU B 188 -32.03 -17.97 16.66
C GLU B 188 -33.26 -17.07 16.71
N GLN B 189 -33.09 -15.81 17.10
CA GLN B 189 -34.23 -14.88 17.14
C GLN B 189 -34.69 -14.51 15.74
N THR B 190 -33.75 -14.26 14.82
CA THR B 190 -34.07 -13.72 13.49
C THR B 190 -33.25 -14.45 12.42
N PRO B 191 -33.67 -15.66 12.03
CA PRO B 191 -32.89 -16.40 11.03
C PRO B 191 -33.44 -16.30 9.62
N LEU B 192 -34.61 -15.68 9.46
CA LEU B 192 -35.37 -15.83 8.21
C LEU B 192 -34.69 -15.13 7.04
N SER B 193 -34.36 -13.84 7.20
CA SER B 193 -33.80 -13.09 6.07
C SER B 193 -32.47 -13.68 5.60
N ALA B 194 -31.69 -14.27 6.53
CA ALA B 194 -30.49 -14.97 6.11
C ALA B 194 -30.83 -16.17 5.24
N LEU B 195 -31.92 -16.87 5.57
CA LEU B 195 -32.29 -18.05 4.80
C LEU B 195 -32.72 -17.68 3.39
N TYR B 196 -33.48 -16.58 3.25
CA TYR B 196 -33.83 -16.12 1.91
C TYR B 196 -32.59 -15.82 1.08
N MET B 197 -31.54 -15.28 1.71
CA MET B 197 -30.30 -15.01 0.98
C MET B 197 -29.70 -16.27 0.39
N GLY B 198 -29.90 -17.43 1.03
CA GLY B 198 -29.48 -18.69 0.43
C GLY B 198 -30.14 -18.92 -0.92
N ALA B 199 -31.39 -18.51 -1.07
CA ALA B 199 -32.03 -18.63 -2.38
C ALA B 199 -31.39 -17.66 -3.37
N LEU B 200 -31.20 -16.41 -2.96
CA LEU B 200 -30.54 -15.44 -3.84
C LEU B 200 -29.11 -15.88 -4.15
N ILE B 201 -28.50 -16.68 -3.28
CA ILE B 201 -27.15 -17.16 -3.54
C ILE B 201 -27.14 -18.18 -4.67
N LYS B 202 -27.96 -19.21 -4.55
CA LYS B 202 -28.07 -20.19 -5.63
C LYS B 202 -28.59 -19.54 -6.90
N GLU B 203 -29.42 -18.51 -6.77
CA GLU B 203 -29.88 -17.76 -7.94
C GLU B 203 -28.71 -17.07 -8.64
N ALA B 204 -27.76 -16.52 -7.85
CA ALA B 204 -26.65 -15.77 -8.43
C ALA B 204 -25.62 -16.67 -9.11
N GLY B 205 -25.56 -17.93 -8.72
CA GLY B 205 -24.68 -18.89 -9.37
C GLY B 205 -23.44 -19.32 -8.60
N PHE B 206 -23.37 -19.11 -7.29
CA PHE B 206 -22.22 -19.55 -6.52
C PHE B 206 -22.14 -21.06 -6.52
N PRO B 207 -20.92 -21.63 -6.56
CA PRO B 207 -20.79 -23.08 -6.56
C PRO B 207 -21.36 -23.67 -5.28
N PRO B 208 -21.86 -24.90 -5.34
CA PRO B 208 -22.47 -25.50 -4.14
C PRO B 208 -21.44 -25.69 -3.04
N GLY B 209 -21.78 -25.26 -1.83
CA GLY B 209 -20.92 -25.40 -0.68
C GLY B 209 -20.03 -24.21 -0.39
N VAL B 210 -20.03 -23.20 -1.25
CA VAL B 210 -19.25 -22.00 -1.02
C VAL B 210 -19.81 -21.21 0.16
N ILE B 211 -21.10 -21.33 0.40
CA ILE B 211 -21.72 -20.68 1.56
C ILE B 211 -22.86 -21.55 2.07
N ASN B 212 -22.85 -21.84 3.37
CA ASN B 212 -23.85 -22.69 4.01
C ASN B 212 -24.46 -21.95 5.20
N ILE B 213 -25.78 -21.94 5.28
CA ILE B 213 -26.51 -21.22 6.32
C ILE B 213 -27.12 -22.24 7.28
N LEU B 214 -26.76 -22.14 8.56
CA LEU B 214 -27.10 -23.14 9.58
C LEU B 214 -27.88 -22.49 10.70
N PRO B 215 -29.21 -22.38 10.58
CA PRO B 215 -30.00 -21.75 11.64
C PRO B 215 -30.07 -22.65 12.88
N GLY B 216 -29.87 -22.04 14.04
CA GLY B 216 -29.92 -22.81 15.28
C GLY B 216 -29.65 -21.93 16.48
N TYR B 217 -29.28 -22.59 17.58
CA TYR B 217 -29.02 -21.93 18.85
C TYR B 217 -27.51 -21.81 19.08
N GLY B 218 -27.16 -20.91 20.00
CA GLY B 218 -25.78 -20.67 20.35
C GLY B 218 -25.13 -21.84 21.06
N PRO B 219 -25.63 -22.19 22.26
CA PRO B 219 -25.01 -23.30 23.01
C PRO B 219 -25.06 -24.62 22.28
N THR B 220 -25.81 -24.71 21.19
CA THR B 220 -25.95 -25.95 20.42
C THR B 220 -25.18 -25.87 19.12
N ALA B 221 -25.66 -25.07 18.15
CA ALA B 221 -25.00 -25.02 16.86
C ALA B 221 -23.86 -24.01 16.84
N GLY B 222 -23.97 -22.94 17.62
CA GLY B 222 -22.89 -21.96 17.68
C GLY B 222 -21.60 -22.54 18.24
N ALA B 223 -21.72 -23.36 19.28
CA ALA B 223 -20.53 -23.95 19.88
C ALA B 223 -19.92 -25.04 18.99
N ALA B 224 -20.76 -25.70 18.19
CA ALA B 224 -20.24 -26.66 17.23
C ALA B 224 -19.37 -26.00 16.17
N ILE B 225 -19.64 -24.72 15.87
CA ILE B 225 -18.79 -23.99 14.93
C ILE B 225 -17.46 -23.64 15.59
N ALA B 226 -17.50 -23.19 16.85
CA ALA B 226 -16.29 -22.77 17.54
C ALA B 226 -15.32 -23.94 17.74
N SER B 227 -15.85 -25.11 18.13
CA SER B 227 -15.01 -26.24 18.49
C SER B 227 -14.74 -27.20 17.33
N HIS B 228 -15.20 -26.87 16.13
CA HIS B 228 -14.99 -27.74 14.98
C HIS B 228 -13.53 -27.66 14.53
N ILE B 229 -12.84 -28.81 14.52
CA ILE B 229 -11.44 -28.83 14.13
C ILE B 229 -11.24 -28.67 12.63
N GLY B 230 -12.31 -28.72 11.85
CA GLY B 230 -12.25 -28.54 10.42
C GLY B 230 -12.49 -27.11 9.95
N ILE B 231 -12.55 -26.15 10.87
CA ILE B 231 -12.77 -24.75 10.55
C ILE B 231 -11.50 -23.98 10.88
N ASP B 232 -10.97 -23.26 9.89
CA ASP B 232 -9.67 -22.61 10.02
C ASP B 232 -9.74 -21.23 10.66
N LYS B 233 -10.93 -20.66 10.81
CA LYS B 233 -11.07 -19.29 11.28
C LYS B 233 -12.52 -19.02 11.64
N ILE B 234 -12.72 -18.27 12.72
CA ILE B 234 -14.06 -17.95 13.21
C ILE B 234 -14.17 -16.44 13.35
N ALA B 235 -15.36 -15.91 13.05
CA ALA B 235 -15.68 -14.51 13.26
C ALA B 235 -16.99 -14.46 14.03
N PHE B 236 -16.96 -13.89 15.23
CA PHE B 236 -18.13 -13.93 16.10
C PHE B 236 -19.07 -12.77 15.82
N THR B 237 -18.89 -11.66 16.55
CA THR B 237 -19.83 -10.55 16.69
C THR B 237 -21.01 -10.95 17.59
N GLY B 238 -21.05 -10.36 18.78
CA GLY B 238 -22.12 -10.61 19.74
C GLY B 238 -21.80 -9.95 21.07
N SER B 239 -22.09 -10.64 22.17
CA SER B 239 -21.77 -10.09 23.48
C SER B 239 -20.31 -10.37 23.82
N THR B 240 -19.74 -9.53 24.70
CA THR B 240 -18.37 -9.73 25.16
C THR B 240 -18.22 -11.06 25.89
N GLU B 241 -19.26 -11.47 26.63
CA GLU B 241 -19.14 -12.67 27.45
C GLU B 241 -18.98 -13.92 26.59
N VAL B 242 -19.80 -14.06 25.54
CA VAL B 242 -19.68 -15.20 24.66
C VAL B 242 -18.38 -15.14 23.87
N GLY B 243 -17.94 -13.94 23.51
CA GLY B 243 -16.72 -13.79 22.74
C GLY B 243 -15.48 -14.27 23.47
N LYS B 244 -15.45 -14.12 24.81
CA LYS B 244 -14.40 -14.71 25.63
C LYS B 244 -14.44 -16.23 25.51
N LEU B 245 -15.64 -16.81 25.59
CA LEU B 245 -15.78 -18.26 25.46
C LEU B 245 -15.39 -18.75 24.06
N ILE B 246 -15.54 -17.91 23.05
CA ILE B 246 -15.20 -18.31 21.69
C ILE B 246 -13.70 -18.51 21.55
N GLN B 247 -12.90 -17.57 22.07
CA GLN B 247 -11.44 -17.71 21.95
C GLN B 247 -10.90 -18.82 22.85
N GLU B 248 -11.64 -19.22 23.88
CA GLU B 248 -11.26 -20.41 24.66
C GLU B 248 -11.56 -21.68 23.87
N ALA B 249 -12.74 -21.76 23.25
CA ALA B 249 -13.08 -22.93 22.45
C ALA B 249 -12.14 -23.05 21.25
N ALA B 250 -11.69 -21.94 20.70
CA ALA B 250 -10.78 -21.98 19.56
C ALA B 250 -9.40 -22.47 19.96
N GLY B 251 -8.82 -21.88 21.02
CA GLY B 251 -7.52 -22.33 21.49
C GLY B 251 -7.53 -23.76 21.98
N ARG B 252 -8.66 -24.22 22.53
CA ARG B 252 -8.76 -25.60 22.99
C ARG B 252 -8.83 -26.61 21.85
N SER B 253 -9.15 -26.15 20.64
CA SER B 253 -9.35 -27.05 19.51
C SER B 253 -8.16 -27.03 18.55
N ASN B 254 -8.20 -26.17 17.52
CA ASN B 254 -7.23 -26.23 16.44
C ASN B 254 -6.58 -24.87 16.16
N LEU B 255 -6.50 -23.99 17.17
CA LEU B 255 -5.86 -22.69 17.03
C LEU B 255 -6.42 -21.90 15.84
N LYS B 256 -7.71 -22.05 15.59
CA LYS B 256 -8.32 -21.28 14.52
C LYS B 256 -8.28 -19.79 14.85
N ARG B 257 -8.17 -18.97 13.82
CA ARG B 257 -8.06 -17.53 14.02
C ARG B 257 -9.40 -16.96 14.45
N VAL B 258 -9.36 -16.02 15.39
CA VAL B 258 -10.55 -15.51 16.07
C VAL B 258 -10.64 -14.01 15.87
N THR B 259 -11.81 -13.55 15.43
CA THR B 259 -12.11 -12.12 15.33
C THR B 259 -13.49 -11.89 15.92
N LEU B 260 -13.58 -11.04 16.93
CA LEU B 260 -14.81 -10.77 17.65
C LEU B 260 -15.25 -9.33 17.41
N GLU B 261 -16.55 -9.10 17.55
CA GLU B 261 -17.12 -7.75 17.54
C GLU B 261 -18.10 -7.72 18.71
N LEU B 262 -17.62 -7.26 19.86
CA LEU B 262 -18.31 -7.47 21.11
C LEU B 262 -19.09 -6.25 21.59
N GLY B 263 -18.77 -5.05 21.11
CA GLY B 263 -19.51 -3.87 21.50
C GLY B 263 -19.37 -3.49 22.96
N GLY B 264 -19.93 -2.34 23.35
CA GLY B 264 -19.85 -1.91 24.73
C GLY B 264 -20.47 -0.57 25.04
N LYS B 265 -19.80 0.21 25.89
CA LYS B 265 -20.33 1.48 26.41
C LYS B 265 -19.56 2.63 25.76
N SER B 266 -20.01 3.01 24.57
CA SER B 266 -19.36 4.06 23.80
C SER B 266 -19.76 5.43 24.34
N PRO B 267 -18.82 6.34 24.53
CA PRO B 267 -19.16 7.69 24.98
C PRO B 267 -19.45 8.65 23.83
N ASN B 268 -20.09 9.76 24.18
CA ASN B 268 -20.45 10.79 23.22
C ASN B 268 -20.34 12.14 23.89
N ILE B 269 -19.32 12.91 23.53
CA ILE B 269 -19.05 14.21 24.14
C ILE B 269 -19.67 15.31 23.29
N ILE B 270 -20.30 16.28 23.95
CA ILE B 270 -20.96 17.39 23.28
C ILE B 270 -20.53 18.68 23.96
N PHE B 271 -19.77 19.50 23.24
CA PHE B 271 -19.31 20.79 23.75
C PHE B 271 -20.35 21.87 23.48
N ALA B 272 -20.21 22.99 24.20
CA ALA B 272 -21.20 24.05 24.17
C ALA B 272 -21.18 24.87 22.89
N ASP B 273 -20.15 24.73 22.06
CA ASP B 273 -19.99 25.55 20.86
C ASP B 273 -20.61 24.91 19.63
N ALA B 274 -21.40 23.86 19.78
CA ALA B 274 -22.02 23.17 18.66
C ALA B 274 -23.49 23.55 18.53
N ASP B 275 -24.02 23.36 17.31
CA ASP B 275 -25.44 23.60 17.06
C ASP B 275 -26.28 22.63 17.89
N LEU B 276 -27.03 23.18 18.86
CA LEU B 276 -27.82 22.32 19.75
C LEU B 276 -28.89 21.56 18.99
N ASP B 277 -29.51 22.20 17.98
CA ASP B 277 -30.49 21.50 17.16
C ASP B 277 -29.90 20.23 16.56
N TYR B 278 -28.65 20.31 16.09
CA TYR B 278 -27.98 19.15 15.49
C TYR B 278 -27.47 18.18 16.56
N ALA B 279 -26.97 18.72 17.68
CA ALA B 279 -26.29 17.89 18.66
C ALA B 279 -27.26 16.99 19.41
N VAL B 280 -28.39 17.54 19.85
CA VAL B 280 -29.33 16.72 20.62
C VAL B 280 -30.00 15.69 19.73
N GLU B 281 -30.16 15.98 18.44
CA GLU B 281 -30.81 15.04 17.55
C GLU B 281 -29.89 13.86 17.23
N GLN B 282 -28.62 14.13 16.95
CA GLN B 282 -27.68 13.04 16.73
C GLN B 282 -27.43 12.24 18.01
N ALA B 283 -27.52 12.88 19.17
CA ALA B 283 -27.39 12.15 20.42
C ALA B 283 -28.61 11.29 20.71
N HIS B 284 -29.79 11.75 20.30
CA HIS B 284 -30.99 10.93 20.43
C HIS B 284 -30.86 9.67 19.59
N GLN B 285 -30.71 9.82 18.28
CA GLN B 285 -30.50 8.67 17.40
C GLN B 285 -29.21 7.93 17.71
N GLY B 286 -28.33 8.50 18.53
CA GLY B 286 -27.10 7.81 18.88
C GLY B 286 -27.32 6.61 19.78
N VAL B 287 -28.41 6.61 20.55
CA VAL B 287 -28.69 5.53 21.49
C VAL B 287 -30.11 5.01 21.29
N PHE B 288 -30.94 5.74 20.54
CA PHE B 288 -32.33 5.36 20.34
C PHE B 288 -32.57 4.64 19.02
N PHE B 289 -31.60 4.63 18.11
CA PHE B 289 -31.79 3.99 16.81
C PHE B 289 -31.83 2.47 16.96
N ASN B 290 -32.60 1.84 16.08
CA ASN B 290 -32.82 0.39 16.12
C ASN B 290 -33.31 -0.04 17.50
N GLN B 291 -34.14 0.81 18.11
CA GLN B 291 -34.69 0.58 19.45
C GLN B 291 -33.58 0.39 20.49
N GLY B 292 -32.46 1.09 20.30
CA GLY B 292 -31.34 1.00 21.21
C GLY B 292 -30.55 -0.27 21.15
N GLN B 293 -30.85 -1.17 20.22
CA GLN B 293 -30.18 -2.46 20.13
C GLN B 293 -29.00 -2.40 19.15
N CYS B 294 -28.03 -1.56 19.50
CA CYS B 294 -26.80 -1.42 18.74
C CYS B 294 -25.62 -1.49 19.68
N CYS B 295 -24.51 -2.02 19.19
CA CYS B 295 -23.26 -1.94 19.95
C CYS B 295 -22.87 -0.49 20.18
N THR B 296 -23.31 0.41 19.29
CA THR B 296 -23.08 1.85 19.41
C THR B 296 -24.38 2.57 19.11
N ALA B 297 -25.06 3.15 20.11
CA ALA B 297 -24.83 3.09 21.58
C ALA B 297 -23.43 3.46 22.08
N GLY B 298 -23.19 4.75 22.32
CA GLY B 298 -24.24 5.75 22.33
C GLY B 298 -24.73 5.97 23.74
N SER B 299 -24.25 5.14 24.67
CA SER B 299 -24.74 5.12 26.03
C SER B 299 -24.42 6.42 26.77
N ARG B 300 -23.20 6.55 27.26
CA ARG B 300 -22.80 7.67 28.11
C ARG B 300 -22.62 8.92 27.26
N ILE B 301 -23.52 9.90 27.43
CA ILE B 301 -23.49 11.15 26.69
C ILE B 301 -23.06 12.25 27.67
N PHE B 302 -21.82 12.71 27.53
CA PHE B 302 -21.32 13.83 28.32
C PHE B 302 -21.69 15.15 27.65
N VAL B 303 -21.94 16.17 28.48
CA VAL B 303 -22.33 17.49 28.00
C VAL B 303 -21.65 18.54 28.87
N GLU B 304 -21.11 19.58 28.22
CA GLU B 304 -20.49 20.68 28.95
C GLU B 304 -21.51 21.34 29.88
N GLU B 305 -20.98 21.99 30.92
CA GLU B 305 -21.84 22.57 31.95
C GLU B 305 -22.75 23.66 31.39
N SER B 306 -22.24 24.47 30.46
CA SER B 306 -22.98 25.65 30.01
C SER B 306 -24.30 25.31 29.31
N ILE B 307 -24.47 24.07 28.84
CA ILE B 307 -25.63 23.75 28.04
C ILE B 307 -26.31 22.47 28.51
N TYR B 308 -25.95 22.01 29.71
CA TYR B 308 -26.48 20.74 30.20
C TYR B 308 -27.98 20.81 30.43
N GLU B 309 -28.42 21.78 31.22
CA GLU B 309 -29.84 21.91 31.55
C GLU B 309 -30.67 22.50 30.42
N GLU B 310 -30.04 22.90 29.31
CA GLU B 310 -30.74 23.16 28.07
C GLU B 310 -30.71 21.97 27.12
N PHE B 311 -29.69 21.12 27.26
CA PHE B 311 -29.64 19.87 26.50
C PHE B 311 -30.81 18.96 26.86
N VAL B 312 -31.02 18.75 28.16
CA VAL B 312 -32.03 17.79 28.61
C VAL B 312 -33.43 18.29 28.29
N ARG B 313 -33.64 19.61 28.25
CA ARG B 313 -34.95 20.14 27.90
C ARG B 313 -35.38 19.71 26.51
N ARG B 314 -34.53 19.96 25.51
CA ARG B 314 -34.84 19.55 24.15
C ARG B 314 -34.75 18.04 23.97
N SER B 315 -34.03 17.35 24.86
CA SER B 315 -33.93 15.89 24.76
C SER B 315 -35.22 15.21 25.18
N VAL B 316 -35.73 15.57 26.37
CA VAL B 316 -37.01 15.01 26.82
C VAL B 316 -38.16 15.47 25.93
N GLU B 317 -37.99 16.59 25.22
CA GLU B 317 -38.94 16.96 24.18
C GLU B 317 -38.96 15.89 23.09
N ARG B 318 -37.79 15.57 22.54
CA ARG B 318 -37.71 14.61 21.44
C ARG B 318 -38.07 13.20 21.90
N ALA B 319 -37.78 12.87 23.17
CA ALA B 319 -38.04 11.52 23.67
C ALA B 319 -39.52 11.20 23.65
N LYS B 320 -40.32 11.96 24.40
CA LYS B 320 -41.77 11.76 24.43
C LYS B 320 -42.44 12.16 23.12
N ARG B 321 -41.69 12.63 22.13
CA ARG B 321 -42.22 12.90 20.80
C ARG B 321 -42.01 11.72 19.84
N ARG B 322 -41.17 10.76 20.20
CA ARG B 322 -40.85 9.64 19.31
C ARG B 322 -42.06 8.73 19.18
N VAL B 323 -42.65 8.71 17.98
CA VAL B 323 -43.86 7.95 17.71
C VAL B 323 -43.55 6.47 17.66
N VAL B 324 -43.68 5.78 18.80
CA VAL B 324 -43.58 4.32 18.80
C VAL B 324 -44.85 3.71 18.18
N GLY B 325 -44.73 2.46 17.74
CA GLY B 325 -45.89 1.80 17.16
C GLY B 325 -45.50 0.52 16.43
N SER B 326 -46.33 0.18 15.43
CA SER B 326 -46.12 -1.04 14.65
C SER B 326 -45.06 -0.79 13.58
N PRO B 327 -44.21 -1.78 13.30
CA PRO B 327 -43.13 -1.58 12.33
C PRO B 327 -43.63 -1.25 10.93
N PHE B 328 -44.85 -1.68 10.57
CA PHE B 328 -45.35 -1.44 9.22
C PHE B 328 -46.00 -0.08 9.05
N ASP B 329 -46.38 0.57 10.14
CA ASP B 329 -46.96 1.91 10.04
C ASP B 329 -45.89 2.90 9.62
N PRO B 330 -46.10 3.67 8.54
CA PRO B 330 -45.03 4.57 8.07
C PRO B 330 -44.66 5.65 9.07
N THR B 331 -45.58 6.08 9.91
CA THR B 331 -45.32 7.13 10.89
C THR B 331 -44.70 6.60 12.17
N THR B 332 -44.17 5.38 12.17
CA THR B 332 -43.59 4.78 13.37
C THR B 332 -42.08 4.90 13.33
N GLU B 333 -41.50 5.37 14.43
CA GLU B 333 -40.06 5.57 14.55
C GLU B 333 -39.39 4.50 15.40
N GLN B 334 -40.00 4.10 16.50
CA GLN B 334 -39.45 3.08 17.38
C GLN B 334 -40.27 1.80 17.27
N GLY B 335 -39.59 0.66 17.32
CA GLY B 335 -40.25 -0.63 17.30
C GLY B 335 -40.09 -1.36 18.62
N PRO B 336 -40.35 -2.67 18.60
CA PRO B 336 -40.21 -3.48 19.82
C PRO B 336 -38.81 -4.04 20.01
N GLN B 337 -38.50 -4.35 21.26
CA GLN B 337 -37.27 -5.08 21.56
C GLN B 337 -37.39 -6.51 21.03
N ILE B 338 -36.23 -7.16 20.88
CA ILE B 338 -36.19 -8.39 20.08
C ILE B 338 -36.96 -9.53 20.74
N ASP B 339 -36.98 -9.61 22.07
CA ASP B 339 -37.75 -10.63 22.77
C ASP B 339 -37.90 -10.21 24.23
N LYS B 340 -38.49 -11.09 25.04
CA LYS B 340 -38.84 -10.75 26.42
C LYS B 340 -37.63 -10.72 27.33
N LYS B 341 -36.70 -11.67 27.18
CA LYS B 341 -35.53 -11.66 28.04
C LYS B 341 -34.68 -10.42 27.82
N GLN B 342 -34.52 -10.00 26.56
CA GLN B 342 -33.89 -8.70 26.29
C GLN B 342 -34.78 -7.57 26.77
N TYR B 343 -36.10 -7.73 26.67
CA TYR B 343 -37.03 -6.76 27.25
C TYR B 343 -36.95 -6.74 28.76
N ASN B 344 -36.68 -7.89 29.40
CA ASN B 344 -36.68 -7.98 30.85
C ASN B 344 -35.39 -7.44 31.46
N LYS B 345 -34.27 -7.55 30.75
CA LYS B 345 -32.99 -7.14 31.32
C LYS B 345 -32.84 -5.62 31.38
N ILE B 346 -33.41 -4.91 30.40
CA ILE B 346 -33.21 -3.46 30.39
C ILE B 346 -34.16 -2.78 31.37
N LEU B 347 -35.32 -3.38 31.65
CA LEU B 347 -36.17 -2.85 32.71
C LEU B 347 -35.54 -3.11 34.07
N GLU B 348 -34.89 -4.27 34.23
CA GLU B 348 -34.11 -4.54 35.44
C GLU B 348 -32.99 -3.52 35.61
N LEU B 349 -32.50 -2.94 34.52
CA LEU B 349 -31.49 -1.89 34.59
C LEU B 349 -32.10 -0.49 34.66
N ILE B 350 -33.31 -0.31 34.12
CA ILE B 350 -34.00 0.98 34.27
C ILE B 350 -34.26 1.25 35.74
N GLN B 351 -34.70 0.23 36.49
CA GLN B 351 -34.84 0.38 37.93
C GLN B 351 -33.49 0.49 38.62
N SER B 352 -32.41 0.05 37.97
CA SER B 352 -31.06 0.16 38.52
C SER B 352 -30.50 1.55 38.27
N GLY B 353 -31.39 2.54 38.17
CA GLY B 353 -30.99 3.92 38.07
C GLY B 353 -31.91 4.77 38.92
N VAL B 354 -33.21 4.47 38.85
CA VAL B 354 -34.17 5.14 39.73
C VAL B 354 -33.87 4.81 41.18
N ALA B 355 -33.37 3.61 41.44
CA ALA B 355 -33.00 3.17 42.78
C ALA B 355 -31.54 3.43 43.13
N GLU B 356 -30.69 3.72 42.13
CA GLU B 356 -29.28 3.98 42.37
C GLU B 356 -28.97 5.45 42.54
N GLY B 357 -29.99 6.30 42.64
CA GLY B 357 -29.82 7.72 42.86
C GLY B 357 -29.96 8.58 41.62
N ALA B 358 -30.02 7.98 40.43
CA ALA B 358 -30.15 8.74 39.21
C ALA B 358 -31.59 9.23 39.02
N LYS B 359 -31.73 10.39 38.39
CA LYS B 359 -33.04 10.98 38.14
C LYS B 359 -33.55 10.55 36.77
N LEU B 360 -34.84 10.22 36.73
CA LEU B 360 -35.50 9.91 35.47
C LEU B 360 -36.28 11.13 34.97
N GLU B 361 -36.35 11.26 33.65
CA GLU B 361 -37.02 12.39 33.01
C GLU B 361 -38.30 12.01 32.27
N CYS B 362 -38.41 10.77 31.79
CA CYS B 362 -39.62 10.28 31.13
C CYS B 362 -39.47 8.78 30.95
N GLY B 363 -40.57 8.15 30.51
CA GLY B 363 -40.61 6.74 30.20
C GLY B 363 -40.28 5.88 31.41
N GLY B 364 -39.77 4.68 31.13
CA GLY B 364 -39.36 3.75 32.15
C GLY B 364 -40.29 2.57 32.38
N LYS B 365 -41.32 2.39 31.54
CA LYS B 365 -42.25 1.29 31.74
C LYS B 365 -42.40 0.46 30.45
N GLY B 366 -43.43 0.78 29.67
CA GLY B 366 -43.75 0.09 28.45
C GLY B 366 -45.04 0.65 27.88
N LEU B 367 -45.83 -0.17 27.17
CA LEU B 367 -47.12 0.29 26.65
C LEU B 367 -48.20 -0.79 26.66
N GLY B 368 -48.02 -1.87 27.40
CA GLY B 368 -48.97 -2.97 27.41
C GLY B 368 -48.27 -4.29 27.14
N ARG B 369 -48.83 -5.03 26.19
CA ARG B 369 -48.20 -6.23 25.64
C ARG B 369 -48.68 -6.44 24.19
N LYS B 370 -48.64 -5.36 23.43
CA LYS B 370 -48.69 -5.36 21.96
C LYS B 370 -47.38 -6.03 21.36
N GLY B 371 -46.56 -6.56 22.27
CA GLY B 371 -45.24 -7.07 21.97
C GLY B 371 -44.31 -6.72 23.13
N PHE B 372 -43.03 -6.56 22.85
CA PHE B 372 -42.05 -6.16 23.85
C PHE B 372 -41.64 -4.73 23.55
N PHE B 373 -42.47 -3.78 23.98
CA PHE B 373 -42.26 -2.36 23.75
C PHE B 373 -41.92 -1.68 25.07
N ILE B 374 -40.86 -0.87 25.05
CA ILE B 374 -40.47 -0.07 26.21
C ILE B 374 -40.40 1.38 25.74
N GLU B 375 -41.17 2.24 26.39
CA GLU B 375 -41.34 3.61 25.93
C GLU B 375 -40.02 4.39 26.03
N PRO B 376 -39.84 5.41 25.16
CA PRO B 376 -38.61 6.21 25.21
C PRO B 376 -38.33 6.80 26.57
N THR B 377 -37.20 6.39 27.17
CA THR B 377 -36.82 6.77 28.52
C THR B 377 -35.56 7.62 28.48
N VAL B 378 -35.54 8.69 29.29
CA VAL B 378 -34.42 9.61 29.38
C VAL B 378 -34.00 9.71 30.84
N PHE B 379 -32.73 9.45 31.11
CA PHE B 379 -32.15 9.60 32.44
C PHE B 379 -31.45 10.95 32.54
N SER B 380 -30.93 11.25 33.73
CA SER B 380 -30.22 12.49 33.99
C SER B 380 -29.50 12.36 35.32
N ASN B 381 -28.50 13.24 35.51
CA ASN B 381 -27.73 13.31 36.75
C ASN B 381 -27.04 11.97 37.08
N VAL B 382 -26.75 11.18 36.06
CA VAL B 382 -26.10 9.90 36.28
C VAL B 382 -24.61 10.12 36.53
N THR B 383 -24.04 9.35 37.46
CA THR B 383 -22.62 9.35 37.73
C THR B 383 -21.98 8.18 37.01
N ASP B 384 -20.65 8.07 37.11
CA ASP B 384 -19.93 7.11 36.27
C ASP B 384 -19.93 5.69 36.85
N ASP B 385 -20.01 5.54 38.17
CA ASP B 385 -19.94 4.23 38.79
C ASP B 385 -21.32 3.71 39.19
N MET B 386 -22.35 4.04 38.41
CA MET B 386 -23.64 3.39 38.53
C MET B 386 -23.68 2.17 37.62
N ARG B 387 -24.50 1.19 38.01
CA ARG B 387 -24.70 0.04 37.14
C ARG B 387 -25.35 0.43 35.83
N ILE B 388 -26.01 1.59 35.79
CA ILE B 388 -26.65 2.05 34.57
C ILE B 388 -25.61 2.56 33.58
N ALA B 389 -24.61 3.30 34.07
CA ALA B 389 -23.59 3.91 33.23
C ALA B 389 -22.38 3.01 33.02
N LYS B 390 -22.58 1.69 32.96
CA LYS B 390 -21.44 0.78 32.87
C LYS B 390 -21.81 -0.59 32.32
N GLU B 391 -23.07 -0.81 31.97
CA GLU B 391 -23.53 -2.16 31.65
C GLU B 391 -24.26 -2.21 30.31
N GLU B 392 -25.00 -3.28 30.10
CA GLU B 392 -25.40 -3.77 28.77
C GLU B 392 -26.82 -3.37 28.41
N ILE B 393 -27.15 -2.09 28.55
CA ILE B 393 -28.52 -1.66 28.26
C ILE B 393 -28.66 -1.49 26.75
N PHE B 394 -29.12 -2.54 26.08
CA PHE B 394 -29.38 -2.52 24.65
C PHE B 394 -30.81 -2.09 24.34
N GLY B 395 -31.37 -1.19 25.15
CA GLY B 395 -32.69 -0.67 24.93
C GLY B 395 -32.69 0.82 24.73
N PRO B 396 -33.88 1.41 24.52
CA PRO B 396 -33.97 2.86 24.26
C PRO B 396 -33.82 3.68 25.54
N VAL B 397 -32.62 3.65 26.11
CA VAL B 397 -32.31 4.37 27.34
C VAL B 397 -31.16 5.34 27.04
N GLN B 398 -31.43 6.63 27.22
CA GLN B 398 -30.42 7.68 27.05
C GLN B 398 -29.90 8.11 28.41
N GLU B 399 -28.59 8.28 28.53
CA GLU B 399 -27.94 8.61 29.79
C GLU B 399 -27.15 9.90 29.60
N ILE B 400 -27.73 11.01 30.07
CA ILE B 400 -27.15 12.34 29.89
C ILE B 400 -26.35 12.69 31.12
N LEU B 401 -25.02 12.69 30.98
CA LEU B 401 -24.07 13.04 32.03
C LEU B 401 -23.68 14.50 31.91
N ARG B 402 -22.71 14.92 32.71
CA ARG B 402 -22.24 16.30 32.70
C ARG B 402 -20.75 16.32 33.00
N PHE B 403 -20.01 17.15 32.25
CA PHE B 403 -18.57 17.29 32.44
C PHE B 403 -18.20 18.76 32.40
N LYS B 404 -16.97 19.05 32.86
CA LYS B 404 -16.47 20.41 32.98
C LYS B 404 -15.30 20.68 32.03
N THR B 405 -14.23 19.89 32.11
CA THR B 405 -13.00 20.12 31.37
C THR B 405 -12.83 19.06 30.28
N MET B 406 -12.19 19.46 29.17
CA MET B 406 -11.84 18.49 28.14
C MET B 406 -10.91 17.42 28.68
N ASP B 407 -9.97 17.80 29.54
CA ASP B 407 -9.08 16.80 30.16
C ASP B 407 -9.87 15.81 31.00
N GLU B 408 -10.91 16.28 31.69
CA GLU B 408 -11.64 15.42 32.61
C GLU B 408 -12.50 14.40 31.88
N VAL B 409 -13.22 14.84 30.84
CA VAL B 409 -14.12 13.92 30.14
C VAL B 409 -13.35 12.89 29.34
N ILE B 410 -12.11 13.19 28.94
CA ILE B 410 -11.30 12.21 28.21
C ILE B 410 -10.90 11.06 29.14
N GLU B 411 -10.54 11.39 30.39
CA GLU B 411 -10.29 10.35 31.37
C GLU B 411 -11.55 9.55 31.68
N ARG B 412 -12.68 10.25 31.82
CA ARG B 412 -13.93 9.58 32.17
C ARG B 412 -14.48 8.78 31.01
N ALA B 413 -14.18 9.17 29.76
CA ALA B 413 -14.62 8.40 28.62
C ALA B 413 -13.72 7.20 28.36
N ASN B 414 -12.41 7.33 28.59
CA ASN B 414 -11.49 6.22 28.42
C ASN B 414 -11.57 5.20 29.55
N ASN B 415 -12.10 5.59 30.71
CA ASN B 415 -12.24 4.70 31.87
C ASN B 415 -13.37 3.71 31.59
N SER B 416 -13.04 2.69 30.79
CA SER B 416 -14.01 1.67 30.39
C SER B 416 -13.25 0.51 29.77
N ASP B 417 -13.61 -0.71 30.18
CA ASP B 417 -13.02 -1.90 29.57
C ASP B 417 -13.51 -2.12 28.15
N PHE B 418 -14.67 -1.54 27.79
CA PHE B 418 -15.20 -1.62 26.43
C PHE B 418 -14.44 -0.67 25.51
N GLY B 419 -15.12 0.33 24.97
CA GLY B 419 -14.48 1.30 24.12
C GLY B 419 -14.41 0.89 22.66
N LEU B 420 -15.56 0.66 22.05
CA LEU B 420 -15.61 0.29 20.64
C LEU B 420 -15.76 1.50 19.72
N VAL B 421 -16.33 2.58 20.22
CA VAL B 421 -16.72 3.72 19.40
C VAL B 421 -16.79 4.95 20.29
N ALA B 422 -16.58 6.13 19.70
CA ALA B 422 -16.69 7.40 20.41
C ALA B 422 -17.21 8.46 19.44
N ALA B 423 -17.46 9.66 19.97
CA ALA B 423 -17.97 10.76 19.17
C ALA B 423 -17.84 12.05 19.96
N VAL B 424 -17.46 13.12 19.27
CA VAL B 424 -17.30 14.43 19.89
C VAL B 424 -17.96 15.48 18.99
N PHE B 425 -18.77 16.35 19.59
CA PHE B 425 -19.46 17.42 18.88
C PHE B 425 -18.84 18.75 19.30
N THR B 426 -18.26 19.46 18.33
CA THR B 426 -17.64 20.75 18.59
C THR B 426 -17.28 21.39 17.25
N ASN B 427 -17.03 22.70 17.28
CA ASN B 427 -16.50 23.40 16.12
C ASN B 427 -15.04 23.80 16.27
N ASP B 428 -14.46 23.61 17.45
CA ASP B 428 -13.07 23.95 17.69
C ASP B 428 -12.16 22.91 17.05
N ILE B 429 -11.21 23.40 16.24
CA ILE B 429 -10.31 22.48 15.53
C ILE B 429 -9.40 21.75 16.51
N ASN B 430 -8.89 22.46 17.52
CA ASN B 430 -7.95 21.83 18.46
C ASN B 430 -8.66 20.92 19.45
N LYS B 431 -9.89 21.26 19.83
CA LYS B 431 -10.67 20.38 20.69
C LYS B 431 -11.01 19.08 19.96
N ALA B 432 -11.58 19.18 18.76
CA ALA B 432 -11.97 17.98 18.03
C ALA B 432 -10.78 17.09 17.72
N LEU B 433 -9.60 17.68 17.53
CA LEU B 433 -8.42 16.87 17.21
C LEU B 433 -7.82 16.26 18.46
N THR B 434 -7.74 17.00 19.56
CA THR B 434 -7.18 16.46 20.79
C THR B 434 -8.04 15.35 21.35
N VAL B 435 -9.37 15.55 21.37
CA VAL B 435 -10.27 14.55 21.94
C VAL B 435 -10.31 13.30 21.08
N SER B 436 -10.40 13.46 19.76
CA SER B 436 -10.50 12.30 18.89
C SER B 436 -9.23 11.47 18.90
N SER B 437 -8.07 12.10 19.13
CA SER B 437 -6.82 11.35 19.19
C SER B 437 -6.61 10.71 20.57
N ALA B 438 -7.21 11.28 21.62
CA ALA B 438 -7.07 10.76 22.98
C ALA B 438 -8.08 9.68 23.29
N MET B 439 -9.01 9.40 22.39
CA MET B 439 -10.02 8.38 22.65
C MET B 439 -9.43 6.99 22.45
N GLN B 440 -9.84 6.06 23.30
CA GLN B 440 -9.42 4.66 23.19
C GLN B 440 -10.52 3.84 22.50
N ALA B 441 -10.84 4.23 21.27
CA ALA B 441 -11.89 3.59 20.50
C ALA B 441 -11.42 3.36 19.07
N GLY B 442 -12.07 2.39 18.41
CA GLY B 442 -11.74 2.08 17.03
C GLY B 442 -12.38 3.00 16.01
N THR B 443 -13.48 3.65 16.37
CA THR B 443 -14.15 4.61 15.51
C THR B 443 -14.56 5.80 16.36
N VAL B 444 -14.26 7.01 15.89
CA VAL B 444 -14.66 8.23 16.58
C VAL B 444 -15.15 9.22 15.54
N TRP B 445 -16.36 9.73 15.76
CA TRP B 445 -16.99 10.66 14.83
C TRP B 445 -16.88 12.07 15.36
N ILE B 446 -16.88 13.04 14.44
CA ILE B 446 -16.85 14.45 14.77
C ILE B 446 -18.05 15.09 14.10
N ASN B 447 -18.95 15.64 14.91
CA ASN B 447 -20.17 16.29 14.43
C ASN B 447 -21.05 15.32 13.64
N CYS B 448 -21.05 14.07 14.06
CA CYS B 448 -21.95 13.05 13.52
C CYS B 448 -21.90 11.85 14.47
N TYR B 449 -22.70 10.84 14.16
CA TYR B 449 -22.71 9.61 14.94
C TYR B 449 -23.29 8.49 14.09
N ASN B 450 -22.80 7.28 14.32
CA ASN B 450 -23.24 6.05 13.65
C ASN B 450 -23.06 6.10 12.14
N ALA B 451 -22.33 7.09 11.62
CA ALA B 451 -22.12 7.22 10.19
C ALA B 451 -21.19 6.14 9.67
N LEU B 452 -21.65 4.89 9.70
CA LEU B 452 -20.88 3.78 9.15
C LEU B 452 -21.03 3.74 7.64
N ASN B 453 -19.93 3.39 6.96
CA ASN B 453 -19.93 3.29 5.51
C ASN B 453 -19.22 2.00 5.10
N ALA B 454 -19.40 1.63 3.83
CA ALA B 454 -18.81 0.40 3.32
C ALA B 454 -17.29 0.51 3.21
N GLN B 455 -16.77 1.71 2.97
CA GLN B 455 -15.36 1.90 2.68
C GLN B 455 -14.47 2.00 3.92
N SER B 456 -15.05 2.28 5.10
CA SER B 456 -14.25 2.57 6.28
C SER B 456 -14.23 1.39 7.25
N PRO B 457 -13.06 0.96 7.72
CA PRO B 457 -13.00 -0.21 8.60
C PRO B 457 -13.63 0.06 9.95
N PHE B 458 -14.17 -1.00 10.54
CA PHE B 458 -14.86 -0.94 11.81
C PHE B 458 -14.33 -2.04 12.73
N GLY B 459 -14.01 -1.69 13.96
CA GLY B 459 -13.48 -2.63 14.92
C GLY B 459 -13.51 -2.04 16.32
N GLY B 460 -12.98 -2.80 17.25
CA GLY B 460 -13.04 -2.42 18.66
C GLY B 460 -11.69 -2.44 19.35
N PHE B 461 -11.50 -1.47 20.23
CA PHE B 461 -10.33 -1.41 21.10
C PHE B 461 -10.57 -2.23 22.35
N LYS B 462 -9.46 -2.55 23.03
CA LYS B 462 -9.47 -3.15 24.37
C LYS B 462 -10.26 -4.46 24.33
N MET B 463 -11.31 -4.62 25.14
CA MET B 463 -12.02 -5.87 25.31
C MET B 463 -13.31 -5.94 24.49
N SER B 464 -13.35 -5.26 23.35
CA SER B 464 -14.51 -5.38 22.46
C SER B 464 -14.23 -4.90 21.03
N GLY B 465 -13.27 -5.50 20.33
CA GLY B 465 -12.43 -6.59 20.81
C GLY B 465 -11.97 -7.51 19.69
N ASN B 466 -10.70 -7.34 19.27
CA ASN B 466 -10.04 -8.20 18.28
C ASN B 466 -10.58 -7.99 16.86
N GLY B 467 -9.70 -7.63 15.93
CA GLY B 467 -10.02 -7.67 14.51
C GLY B 467 -10.75 -6.44 14.01
N ARG B 468 -10.70 -6.26 12.68
CA ARG B 468 -11.37 -5.17 12.00
C ARG B 468 -12.16 -5.72 10.81
N GLU B 469 -13.28 -5.05 10.49
CA GLU B 469 -14.10 -5.43 9.36
C GLU B 469 -14.53 -4.19 8.58
N MET B 470 -15.04 -4.43 7.37
CA MET B 470 -15.82 -3.45 6.58
C MET B 470 -14.95 -2.33 6.01
N GLY B 471 -13.77 -2.68 5.52
CA GLY B 471 -12.97 -1.75 4.75
C GLY B 471 -11.98 -2.49 3.90
N GLU B 472 -10.86 -1.83 3.59
CA GLU B 472 -9.73 -2.57 3.07
C GLU B 472 -9.18 -3.51 4.14
N PHE B 473 -9.13 -3.05 5.39
CA PHE B 473 -8.56 -3.86 6.46
C PHE B 473 -9.44 -5.04 6.81
N GLY B 474 -10.72 -5.00 6.47
CA GLY B 474 -11.57 -6.16 6.65
C GLY B 474 -11.13 -7.33 5.79
N LEU B 475 -10.53 -7.06 4.63
CA LEU B 475 -9.97 -8.14 3.81
C LEU B 475 -8.84 -8.86 4.53
N ARG B 476 -7.98 -8.12 5.23
CA ARG B 476 -6.86 -8.71 5.96
C ARG B 476 -7.31 -9.84 6.88
N GLU B 477 -8.50 -9.69 7.46
CA GLU B 477 -9.05 -10.65 8.40
C GLU B 477 -9.39 -11.98 7.77
N TYR B 478 -9.48 -12.07 6.43
CA TYR B 478 -9.92 -13.30 5.75
C TYR B 478 -8.87 -13.81 4.77
N SER B 479 -7.63 -13.38 4.90
CA SER B 479 -6.58 -13.80 3.98
C SER B 479 -5.40 -14.36 4.76
N GLU B 480 -4.68 -15.28 4.13
CA GLU B 480 -3.46 -15.84 4.69
C GLU B 480 -2.28 -15.38 3.85
N VAL B 481 -1.20 -14.96 4.50
CA VAL B 481 -0.02 -14.49 3.81
C VAL B 481 0.96 -15.66 3.66
N LYS B 482 1.34 -15.97 2.43
CA LYS B 482 2.33 -16.99 2.13
C LYS B 482 3.53 -16.32 1.48
N THR B 483 4.72 -16.53 2.04
CA THR B 483 5.95 -16.00 1.47
C THR B 483 6.59 -17.06 0.60
N VAL B 484 7.06 -16.65 -0.57
CA VAL B 484 7.76 -17.53 -1.51
C VAL B 484 9.11 -16.91 -1.82
N THR B 485 10.18 -17.66 -1.56
CA THR B 485 11.54 -17.20 -1.79
C THR B 485 12.22 -18.15 -2.76
N VAL B 486 12.81 -17.61 -3.82
CA VAL B 486 13.44 -18.38 -4.87
C VAL B 486 14.90 -17.99 -4.94
N LYS B 487 15.79 -18.98 -4.87
CA LYS B 487 17.21 -18.73 -5.08
C LYS B 487 17.46 -18.37 -6.54
N ILE B 488 18.05 -17.20 -6.77
CA ILE B 488 18.35 -16.73 -8.12
C ILE B 488 19.87 -16.72 -8.33
N PRO B 489 20.35 -16.71 -9.58
CA PRO B 489 21.82 -16.71 -9.77
C PRO B 489 22.51 -15.44 -9.32
N GLN B 490 21.92 -14.26 -9.52
CA GLN B 490 22.60 -13.05 -9.08
C GLN B 490 21.61 -11.92 -8.81
N LYS B 491 21.99 -11.09 -7.84
CA LYS B 491 21.28 -9.89 -7.39
C LYS B 491 20.92 -8.92 -8.51
N ASN B 492 21.77 -7.91 -8.74
CA ASN B 492 21.48 -6.80 -9.66
C ASN B 492 20.21 -6.07 -9.23
N SER B 493 20.38 -4.99 -8.47
CA SER B 493 19.25 -4.28 -7.88
C SER B 493 19.33 -2.79 -8.20
N PRO C 2 -21.03 -15.89 -32.78
CA PRO C 2 -21.82 -14.72 -33.16
C PRO C 2 -21.59 -14.41 -34.64
N SER C 3 -22.33 -13.42 -35.12
CA SER C 3 -22.29 -13.06 -36.53
C SER C 3 -22.26 -11.54 -36.67
N PRO C 4 -21.55 -11.02 -37.67
CA PRO C 4 -21.51 -9.58 -37.89
C PRO C 4 -22.91 -9.01 -38.10
N THR C 5 -23.11 -7.78 -37.61
CA THR C 5 -24.40 -7.13 -37.71
C THR C 5 -24.73 -6.84 -39.18
N PRO C 6 -25.84 -7.36 -39.70
CA PRO C 6 -26.15 -7.14 -41.13
C PRO C 6 -26.71 -5.76 -41.36
N ASN C 7 -26.28 -5.16 -42.48
CA ASN C 7 -26.80 -3.88 -42.96
C ASN C 7 -26.79 -2.84 -41.84
N LEU C 8 -25.63 -2.66 -41.23
CA LEU C 8 -25.48 -1.77 -40.08
C LEU C 8 -25.10 -0.37 -40.55
N GLU C 9 -25.85 0.62 -40.09
CA GLU C 9 -25.64 2.01 -40.48
C GLU C 9 -24.83 2.73 -39.42
N ILE C 10 -23.97 3.64 -39.87
CA ILE C 10 -23.18 4.48 -38.98
C ILE C 10 -24.08 5.64 -38.54
N LYS C 11 -24.64 5.54 -37.33
CA LYS C 11 -25.62 6.51 -36.87
C LYS C 11 -24.98 7.79 -36.35
N TYR C 12 -23.79 7.70 -35.74
CA TYR C 12 -23.16 8.83 -35.06
C TYR C 12 -21.90 9.25 -35.82
N THR C 13 -21.97 10.41 -36.47
CA THR C 13 -20.83 10.96 -37.21
C THR C 13 -20.53 12.40 -36.78
N LYS C 14 -21.12 12.88 -35.71
CA LYS C 14 -20.96 14.26 -35.31
C LYS C 14 -19.85 14.38 -34.27
N ILE C 15 -19.84 15.47 -33.52
CA ILE C 15 -18.81 15.75 -32.52
C ILE C 15 -19.50 15.82 -31.16
N PHE C 16 -18.93 15.11 -30.19
CA PHE C 16 -19.57 14.90 -28.89
C PHE C 16 -19.00 15.89 -27.89
N ILE C 17 -19.71 17.01 -27.69
CA ILE C 17 -19.37 17.99 -26.66
C ILE C 17 -20.58 18.18 -25.76
N ASN C 18 -20.37 18.07 -24.45
CA ASN C 18 -21.40 18.33 -23.45
C ASN C 18 -22.62 17.44 -23.64
N ASN C 19 -22.38 16.15 -23.92
CA ASN C 19 -23.44 15.16 -24.11
C ASN C 19 -24.38 15.54 -25.25
N GLU C 20 -23.84 16.18 -26.29
CA GLU C 20 -24.63 16.59 -27.44
C GLU C 20 -23.79 16.44 -28.70
N TRP C 21 -24.48 16.30 -29.83
CA TRP C 21 -23.83 16.13 -31.12
C TRP C 21 -23.76 17.47 -31.84
N GLN C 22 -22.60 17.80 -32.37
CA GLN C 22 -22.37 19.09 -33.02
C GLN C 22 -21.62 18.90 -34.32
N ASN C 23 -21.70 19.92 -35.17
CA ASN C 23 -20.93 19.96 -36.41
C ASN C 23 -19.64 20.74 -36.19
N SER C 24 -18.75 20.68 -37.18
CA SER C 24 -17.54 21.49 -37.16
C SER C 24 -17.92 22.98 -37.23
N GLU C 25 -17.22 23.79 -36.43
CA GLU C 25 -17.45 25.23 -36.49
C GLU C 25 -17.11 25.78 -37.86
N SER C 26 -16.11 25.21 -38.52
CA SER C 26 -15.84 25.54 -39.91
C SER C 26 -16.84 24.91 -40.86
N GLY C 27 -17.39 23.75 -40.48
CA GLY C 27 -18.21 22.97 -41.38
C GLY C 27 -17.46 21.90 -42.15
N ARG C 28 -16.16 21.77 -41.92
CA ARG C 28 -15.37 20.78 -42.65
C ARG C 28 -15.74 19.36 -42.21
N VAL C 29 -15.41 18.41 -43.07
CA VAL C 29 -15.77 17.01 -42.89
C VAL C 29 -14.69 16.17 -43.58
N PHE C 30 -14.35 15.03 -42.98
CA PHE C 30 -13.38 14.10 -43.53
C PHE C 30 -13.98 12.70 -43.63
N PRO C 31 -13.54 11.91 -44.59
CA PRO C 31 -14.14 10.58 -44.79
C PRO C 31 -13.37 9.48 -44.07
N VAL C 32 -14.09 8.39 -43.81
CA VAL C 32 -13.54 7.20 -43.18
C VAL C 32 -13.67 6.04 -44.15
N TYR C 33 -12.68 5.15 -44.14
CA TYR C 33 -12.55 4.13 -45.17
C TYR C 33 -12.58 2.72 -44.59
N ASN C 34 -12.85 1.77 -45.48
CA ASN C 34 -12.80 0.35 -45.18
C ASN C 34 -11.49 -0.20 -45.73
N PRO C 35 -10.50 -0.53 -44.89
CA PRO C 35 -9.21 -0.98 -45.42
C PRO C 35 -9.26 -2.34 -46.11
N ALA C 36 -10.30 -3.13 -45.90
CA ALA C 36 -10.43 -4.40 -46.60
C ALA C 36 -10.87 -4.22 -48.05
N THR C 37 -11.23 -3.00 -48.44
CA THR C 37 -11.96 -2.76 -49.68
C THR C 37 -11.65 -1.42 -50.30
N GLY C 38 -11.24 -0.41 -49.53
CA GLY C 38 -11.08 0.93 -50.04
C GLY C 38 -12.35 1.74 -50.17
N GLU C 39 -13.53 1.13 -49.96
CA GLU C 39 -14.79 1.87 -49.99
C GLU C 39 -14.77 2.99 -48.95
N GLN C 40 -15.40 4.11 -49.31
CA GLN C 40 -15.67 5.17 -48.35
C GLN C 40 -16.85 4.76 -47.47
N VAL C 41 -16.58 4.60 -46.17
CA VAL C 41 -17.62 4.12 -45.27
C VAL C 41 -18.64 5.21 -45.02
N CYS C 42 -18.18 6.39 -44.61
CA CYS C 42 -19.08 7.48 -44.27
C CYS C 42 -18.27 8.77 -44.22
N GLU C 43 -18.86 9.81 -43.62
CA GLU C 43 -18.22 11.10 -43.47
C GLU C 43 -18.46 11.60 -42.05
N VAL C 44 -17.39 12.04 -41.39
CA VAL C 44 -17.44 12.49 -40.01
C VAL C 44 -17.00 13.95 -39.95
N GLN C 45 -17.58 14.70 -39.01
CA GLN C 45 -17.18 16.08 -38.80
C GLN C 45 -15.71 16.14 -38.35
N GLU C 46 -15.03 17.22 -38.74
CA GLU C 46 -13.61 17.40 -38.47
C GLU C 46 -13.44 18.55 -37.47
N ALA C 47 -13.05 18.21 -36.26
CA ALA C 47 -12.83 19.21 -35.22
C ALA C 47 -11.46 19.86 -35.38
N ASP C 48 -11.31 21.02 -34.76
CA ASP C 48 -10.02 21.70 -34.76
C ASP C 48 -9.98 22.66 -33.57
N LYS C 49 -9.09 23.66 -33.66
CA LYS C 49 -8.81 24.53 -32.51
C LYS C 49 -10.08 25.22 -32.00
N ALA C 50 -10.98 25.60 -32.90
CA ALA C 50 -12.24 26.19 -32.45
C ALA C 50 -13.08 25.17 -31.70
N ASP C 51 -13.17 23.94 -32.22
CA ASP C 51 -13.98 22.91 -31.57
C ASP C 51 -13.29 22.35 -30.33
N ILE C 52 -11.96 22.22 -30.38
CA ILE C 52 -11.22 21.77 -29.21
C ILE C 52 -11.40 22.75 -28.05
N ASP C 53 -11.41 24.05 -28.36
CA ASP C 53 -11.60 25.05 -27.32
C ASP C 53 -12.95 24.91 -26.64
N LYS C 54 -14.00 24.59 -27.41
CA LYS C 54 -15.33 24.43 -26.83
C LYS C 54 -15.43 23.12 -26.04
N ALA C 55 -14.64 22.11 -26.40
CA ALA C 55 -14.61 20.88 -25.61
C ALA C 55 -13.93 21.12 -24.26
N VAL C 56 -12.86 21.92 -24.25
CA VAL C 56 -12.17 22.21 -23.00
C VAL C 56 -13.07 23.02 -22.08
N GLN C 57 -13.84 23.95 -22.64
CA GLN C 57 -14.76 24.74 -21.84
C GLN C 57 -15.82 23.87 -21.20
N ALA C 58 -16.35 22.90 -21.95
CA ALA C 58 -17.33 21.98 -21.39
C ALA C 58 -16.70 21.08 -20.35
N ALA C 59 -15.49 20.60 -20.61
CA ALA C 59 -14.80 19.75 -19.65
C ALA C 59 -14.42 20.53 -18.40
N ARG C 60 -14.04 21.81 -18.55
CA ARG C 60 -13.66 22.61 -17.39
C ARG C 60 -14.86 22.91 -16.50
N LEU C 61 -16.03 23.12 -17.10
CA LEU C 61 -17.22 23.38 -16.31
C LEU C 61 -17.72 22.11 -15.64
N ALA C 62 -17.69 20.98 -16.35
CA ALA C 62 -18.07 19.71 -15.75
C ALA C 62 -17.14 19.30 -14.61
N PHE C 63 -15.95 19.91 -14.53
CA PHE C 63 -15.00 19.67 -13.45
C PHE C 63 -15.06 20.75 -12.39
N SER C 64 -15.89 21.77 -12.58
CA SER C 64 -15.94 22.91 -11.67
C SER C 64 -16.23 22.46 -10.24
N LEU C 65 -15.70 23.23 -9.29
CA LEU C 65 -15.93 22.93 -7.89
C LEU C 65 -17.42 22.94 -7.58
N GLY C 66 -17.88 21.95 -6.84
CA GLY C 66 -19.30 21.86 -6.55
C GLY C 66 -20.14 21.45 -7.74
N SER C 67 -19.56 20.80 -8.73
CA SER C 67 -20.32 20.31 -9.87
C SER C 67 -21.03 19.01 -9.51
N VAL C 68 -21.75 18.46 -10.47
CA VAL C 68 -22.35 17.14 -10.28
C VAL C 68 -21.26 16.07 -10.29
N TRP C 69 -20.31 16.18 -11.22
CA TRP C 69 -19.24 15.20 -11.32
C TRP C 69 -18.30 15.27 -10.11
N ARG C 70 -18.18 16.43 -9.49
CA ARG C 70 -17.27 16.58 -8.36
C ARG C 70 -17.91 16.10 -7.05
N ARG C 71 -19.10 16.60 -6.73
CA ARG C 71 -19.78 16.23 -5.49
C ARG C 71 -20.25 14.77 -5.48
N MET C 72 -20.25 14.12 -6.64
CA MET C 72 -20.77 12.77 -6.74
C MET C 72 -19.96 11.81 -5.87
N ASP C 73 -20.66 10.90 -5.20
CA ASP C 73 -19.97 9.85 -4.47
C ASP C 73 -19.06 9.09 -5.41
N ALA C 74 -17.84 8.79 -4.94
CA ALA C 74 -16.92 8.02 -5.76
C ALA C 74 -17.49 6.65 -6.10
N SER C 75 -18.36 6.11 -5.25
CA SER C 75 -18.92 4.80 -5.48
C SER C 75 -19.85 4.80 -6.69
N GLU C 76 -20.59 5.90 -6.89
CA GLU C 76 -21.44 6.02 -8.07
C GLU C 76 -20.62 6.32 -9.33
N ARG C 77 -19.44 6.94 -9.19
CA ARG C 77 -18.53 7.00 -10.32
C ARG C 77 -18.22 5.60 -10.84
N GLY C 78 -18.08 4.64 -9.92
CA GLY C 78 -17.88 3.25 -10.34
C GLY C 78 -19.12 2.63 -10.93
N ARG C 79 -20.30 2.93 -10.37
CA ARG C 79 -21.53 2.38 -10.93
C ARG C 79 -21.86 2.99 -12.28
N LEU C 80 -21.42 4.23 -12.53
CA LEU C 80 -21.54 4.80 -13.86
C LEU C 80 -20.63 4.07 -14.85
N LEU C 81 -19.44 3.67 -14.39
CA LEU C 81 -18.54 2.90 -15.25
C LEU C 81 -18.98 1.45 -15.37
N ASP C 82 -19.58 0.89 -14.31
CA ASP C 82 -20.17 -0.43 -14.44
C ASP C 82 -21.33 -0.42 -15.43
N LYS C 83 -22.11 0.67 -15.46
CA LYS C 83 -23.23 0.77 -16.40
C LYS C 83 -22.74 0.84 -17.84
N LEU C 84 -21.65 1.58 -18.09
CA LEU C 84 -21.08 1.63 -19.43
C LEU C 84 -20.69 0.24 -19.90
N ALA C 85 -20.15 -0.59 -18.99
CA ALA C 85 -19.78 -1.95 -19.35
C ALA C 85 -20.99 -2.76 -19.79
N ASP C 86 -22.14 -2.54 -19.14
CA ASP C 86 -23.35 -3.27 -19.51
C ASP C 86 -23.82 -2.88 -20.91
N LEU C 87 -23.89 -1.57 -21.19
CA LEU C 87 -24.27 -1.12 -22.53
C LEU C 87 -23.33 -1.67 -23.61
N VAL C 88 -22.03 -1.69 -23.33
CA VAL C 88 -21.09 -2.28 -24.28
C VAL C 88 -21.37 -3.77 -24.46
N GLU C 89 -21.61 -4.48 -23.35
CA GLU C 89 -21.95 -5.89 -23.45
C GLU C 89 -23.23 -6.10 -24.24
N ARG C 90 -24.21 -5.21 -24.05
CA ARG C 90 -25.45 -5.30 -24.83
C ARG C 90 -25.18 -5.10 -26.32
N ASP C 91 -24.55 -3.99 -26.67
CA ASP C 91 -24.21 -3.68 -28.06
C ASP C 91 -22.88 -4.28 -28.47
N ARG C 92 -22.58 -5.51 -28.04
CA ARG C 92 -21.27 -6.09 -28.29
C ARG C 92 -21.08 -6.47 -29.75
N ALA C 93 -22.09 -7.10 -30.37
CA ALA C 93 -21.96 -7.50 -31.77
C ALA C 93 -21.80 -6.30 -32.68
N VAL C 94 -22.45 -5.18 -32.37
CA VAL C 94 -22.37 -3.99 -33.21
C VAL C 94 -20.97 -3.38 -33.15
N LEU C 95 -20.40 -3.30 -31.95
CA LEU C 95 -19.07 -2.70 -31.78
C LEU C 95 -17.99 -3.55 -32.43
N ALA C 96 -18.06 -4.87 -32.26
CA ALA C 96 -17.12 -5.75 -32.95
C ALA C 96 -17.29 -5.64 -34.46
N THR C 97 -18.53 -5.48 -34.92
CA THR C 97 -18.77 -5.23 -36.34
C THR C 97 -18.20 -3.87 -36.75
N MET C 98 -18.53 -2.82 -35.99
CA MET C 98 -18.02 -1.49 -36.29
C MET C 98 -16.50 -1.45 -36.27
N GLU C 99 -15.86 -2.25 -35.40
CA GLU C 99 -14.41 -2.29 -35.38
C GLU C 99 -13.85 -3.07 -36.56
N SER C 100 -14.59 -4.08 -37.04
CA SER C 100 -14.12 -4.85 -38.18
C SER C 100 -14.23 -4.05 -39.46
N LEU C 101 -15.35 -3.36 -39.66
CA LEU C 101 -15.55 -2.58 -40.87
C LEU C 101 -14.62 -1.36 -40.92
N ASN C 102 -14.19 -0.87 -39.75
CA ASN C 102 -13.40 0.36 -39.67
C ASN C 102 -11.91 0.09 -39.55
N GLY C 103 -11.52 -0.85 -38.69
CA GLY C 103 -10.11 -1.09 -38.44
C GLY C 103 -9.54 -2.23 -39.25
N GLY C 104 -10.41 -3.06 -39.82
CA GLY C 104 -9.96 -4.16 -40.62
C GLY C 104 -9.63 -5.41 -39.82
N LYS C 105 -10.24 -5.59 -38.69
CA LYS C 105 -9.98 -6.76 -37.89
C LYS C 105 -11.03 -7.83 -38.14
N PRO C 106 -10.65 -9.11 -38.07
CA PRO C 106 -11.67 -10.17 -38.14
C PRO C 106 -12.73 -9.99 -37.06
N PHE C 107 -13.98 -10.26 -37.44
CA PHE C 107 -15.09 -9.97 -36.53
C PHE C 107 -15.02 -10.80 -35.27
N LEU C 108 -14.61 -12.06 -35.37
CA LEU C 108 -14.60 -12.94 -34.21
C LEU C 108 -13.49 -12.55 -33.24
N GLN C 109 -12.32 -12.17 -33.76
CA GLN C 109 -11.27 -11.65 -32.89
C GLN C 109 -11.68 -10.31 -32.29
N ALA C 110 -12.23 -9.42 -33.10
CA ALA C 110 -12.79 -8.18 -32.55
C ALA C 110 -13.84 -8.49 -31.49
N PHE C 111 -14.60 -9.57 -31.65
CA PHE C 111 -15.63 -9.92 -30.68
C PHE C 111 -15.02 -10.53 -29.43
N TYR C 112 -14.17 -11.54 -29.59
CA TYR C 112 -13.65 -12.31 -28.47
C TYR C 112 -12.43 -11.68 -27.79
N VAL C 113 -11.68 -10.84 -28.50
CA VAL C 113 -10.46 -10.28 -27.92
C VAL C 113 -10.66 -8.82 -27.54
N ASP C 114 -10.86 -7.96 -28.54
CA ASP C 114 -10.94 -6.53 -28.29
C ASP C 114 -12.04 -6.21 -27.29
N LEU C 115 -13.28 -6.60 -27.59
CA LEU C 115 -14.41 -6.19 -26.75
C LEU C 115 -14.39 -6.89 -25.40
N GLN C 116 -13.84 -8.10 -25.32
CA GLN C 116 -13.67 -8.73 -24.02
C GLN C 116 -12.77 -7.90 -23.12
N GLY C 117 -11.70 -7.35 -23.68
CA GLY C 117 -10.85 -6.45 -22.90
C GLY C 117 -11.49 -5.11 -22.63
N VAL C 118 -12.31 -4.61 -23.55
CA VAL C 118 -13.02 -3.36 -23.34
C VAL C 118 -13.98 -3.50 -22.17
N ILE C 119 -14.76 -4.58 -22.15
CA ILE C 119 -15.71 -4.82 -21.07
C ILE C 119 -14.97 -4.99 -19.75
N LYS C 120 -13.91 -5.80 -19.76
CA LYS C 120 -13.17 -6.06 -18.53
C LYS C 120 -12.54 -4.79 -17.97
N THR C 121 -12.01 -3.94 -18.85
CA THR C 121 -11.34 -2.73 -18.39
C THR C 121 -12.31 -1.81 -17.66
N PHE C 122 -13.56 -1.73 -18.13
CA PHE C 122 -14.54 -0.87 -17.46
C PHE C 122 -14.97 -1.46 -16.12
N ARG C 123 -15.29 -2.76 -16.10
CA ARG C 123 -15.69 -3.39 -14.85
C ARG C 123 -14.56 -3.34 -13.82
N TYR C 124 -13.32 -3.49 -14.27
CA TYR C 124 -12.19 -3.44 -13.35
C TYR C 124 -12.11 -2.08 -12.68
N TYR C 125 -11.98 -1.02 -13.47
CA TYR C 125 -11.86 0.31 -12.91
C TYR C 125 -13.14 0.81 -12.27
N ALA C 126 -14.28 0.13 -12.51
CA ALA C 126 -15.49 0.46 -11.77
C ALA C 126 -15.33 0.17 -10.28
N GLY C 127 -14.49 -0.80 -9.90
CA GLY C 127 -14.26 -1.12 -8.51
C GLY C 127 -13.22 -0.25 -7.81
N TRP C 128 -12.26 0.28 -8.58
CA TRP C 128 -11.25 1.18 -8.03
C TRP C 128 -11.82 2.52 -7.57
N ALA C 129 -12.97 2.92 -8.09
CA ALA C 129 -13.41 4.32 -7.99
C ALA C 129 -13.46 4.78 -6.54
N ASP C 130 -14.04 3.97 -5.66
CA ASP C 130 -14.15 4.29 -4.24
C ASP C 130 -13.07 3.60 -3.40
N LYS C 131 -12.02 3.11 -4.03
CA LYS C 131 -10.90 2.52 -3.30
C LYS C 131 -9.60 3.28 -3.54
N ILE C 132 -9.68 4.53 -3.96
CA ILE C 132 -8.50 5.37 -4.16
C ILE C 132 -8.13 5.99 -2.81
N HIS C 133 -7.00 5.57 -2.24
CA HIS C 133 -6.64 5.91 -0.87
C HIS C 133 -5.42 6.83 -0.81
N GLY C 134 -5.48 7.79 0.09
CA GLY C 134 -4.32 8.56 0.49
C GLY C 134 -3.69 7.96 1.72
N MET C 135 -3.04 8.79 2.52
CA MET C 135 -2.34 8.25 3.67
C MET C 135 -2.22 9.30 4.76
N THR C 136 -2.22 8.85 6.01
CA THR C 136 -1.88 9.67 7.17
C THR C 136 -0.47 9.31 7.61
N ILE C 137 0.39 10.31 7.71
CA ILE C 137 1.84 10.11 7.85
C ILE C 137 2.24 10.46 9.28
N PRO C 138 2.90 9.53 10.02
CA PRO C 138 3.45 9.88 11.33
C PRO C 138 4.68 10.77 11.19
N VAL C 139 4.55 12.04 11.54
CA VAL C 139 5.50 13.05 11.12
C VAL C 139 6.07 13.78 12.33
N ASP C 140 7.30 14.26 12.21
CA ASP C 140 7.97 14.92 13.32
C ASP C 140 7.24 16.20 13.70
N GLY C 141 7.26 16.52 14.98
CA GLY C 141 6.62 17.72 15.48
C GLY C 141 5.14 17.53 15.75
N ASP C 142 4.58 18.48 16.50
CA ASP C 142 3.17 18.44 16.87
C ASP C 142 2.28 18.73 15.68
N TYR C 143 2.24 17.81 14.72
CA TYR C 143 1.44 17.98 13.51
C TYR C 143 0.67 16.70 13.21
N PHE C 144 -0.36 16.84 12.39
CA PHE C 144 -1.11 15.72 11.85
C PHE C 144 -1.19 15.92 10.34
N THR C 145 -0.51 15.06 9.58
CA THR C 145 -0.37 15.21 8.13
C THR C 145 -1.10 14.07 7.44
N PHE C 146 -1.88 14.40 6.41
CA PHE C 146 -2.54 13.40 5.59
C PHE C 146 -2.53 13.86 4.13
N THR C 147 -2.83 12.95 3.22
CA THR C 147 -2.89 13.26 1.80
C THR C 147 -4.25 12.85 1.26
N ARG C 148 -4.65 13.52 0.18
CA ARG C 148 -5.89 13.17 -0.52
C ARG C 148 -5.60 13.14 -2.01
N HIS C 149 -5.98 12.04 -2.66
CA HIS C 149 -5.73 11.84 -4.08
C HIS C 149 -6.87 12.47 -4.88
N GLU C 150 -6.64 13.67 -5.36
CA GLU C 150 -7.64 14.39 -6.14
C GLU C 150 -7.38 14.22 -7.64
N PRO C 151 -8.42 14.23 -8.45
CA PRO C 151 -8.21 14.18 -9.91
C PRO C 151 -7.51 15.43 -10.40
N ILE C 152 -6.69 15.26 -11.46
CA ILE C 152 -5.87 16.36 -11.97
C ILE C 152 -6.76 17.47 -12.54
N GLY C 153 -7.65 17.12 -13.45
CA GLY C 153 -8.55 18.09 -14.06
C GLY C 153 -9.01 17.66 -15.44
N VAL C 154 -8.89 18.56 -16.40
CA VAL C 154 -9.22 18.25 -17.79
C VAL C 154 -8.05 17.48 -18.41
N CYS C 155 -8.33 16.27 -18.89
CA CYS C 155 -7.30 15.40 -19.46
C CYS C 155 -7.56 15.25 -20.95
N GLY C 156 -6.55 15.62 -21.75
CA GLY C 156 -6.61 15.37 -23.19
C GLY C 156 -5.95 14.05 -23.54
N GLN C 157 -6.61 13.29 -24.40
CA GLN C 157 -6.17 11.95 -24.74
C GLN C 157 -6.21 11.76 -26.25
N ILE C 158 -5.14 11.19 -26.80
CA ILE C 158 -5.01 10.93 -28.22
C ILE C 158 -4.67 9.45 -28.39
N ILE C 159 -5.50 8.72 -29.12
CA ILE C 159 -5.34 7.28 -29.26
C ILE C 159 -5.06 6.94 -30.72
N PRO C 160 -4.37 5.83 -31.00
CA PRO C 160 -4.09 5.47 -32.40
C PRO C 160 -5.18 4.61 -33.01
N TRP C 161 -4.86 3.95 -34.12
CA TRP C 161 -5.81 3.13 -34.86
C TRP C 161 -5.57 1.64 -34.68
N ASN C 162 -4.52 1.24 -33.97
CA ASN C 162 -4.23 -0.18 -33.78
C ASN C 162 -5.39 -0.88 -33.09
N PHE C 163 -5.90 -0.30 -32.01
CA PHE C 163 -7.02 -0.85 -31.26
C PHE C 163 -7.96 0.31 -30.93
N PRO C 164 -8.79 0.72 -31.89
CA PRO C 164 -9.57 1.94 -31.70
C PRO C 164 -10.49 1.92 -30.51
N LEU C 165 -11.05 0.75 -30.16
CA LEU C 165 -11.96 0.67 -29.03
C LEU C 165 -11.24 0.31 -27.73
N LEU C 166 -10.26 -0.59 -27.82
CA LEU C 166 -9.49 -0.93 -26.62
C LEU C 166 -8.73 0.28 -26.10
N MET C 167 -8.02 0.98 -27.00
CA MET C 167 -7.30 2.19 -26.58
C MET C 167 -8.25 3.25 -26.04
N PHE C 168 -9.47 3.32 -26.57
CA PHE C 168 -10.47 4.24 -26.03
C PHE C 168 -10.83 3.87 -24.59
N ALA C 169 -11.03 2.58 -24.33
CA ALA C 169 -11.38 2.14 -22.98
C ALA C 169 -10.21 2.33 -22.02
N TRP C 170 -9.01 1.88 -22.43
CA TRP C 170 -7.82 2.03 -21.59
C TRP C 170 -7.57 3.46 -21.17
N LYS C 171 -8.03 4.45 -21.96
CA LYS C 171 -7.80 5.85 -21.66
C LYS C 171 -8.84 6.41 -20.70
N ILE C 172 -10.12 6.30 -21.03
CA ILE C 172 -11.13 7.01 -20.25
C ILE C 172 -11.46 6.28 -18.96
N ALA C 173 -11.31 4.95 -18.92
CA ALA C 173 -11.66 4.21 -17.71
C ALA C 173 -10.91 4.71 -16.48
N PRO C 174 -9.57 4.74 -16.45
CA PRO C 174 -8.92 5.25 -15.24
C PRO C 174 -9.15 6.73 -15.01
N ALA C 175 -9.17 7.52 -16.08
CA ALA C 175 -9.36 8.97 -15.94
C ALA C 175 -10.66 9.28 -15.21
N LEU C 176 -11.79 8.76 -15.70
CA LEU C 176 -13.06 9.02 -15.04
C LEU C 176 -13.12 8.36 -13.67
N CYS C 177 -12.50 7.20 -13.53
CA CYS C 177 -12.49 6.52 -12.24
C CYS C 177 -11.89 7.40 -11.15
N CYS C 178 -10.87 8.19 -11.50
CA CYS C 178 -10.27 9.10 -10.53
C CYS C 178 -11.10 10.37 -10.32
N GLY C 179 -11.99 10.70 -11.24
CA GLY C 179 -12.77 11.91 -11.17
C GLY C 179 -12.39 13.02 -12.14
N ASN C 180 -11.73 12.70 -13.25
CA ASN C 180 -11.33 13.70 -14.22
C ASN C 180 -12.40 13.88 -15.29
N THR C 181 -12.25 14.96 -16.06
CA THR C 181 -12.98 15.15 -17.31
C THR C 181 -12.04 14.84 -18.46
N VAL C 182 -12.63 14.52 -19.62
CA VAL C 182 -11.89 13.94 -20.73
C VAL C 182 -12.16 14.76 -21.99
N VAL C 183 -11.09 15.12 -22.69
CA VAL C 183 -11.16 15.66 -24.05
C VAL C 183 -10.34 14.72 -24.90
N ILE C 184 -10.99 13.71 -25.48
CA ILE C 184 -10.32 12.60 -26.14
C ILE C 184 -10.51 12.73 -27.66
N LYS C 185 -9.48 12.37 -28.41
CA LYS C 185 -9.49 12.49 -29.87
C LYS C 185 -9.13 11.13 -30.48
N PRO C 186 -10.08 10.44 -31.10
CA PRO C 186 -9.76 9.17 -31.77
C PRO C 186 -8.92 9.41 -33.01
N ALA C 187 -8.42 8.31 -33.57
CA ALA C 187 -7.63 8.38 -34.78
C ALA C 187 -8.50 8.77 -35.97
N GLU C 188 -7.85 9.38 -36.98
CA GLU C 188 -8.56 9.77 -38.18
C GLU C 188 -9.07 8.56 -38.96
N GLN C 189 -8.26 7.50 -39.03
CA GLN C 189 -8.65 6.32 -39.80
C GLN C 189 -9.84 5.60 -39.17
N THR C 190 -9.87 5.50 -37.84
CA THR C 190 -10.85 4.68 -37.13
C THR C 190 -11.50 5.47 -35.99
N PRO C 191 -12.38 6.42 -36.30
CA PRO C 191 -13.06 7.19 -35.24
C PRO C 191 -14.48 6.75 -34.93
N LEU C 192 -14.95 5.65 -35.51
CA LEU C 192 -16.37 5.31 -35.41
C LEU C 192 -16.70 4.62 -34.09
N SER C 193 -15.89 3.62 -33.71
CA SER C 193 -16.16 2.90 -32.47
C SER C 193 -16.12 3.84 -31.26
N ALA C 194 -15.33 4.91 -31.34
CA ALA C 194 -15.34 5.91 -30.27
C ALA C 194 -16.59 6.78 -30.34
N LEU C 195 -17.09 7.06 -31.55
CA LEU C 195 -18.27 7.90 -31.67
C LEU C 195 -19.52 7.18 -31.18
N TYR C 196 -19.62 5.87 -31.37
CA TYR C 196 -20.72 5.13 -30.77
C TYR C 196 -20.63 5.14 -29.25
N MET C 197 -19.42 5.12 -28.70
CA MET C 197 -19.26 5.18 -27.24
C MET C 197 -19.88 6.44 -26.66
N GLY C 198 -19.81 7.56 -27.40
CA GLY C 198 -20.47 8.77 -26.94
C GLY C 198 -21.95 8.59 -26.72
N ALA C 199 -22.60 7.74 -27.52
CA ALA C 199 -24.01 7.47 -27.31
C ALA C 199 -24.21 6.65 -26.03
N LEU C 200 -23.45 5.57 -25.88
CA LEU C 200 -23.49 4.79 -24.64
C LEU C 200 -23.13 5.65 -23.43
N ILE C 201 -22.19 6.58 -23.59
CA ILE C 201 -21.84 7.47 -22.48
C ILE C 201 -23.06 8.29 -22.06
N LYS C 202 -23.73 8.92 -23.04
CA LYS C 202 -24.94 9.66 -22.73
C LYS C 202 -26.03 8.73 -22.21
N GLU C 203 -26.14 7.52 -22.79
CA GLU C 203 -27.13 6.57 -22.34
C GLU C 203 -26.86 6.12 -20.90
N ALA C 204 -25.59 5.98 -20.52
CA ALA C 204 -25.26 5.47 -19.19
C ALA C 204 -25.62 6.48 -18.10
N GLY C 205 -25.54 7.76 -18.41
CA GLY C 205 -25.89 8.80 -17.47
C GLY C 205 -24.75 9.68 -16.99
N PHE C 206 -23.63 9.73 -17.70
CA PHE C 206 -22.55 10.61 -17.33
C PHE C 206 -22.96 12.06 -17.53
N PRO C 207 -22.64 12.96 -16.59
CA PRO C 207 -23.05 14.36 -16.74
C PRO C 207 -22.47 14.95 -18.01
N PRO C 208 -23.15 15.91 -18.61
CA PRO C 208 -22.65 16.53 -19.85
C PRO C 208 -21.33 17.24 -19.59
N GLY C 209 -20.35 17.00 -20.46
CA GLY C 209 -19.05 17.63 -20.38
C GLY C 209 -17.95 16.77 -19.78
N VAL C 210 -18.31 15.64 -19.17
CA VAL C 210 -17.31 14.79 -18.53
C VAL C 210 -16.49 14.02 -19.55
N ILE C 211 -17.04 13.74 -20.73
CA ILE C 211 -16.32 13.08 -21.82
C ILE C 211 -16.66 13.81 -23.11
N ASN C 212 -15.63 14.30 -23.79
CA ASN C 212 -15.78 15.04 -25.05
C ASN C 212 -14.96 14.33 -26.13
N ILE C 213 -15.65 13.76 -27.11
CA ILE C 213 -15.01 13.02 -28.18
C ILE C 213 -14.95 13.91 -29.41
N LEU C 214 -13.75 14.12 -29.95
CA LEU C 214 -13.53 15.05 -31.06
C LEU C 214 -12.74 14.38 -32.18
N PRO C 215 -13.43 13.79 -33.15
CA PRO C 215 -12.72 13.21 -34.30
C PRO C 215 -12.11 14.31 -35.15
N GLY C 216 -10.93 14.02 -35.69
CA GLY C 216 -10.21 15.00 -36.48
C GLY C 216 -8.82 14.49 -36.80
N TYR C 217 -8.01 15.38 -37.38
CA TYR C 217 -6.66 15.02 -37.78
C TYR C 217 -5.67 15.34 -36.68
N GLY C 218 -4.57 14.58 -36.66
CA GLY C 218 -3.53 14.72 -35.67
C GLY C 218 -2.89 16.10 -35.64
N PRO C 219 -2.23 16.50 -36.73
CA PRO C 219 -1.60 17.82 -36.78
C PRO C 219 -2.58 18.97 -36.70
N THR C 220 -3.89 18.71 -36.76
CA THR C 220 -4.91 19.74 -36.66
C THR C 220 -5.59 19.74 -35.31
N ALA C 221 -6.15 18.60 -34.88
CA ALA C 221 -6.87 18.52 -33.62
C ALA C 221 -5.97 18.05 -32.47
N GLY C 222 -5.12 17.05 -32.73
CA GLY C 222 -4.22 16.59 -31.68
C GLY C 222 -3.29 17.66 -31.19
N ALA C 223 -2.77 18.48 -32.11
CA ALA C 223 -1.89 19.58 -31.70
C ALA C 223 -2.67 20.66 -30.94
N ALA C 224 -3.95 20.83 -31.25
CA ALA C 224 -4.79 21.74 -30.47
C ALA C 224 -4.98 21.25 -29.04
N ILE C 225 -5.03 19.93 -28.84
CA ILE C 225 -5.11 19.39 -27.49
C ILE C 225 -3.78 19.58 -26.76
N ALA C 226 -2.67 19.29 -27.45
CA ALA C 226 -1.37 19.37 -26.82
C ALA C 226 -1.04 20.79 -26.37
N SER C 227 -1.33 21.78 -27.21
CA SER C 227 -0.96 23.18 -26.94
C SER C 227 -2.02 23.96 -26.19
N HIS C 228 -3.15 23.36 -25.84
CA HIS C 228 -4.20 24.07 -25.12
C HIS C 228 -3.76 24.35 -23.69
N ILE C 229 -3.72 25.64 -23.33
CA ILE C 229 -3.36 26.08 -21.98
C ILE C 229 -4.42 25.71 -20.95
N GLY C 230 -5.62 25.29 -21.39
CA GLY C 230 -6.67 24.87 -20.47
C GLY C 230 -6.74 23.38 -20.14
N ILE C 231 -5.77 22.59 -20.60
CA ILE C 231 -5.77 21.14 -20.40
C ILE C 231 -4.67 20.81 -19.39
N ASP C 232 -5.03 20.12 -18.32
CA ASP C 232 -4.09 19.88 -17.23
C ASP C 232 -3.16 18.69 -17.49
N LYS C 233 -3.47 17.85 -18.48
CA LYS C 233 -2.67 16.66 -18.71
C LYS C 233 -3.01 16.08 -20.08
N ILE C 234 -1.98 15.70 -20.83
CA ILE C 234 -2.14 14.97 -22.08
C ILE C 234 -1.62 13.56 -21.90
N ALA C 235 -2.37 12.59 -22.40
CA ALA C 235 -1.94 11.20 -22.46
C ALA C 235 -2.00 10.77 -23.92
N PHE C 236 -0.86 10.36 -24.47
CA PHE C 236 -0.75 10.08 -25.89
C PHE C 236 -0.25 8.65 -26.11
N THR C 237 -0.81 7.99 -27.11
CA THR C 237 -0.34 6.68 -27.56
C THR C 237 -0.16 6.74 -29.06
N GLY C 238 1.05 6.45 -29.54
CA GLY C 238 1.29 6.47 -30.97
C GLY C 238 2.77 6.30 -31.27
N SER C 239 3.18 6.87 -32.40
CA SER C 239 4.58 6.78 -32.81
C SER C 239 5.46 7.58 -31.86
N THR C 240 6.74 7.18 -31.79
CA THR C 240 7.68 7.81 -30.89
C THR C 240 7.99 9.25 -31.32
N GLU C 241 7.98 9.51 -32.63
CA GLU C 241 8.33 10.85 -33.12
C GLU C 241 7.29 11.89 -32.73
N VAL C 242 6.00 11.55 -32.89
CA VAL C 242 4.95 12.47 -32.46
C VAL C 242 4.94 12.62 -30.95
N GLY C 243 5.30 11.56 -30.22
CA GLY C 243 5.38 11.65 -28.78
C GLY C 243 6.42 12.64 -28.29
N LYS C 244 7.48 12.83 -29.08
CA LYS C 244 8.46 13.87 -28.74
C LYS C 244 7.86 15.26 -28.87
N LEU C 245 7.05 15.49 -29.93
CA LEU C 245 6.37 16.77 -30.08
C LEU C 245 5.40 17.02 -28.93
N ILE C 246 4.63 15.99 -28.55
CA ILE C 246 3.72 16.11 -27.41
C ILE C 246 4.48 16.51 -26.16
N GLN C 247 5.62 15.87 -25.93
CA GLN C 247 6.52 16.27 -24.85
C GLN C 247 6.96 17.72 -25.01
N GLU C 248 7.35 18.13 -26.22
CA GLU C 248 7.77 19.51 -26.43
C GLU C 248 6.61 20.48 -26.31
N ALA C 249 5.43 20.10 -26.83
CA ALA C 249 4.27 20.98 -26.77
C ALA C 249 3.76 21.19 -25.35
N ALA C 250 4.04 20.25 -24.44
CA ALA C 250 3.63 20.43 -23.05
C ALA C 250 4.55 21.40 -22.32
N GLY C 251 5.84 21.36 -22.61
CA GLY C 251 6.77 22.29 -21.97
C GLY C 251 6.72 23.68 -22.54
N ARG C 252 6.36 23.82 -23.83
CA ARG C 252 6.33 25.14 -24.44
C ARG C 252 5.20 26.01 -23.88
N SER C 253 4.13 25.39 -23.38
CA SER C 253 2.94 26.15 -23.03
C SER C 253 2.47 25.91 -21.60
N ASN C 254 1.98 24.71 -21.31
CA ASN C 254 1.20 24.45 -20.10
C ASN C 254 1.97 23.81 -18.96
N LEU C 255 3.05 23.08 -19.24
CA LEU C 255 3.70 22.22 -18.25
C LEU C 255 2.74 21.17 -17.71
N LYS C 256 1.84 20.72 -18.57
CA LYS C 256 0.89 19.68 -18.22
C LYS C 256 1.61 18.36 -17.98
N ARG C 257 1.03 17.53 -17.12
CA ARG C 257 1.55 16.19 -16.92
C ARG C 257 1.35 15.38 -18.20
N VAL C 258 2.31 14.51 -18.50
CA VAL C 258 2.35 13.81 -19.79
C VAL C 258 2.55 12.32 -19.55
N THR C 259 1.77 11.51 -20.26
CA THR C 259 1.90 10.05 -20.27
C THR C 259 1.96 9.64 -21.73
N LEU C 260 3.10 9.10 -22.16
CA LEU C 260 3.30 8.67 -23.53
C LEU C 260 3.41 7.14 -23.62
N GLU C 261 3.05 6.61 -24.78
CA GLU C 261 3.04 5.17 -25.03
C GLU C 261 3.43 4.98 -26.49
N LEU C 262 4.70 4.63 -26.73
CA LEU C 262 5.29 4.76 -28.05
C LEU C 262 5.58 3.38 -28.66
N GLY C 263 6.49 3.36 -29.63
CA GLY C 263 6.75 2.19 -30.45
C GLY C 263 7.29 0.97 -29.72
N GLY C 264 7.56 -0.09 -30.50
CA GLY C 264 7.94 -1.37 -29.93
C GLY C 264 9.27 -1.93 -30.40
N LYS C 265 9.24 -2.76 -31.44
CA LYS C 265 10.40 -3.55 -31.85
C LYS C 265 10.94 -4.37 -30.67
N SER C 266 10.09 -5.27 -30.17
CA SER C 266 10.23 -6.04 -28.95
C SER C 266 10.80 -7.42 -29.22
N PRO C 267 11.76 -7.86 -28.40
CA PRO C 267 12.40 -9.16 -28.63
C PRO C 267 11.51 -10.32 -28.18
N ASN C 268 11.85 -11.50 -28.67
CA ASN C 268 11.11 -12.73 -28.38
C ASN C 268 12.10 -13.87 -28.33
N ILE C 269 12.54 -14.23 -27.14
CA ILE C 269 13.63 -15.20 -26.96
C ILE C 269 13.03 -16.58 -26.75
N ILE C 270 13.33 -17.50 -27.65
CA ILE C 270 12.86 -18.88 -27.59
C ILE C 270 14.06 -19.78 -27.32
N PHE C 271 14.00 -20.51 -26.21
CA PHE C 271 15.08 -21.41 -25.82
C PHE C 271 14.81 -22.82 -26.33
N ALA C 272 15.84 -23.66 -26.24
CA ALA C 272 15.74 -25.00 -26.82
C ALA C 272 14.89 -25.93 -25.97
N ASP C 273 14.91 -25.76 -24.65
CA ASP C 273 14.23 -26.66 -23.75
C ASP C 273 12.72 -26.46 -23.70
N ALA C 274 12.17 -25.57 -24.53
CA ALA C 274 10.75 -25.26 -24.50
C ALA C 274 9.97 -26.20 -25.43
N ASP C 275 8.66 -26.00 -25.49
CA ASP C 275 7.79 -26.76 -26.39
C ASP C 275 7.75 -26.06 -27.73
N LEU C 276 8.33 -26.70 -28.76
CA LEU C 276 8.41 -26.06 -30.08
C LEU C 276 7.03 -25.80 -30.66
N ASP C 277 6.11 -26.75 -30.48
CA ASP C 277 4.75 -26.58 -30.99
C ASP C 277 4.07 -25.37 -30.36
N TYR C 278 4.20 -25.21 -29.05
CA TYR C 278 3.58 -24.07 -28.37
C TYR C 278 4.34 -22.77 -28.65
N ALA C 279 5.67 -22.83 -28.66
CA ALA C 279 6.47 -21.62 -28.86
C ALA C 279 6.34 -21.08 -30.26
N VAL C 280 6.20 -21.95 -31.26
CA VAL C 280 6.09 -21.49 -32.64
C VAL C 280 4.79 -20.71 -32.83
N GLU C 281 3.67 -21.27 -32.38
CA GLU C 281 2.39 -20.61 -32.56
C GLU C 281 2.31 -19.31 -31.75
N GLN C 282 2.81 -19.33 -30.52
CA GLN C 282 2.76 -18.12 -29.70
C GLN C 282 3.61 -17.01 -30.30
N ALA C 283 4.80 -17.34 -30.80
CA ALA C 283 5.61 -16.33 -31.49
C ALA C 283 4.98 -15.91 -32.80
N HIS C 284 4.29 -16.84 -33.48
CA HIS C 284 3.55 -16.49 -34.68
C HIS C 284 2.42 -15.52 -34.37
N GLN C 285 1.68 -15.77 -33.28
CA GLN C 285 0.65 -14.82 -32.88
C GLN C 285 1.22 -13.56 -32.24
N GLY C 286 2.52 -13.55 -31.89
CA GLY C 286 3.15 -12.35 -31.40
C GLY C 286 3.54 -11.37 -32.48
N VAL C 287 3.59 -11.82 -33.73
CA VAL C 287 3.87 -10.96 -34.86
C VAL C 287 2.60 -10.59 -35.62
N PHE C 288 1.80 -11.59 -35.98
CA PHE C 288 0.74 -11.43 -36.96
C PHE C 288 -0.61 -11.04 -36.36
N PHE C 289 -0.73 -10.97 -35.04
CA PHE C 289 -1.99 -10.55 -34.44
C PHE C 289 -2.25 -9.08 -34.75
N ASN C 290 -3.53 -8.77 -35.00
CA ASN C 290 -3.96 -7.43 -35.41
C ASN C 290 -3.22 -6.98 -36.67
N GLN C 291 -3.02 -7.92 -37.59
CA GLN C 291 -2.37 -7.67 -38.87
C GLN C 291 -0.95 -7.11 -38.67
N GLY C 292 -0.27 -7.55 -37.62
CA GLY C 292 1.05 -7.02 -37.31
C GLY C 292 1.06 -5.61 -36.76
N GLN C 293 -0.10 -5.00 -36.55
CA GLN C 293 -0.20 -3.60 -36.11
C GLN C 293 -0.37 -3.59 -34.59
N CYS C 294 0.75 -3.76 -33.89
CA CYS C 294 0.76 -3.79 -32.43
C CYS C 294 2.04 -3.14 -31.93
N CYS C 295 1.91 -2.27 -30.94
CA CYS C 295 3.09 -1.70 -30.30
C CYS C 295 3.90 -2.77 -29.59
N THR C 296 3.26 -3.83 -29.12
CA THR C 296 3.92 -4.96 -28.46
C THR C 296 4.12 -6.14 -29.42
N ALA C 297 4.50 -5.86 -30.66
CA ALA C 297 4.74 -6.92 -31.62
C ALA C 297 6.12 -7.54 -31.40
N GLY C 298 6.17 -8.87 -31.46
CA GLY C 298 7.42 -9.58 -31.32
C GLY C 298 8.28 -9.49 -32.56
N SER C 299 8.91 -8.34 -32.78
CA SER C 299 9.65 -8.09 -34.00
C SER C 299 10.78 -9.10 -34.19
N ARG C 300 11.79 -9.04 -33.33
CA ARG C 300 12.95 -9.92 -33.43
C ARG C 300 12.73 -11.18 -32.61
N ILE C 301 12.80 -12.35 -33.25
CA ILE C 301 12.73 -13.63 -32.56
C ILE C 301 14.14 -14.22 -32.50
N PHE C 302 14.57 -14.58 -31.29
CA PHE C 302 15.88 -15.18 -31.06
C PHE C 302 15.66 -16.65 -30.76
N VAL C 303 16.11 -17.53 -31.64
CA VAL C 303 15.98 -18.97 -31.45
C VAL C 303 17.36 -19.55 -31.17
N GLU C 304 17.42 -20.48 -30.22
CA GLU C 304 18.68 -21.12 -29.88
C GLU C 304 19.24 -21.87 -31.08
N GLU C 305 20.58 -21.94 -31.13
CA GLU C 305 21.26 -22.52 -32.29
C GLU C 305 20.84 -23.96 -32.57
N SER C 306 20.37 -24.69 -31.56
CA SER C 306 20.06 -26.10 -31.74
C SER C 306 18.78 -26.31 -32.56
N ILE C 307 17.82 -25.40 -32.44
CA ILE C 307 16.47 -25.63 -32.96
C ILE C 307 16.05 -24.54 -33.94
N TYR C 308 17.01 -23.78 -34.48
CA TYR C 308 16.65 -22.65 -35.33
C TYR C 308 16.06 -23.11 -36.65
N GLU C 309 16.81 -23.92 -37.40
CA GLU C 309 16.32 -24.37 -38.71
C GLU C 309 15.04 -25.18 -38.58
N GLU C 310 14.85 -25.86 -37.44
CA GLU C 310 13.56 -26.50 -37.17
C GLU C 310 12.49 -25.45 -36.89
N PHE C 311 12.83 -24.42 -36.11
CA PHE C 311 11.87 -23.36 -35.79
C PHE C 311 11.36 -22.69 -37.05
N VAL C 312 12.26 -22.37 -38.00
CA VAL C 312 11.86 -21.69 -39.21
C VAL C 312 10.96 -22.58 -40.06
N ARG C 313 11.15 -23.90 -39.99
CA ARG C 313 10.36 -24.82 -40.80
C ARG C 313 8.89 -24.78 -40.42
N ARG C 314 8.59 -25.04 -39.14
CA ARG C 314 7.21 -24.96 -38.70
C ARG C 314 6.67 -23.53 -38.78
N SER C 315 7.53 -22.53 -38.55
CA SER C 315 7.10 -21.14 -38.65
C SER C 315 6.62 -20.84 -40.07
N VAL C 316 7.48 -21.07 -41.05
CA VAL C 316 7.11 -20.82 -42.45
C VAL C 316 5.94 -21.71 -42.84
N GLU C 317 5.94 -22.96 -42.36
CA GLU C 317 4.83 -23.87 -42.66
C GLU C 317 3.49 -23.26 -42.23
N ARG C 318 3.36 -22.93 -40.94
CA ARG C 318 2.12 -22.35 -40.44
C ARG C 318 1.84 -21.00 -41.10
N ALA C 319 2.88 -20.22 -41.42
CA ALA C 319 2.69 -18.91 -42.01
C ALA C 319 2.16 -18.96 -43.43
N LYS C 320 2.28 -20.11 -44.11
CA LYS C 320 1.63 -20.28 -45.39
C LYS C 320 0.14 -20.65 -45.25
N ARG C 321 -0.26 -21.17 -44.09
CA ARG C 321 -1.65 -21.53 -43.85
C ARG C 321 -2.48 -20.40 -43.27
N ARG C 322 -1.85 -19.27 -42.92
CA ARG C 322 -2.57 -18.13 -42.36
C ARG C 322 -3.50 -17.56 -43.43
N VAL C 323 -4.81 -17.68 -43.21
CA VAL C 323 -5.78 -17.21 -44.19
C VAL C 323 -5.84 -15.69 -44.17
N VAL C 324 -5.76 -15.09 -45.35
CA VAL C 324 -5.86 -13.64 -45.51
C VAL C 324 -7.06 -13.38 -46.41
N GLY C 325 -8.14 -12.89 -45.82
CA GLY C 325 -9.35 -12.62 -46.58
C GLY C 325 -10.17 -11.51 -45.97
N SER C 326 -11.47 -11.49 -46.28
CA SER C 326 -12.35 -10.47 -45.75
C SER C 326 -12.45 -10.61 -44.22
N PRO C 327 -12.40 -9.50 -43.48
CA PRO C 327 -12.48 -9.59 -42.01
C PRO C 327 -13.88 -9.95 -41.51
N PHE C 328 -14.76 -10.37 -42.42
CA PHE C 328 -16.09 -10.84 -42.05
C PHE C 328 -16.28 -12.33 -42.25
N ASP C 329 -15.44 -12.97 -43.05
CA ASP C 329 -15.50 -14.42 -43.20
C ASP C 329 -15.02 -15.08 -41.90
N PRO C 330 -15.81 -15.98 -41.31
CA PRO C 330 -15.42 -16.57 -40.02
C PRO C 330 -14.07 -17.28 -40.04
N THR C 331 -13.64 -17.79 -41.19
CA THR C 331 -12.35 -18.47 -41.26
C THR C 331 -11.18 -17.48 -41.23
N THR C 332 -11.40 -16.23 -41.60
CA THR C 332 -10.30 -15.28 -41.74
C THR C 332 -9.61 -15.02 -40.40
N GLU C 333 -8.29 -14.95 -40.44
CA GLU C 333 -7.47 -14.60 -39.29
C GLU C 333 -6.73 -13.29 -39.47
N GLN C 334 -6.28 -12.98 -40.68
CA GLN C 334 -5.54 -11.76 -40.96
C GLN C 334 -6.39 -10.87 -41.84
N GLY C 335 -6.62 -9.65 -41.39
CA GLY C 335 -7.31 -8.65 -42.19
C GLY C 335 -6.32 -7.85 -43.01
N PRO C 336 -6.71 -6.65 -43.41
CA PRO C 336 -5.81 -5.79 -44.18
C PRO C 336 -5.03 -4.83 -43.29
N GLN C 337 -4.01 -4.22 -43.88
CA GLN C 337 -3.36 -3.10 -43.23
C GLN C 337 -4.30 -1.90 -43.22
N ILE C 338 -3.98 -0.92 -42.38
CA ILE C 338 -4.96 0.11 -42.04
C ILE C 338 -5.21 1.05 -43.22
N ASP C 339 -4.18 1.40 -43.99
CA ASP C 339 -4.35 2.29 -45.14
C ASP C 339 -3.13 2.19 -46.04
N LYS C 340 -3.07 3.09 -47.03
CA LYS C 340 -2.05 3.00 -48.09
C LYS C 340 -0.69 3.49 -47.62
N LYS C 341 -0.64 4.55 -46.81
CA LYS C 341 0.64 5.06 -46.31
C LYS C 341 1.40 3.99 -45.53
N GLN C 342 0.69 3.22 -44.71
CA GLN C 342 1.34 2.14 -43.98
C GLN C 342 1.50 0.90 -44.86
N TYR C 343 0.60 0.71 -45.82
CA TYR C 343 0.72 -0.41 -46.75
C TYR C 343 2.02 -0.30 -47.55
N ASN C 344 2.28 0.88 -48.11
CA ASN C 344 3.52 1.09 -48.84
C ASN C 344 4.74 0.99 -47.94
N LYS C 345 4.62 1.45 -46.69
CA LYS C 345 5.76 1.41 -45.79
C LYS C 345 6.14 -0.03 -45.42
N ILE C 346 5.16 -0.87 -45.12
CA ILE C 346 5.45 -2.27 -44.83
C ILE C 346 6.22 -2.91 -45.98
N LEU C 347 6.04 -2.40 -47.20
CA LEU C 347 6.70 -2.98 -48.36
C LEU C 347 8.05 -2.35 -48.66
N GLU C 348 8.22 -1.05 -48.42
CA GLU C 348 9.52 -0.43 -48.68
C GLU C 348 10.62 -1.03 -47.81
N LEU C 349 10.26 -1.48 -46.62
CA LEU C 349 11.22 -2.10 -45.69
C LEU C 349 11.34 -3.60 -45.87
N ILE C 350 10.28 -4.27 -46.32
CA ILE C 350 10.42 -5.66 -46.76
C ILE C 350 11.28 -5.74 -48.00
N GLN C 351 11.31 -4.65 -48.78
CA GLN C 351 12.30 -4.54 -49.86
C GLN C 351 13.69 -4.35 -49.28
N SER C 352 13.80 -3.60 -48.19
CA SER C 352 15.09 -3.42 -47.52
C SER C 352 15.60 -4.75 -46.97
N GLY C 353 14.70 -5.66 -46.60
CA GLY C 353 15.15 -6.97 -46.14
C GLY C 353 15.75 -7.81 -47.24
N VAL C 354 15.07 -7.85 -48.40
CA VAL C 354 15.63 -8.56 -49.54
C VAL C 354 16.87 -7.85 -50.06
N ALA C 355 16.90 -6.51 -49.97
CA ALA C 355 18.05 -5.75 -50.46
C ALA C 355 19.29 -5.99 -49.61
N GLU C 356 19.12 -6.36 -48.34
CA GLU C 356 20.25 -6.69 -47.47
C GLU C 356 20.34 -8.21 -47.33
N GLY C 357 21.28 -8.65 -46.50
CA GLY C 357 21.59 -10.07 -46.41
C GLY C 357 20.50 -11.00 -45.88
N ALA C 358 19.31 -10.46 -45.59
CA ALA C 358 18.23 -11.28 -45.06
C ALA C 358 17.75 -12.28 -46.12
N LYS C 359 17.29 -13.43 -45.66
CA LYS C 359 16.89 -14.54 -46.52
C LYS C 359 15.38 -14.74 -46.38
N LEU C 360 14.64 -14.27 -47.38
CA LEU C 360 13.20 -14.47 -47.39
C LEU C 360 12.86 -15.96 -47.52
N GLU C 361 11.81 -16.37 -46.82
CA GLU C 361 11.39 -17.77 -46.85
C GLU C 361 9.99 -17.98 -47.39
N CYS C 362 9.15 -16.95 -47.47
CA CYS C 362 7.82 -17.03 -48.06
C CYS C 362 7.22 -15.63 -48.12
N GLY C 363 6.23 -15.47 -48.99
CA GLY C 363 5.47 -14.25 -49.15
C GLY C 363 6.34 -13.05 -49.52
N GLY C 364 5.86 -11.87 -49.15
CA GLY C 364 6.59 -10.64 -49.35
C GLY C 364 5.96 -9.66 -50.32
N LYS C 365 4.89 -10.06 -51.03
CA LYS C 365 4.29 -9.21 -52.05
C LYS C 365 2.95 -8.75 -51.54
N GLY C 366 1.84 -9.34 -52.00
CA GLY C 366 0.51 -8.95 -51.56
C GLY C 366 -0.54 -9.89 -52.13
N LEU C 367 -1.74 -9.38 -52.39
CA LEU C 367 -2.78 -10.22 -52.96
C LEU C 367 -3.57 -9.56 -54.08
N GLY C 368 -3.21 -8.35 -54.49
CA GLY C 368 -4.04 -7.59 -55.41
C GLY C 368 -5.36 -7.26 -54.75
N ARG C 369 -6.23 -8.27 -54.64
CA ARG C 369 -7.46 -8.20 -53.84
C ARG C 369 -8.29 -6.97 -54.15
N LYS C 370 -8.22 -5.98 -53.26
CA LYS C 370 -9.03 -4.76 -53.37
C LYS C 370 -8.54 -3.73 -52.35
N GLY C 371 -8.36 -4.17 -51.11
CA GLY C 371 -7.96 -3.28 -50.04
C GLY C 371 -6.46 -3.12 -49.91
N PHE C 372 -5.92 -3.45 -48.74
CA PHE C 372 -4.50 -3.30 -48.45
C PHE C 372 -3.94 -4.55 -47.80
N PHE C 373 -4.22 -5.71 -48.39
CA PHE C 373 -3.80 -6.97 -47.83
C PHE C 373 -2.36 -7.29 -48.24
N ILE C 374 -1.59 -7.81 -47.28
CA ILE C 374 -0.18 -8.13 -47.48
C ILE C 374 0.04 -9.58 -47.09
N GLU C 375 0.87 -10.27 -47.87
CA GLU C 375 1.13 -11.68 -47.64
C GLU C 375 1.76 -11.90 -46.27
N PRO C 376 1.42 -13.01 -45.60
CA PRO C 376 2.16 -13.40 -44.39
C PRO C 376 3.61 -13.71 -44.73
N THR C 377 4.52 -12.79 -44.40
CA THR C 377 5.92 -12.91 -44.78
C THR C 377 6.76 -13.41 -43.61
N VAL C 378 7.67 -14.34 -43.91
CA VAL C 378 8.67 -14.80 -42.96
C VAL C 378 10.04 -14.41 -43.50
N PHE C 379 10.91 -13.98 -42.60
CA PHE C 379 12.32 -13.75 -42.91
C PHE C 379 13.17 -14.65 -42.04
N SER C 380 14.46 -14.73 -42.38
CA SER C 380 15.36 -15.62 -41.67
C SER C 380 16.80 -15.17 -41.93
N ASN C 381 17.72 -15.71 -41.11
CA ASN C 381 19.14 -15.37 -41.19
C ASN C 381 19.35 -13.86 -41.17
N VAL C 382 18.48 -13.16 -40.42
CA VAL C 382 18.63 -11.73 -40.17
C VAL C 382 19.87 -11.50 -39.32
N THR C 383 20.57 -10.40 -39.56
CA THR C 383 21.60 -9.93 -38.65
C THR C 383 21.08 -8.71 -37.89
N ASP C 384 21.77 -8.41 -36.78
CA ASP C 384 21.29 -7.35 -35.90
C ASP C 384 21.34 -5.98 -36.55
N ASP C 385 22.31 -5.74 -37.44
CA ASP C 385 22.50 -4.41 -38.01
C ASP C 385 21.60 -4.14 -39.21
N MET C 386 20.85 -5.14 -39.68
CA MET C 386 19.97 -4.91 -40.82
C MET C 386 18.92 -3.87 -40.47
N ARG C 387 18.53 -3.08 -41.48
CA ARG C 387 17.53 -2.05 -41.26
C ARG C 387 16.22 -2.65 -40.77
N ILE C 388 15.88 -3.84 -41.25
CA ILE C 388 14.57 -4.42 -40.93
C ILE C 388 14.53 -4.91 -39.49
N ALA C 389 15.65 -5.36 -38.94
CA ALA C 389 15.72 -5.75 -37.54
C ALA C 389 15.88 -4.55 -36.61
N LYS C 390 15.80 -3.34 -37.16
CA LYS C 390 15.89 -2.12 -36.38
C LYS C 390 14.74 -1.14 -36.63
N GLU C 391 13.86 -1.43 -37.58
CA GLU C 391 12.74 -0.57 -37.91
C GLU C 391 11.44 -1.18 -37.43
N GLU C 392 10.66 -0.39 -36.70
CA GLU C 392 9.34 -0.84 -36.23
C GLU C 392 8.43 -1.01 -37.44
N ILE C 393 8.20 -2.26 -37.84
CA ILE C 393 7.32 -2.58 -38.94
C ILE C 393 5.96 -2.93 -38.36
N PHE C 394 4.96 -2.09 -38.66
CA PHE C 394 3.59 -2.36 -38.22
C PHE C 394 2.88 -3.28 -39.21
N GLY C 395 3.56 -4.36 -39.61
CA GLY C 395 3.05 -5.27 -40.61
C GLY C 395 3.31 -6.71 -40.27
N PRO C 396 2.60 -7.62 -40.96
CA PRO C 396 2.73 -9.06 -40.67
C PRO C 396 4.00 -9.68 -41.26
N VAL C 397 5.15 -9.24 -40.73
CA VAL C 397 6.44 -9.78 -41.13
C VAL C 397 7.15 -10.32 -39.89
N GLN C 398 7.74 -11.50 -40.02
CA GLN C 398 8.31 -12.24 -38.90
C GLN C 398 9.78 -12.49 -39.17
N GLU C 399 10.64 -11.80 -38.43
CA GLU C 399 12.09 -11.95 -38.55
C GLU C 399 12.60 -12.84 -37.44
N ILE C 400 13.34 -13.89 -37.83
CA ILE C 400 13.74 -14.95 -36.92
C ILE C 400 15.27 -15.05 -36.95
N LEU C 401 15.90 -14.73 -35.83
CA LEU C 401 17.35 -14.71 -35.72
C LEU C 401 17.85 -15.99 -35.05
N ARG C 402 19.16 -16.04 -34.79
CA ARG C 402 19.80 -17.14 -34.08
C ARG C 402 20.62 -16.58 -32.94
N PHE C 403 20.77 -17.37 -31.88
CA PHE C 403 21.62 -16.98 -30.77
C PHE C 403 22.24 -18.22 -30.14
N LYS C 404 23.41 -18.02 -29.54
CA LYS C 404 24.18 -19.13 -28.96
C LYS C 404 23.97 -19.22 -27.46
N THR C 405 24.57 -18.32 -26.69
CA THR C 405 24.48 -18.32 -25.24
C THR C 405 23.44 -17.33 -24.76
N MET C 406 23.04 -17.48 -23.49
CA MET C 406 22.05 -16.59 -22.91
C MET C 406 22.63 -15.20 -22.67
N ASP C 407 23.92 -15.11 -22.31
CA ASP C 407 24.54 -13.81 -22.12
C ASP C 407 24.55 -12.99 -23.40
N GLU C 408 24.66 -13.66 -24.55
CA GLU C 408 24.65 -12.94 -25.82
C GLU C 408 23.25 -12.45 -26.17
N VAL C 409 22.24 -13.31 -26.00
CA VAL C 409 20.88 -12.94 -26.38
C VAL C 409 20.35 -11.83 -25.48
N ILE C 410 20.87 -11.71 -24.26
CA ILE C 410 20.45 -10.63 -23.37
C ILE C 410 20.98 -9.29 -23.88
N GLU C 411 22.26 -9.26 -24.25
CA GLU C 411 22.85 -8.02 -24.78
C GLU C 411 22.22 -7.64 -26.11
N ARG C 412 22.00 -8.63 -26.99
CA ARG C 412 21.40 -8.34 -28.29
C ARG C 412 19.94 -7.92 -28.17
N ALA C 413 19.27 -8.26 -27.07
CA ALA C 413 17.86 -7.92 -26.92
C ALA C 413 17.70 -6.49 -26.41
N ASN C 414 18.51 -6.07 -25.44
CA ASN C 414 18.41 -4.73 -24.86
C ASN C 414 19.11 -3.66 -25.68
N ASN C 415 19.78 -4.03 -26.77
CA ASN C 415 20.47 -3.06 -27.61
C ASN C 415 19.48 -2.42 -28.58
N SER C 416 18.64 -1.56 -28.02
CA SER C 416 17.66 -0.81 -28.79
C SER C 416 17.09 0.30 -27.91
N ASP C 417 16.77 1.43 -28.53
CA ASP C 417 16.29 2.60 -27.79
C ASP C 417 14.87 2.41 -27.27
N PHE C 418 14.09 1.52 -27.87
CA PHE C 418 12.78 1.19 -27.35
C PHE C 418 12.94 0.25 -26.14
N GLY C 419 11.82 -0.20 -25.60
CA GLY C 419 11.85 -1.07 -24.43
C GLY C 419 10.49 -1.28 -23.81
N LEU C 420 9.49 -1.56 -24.65
CA LEU C 420 8.14 -1.75 -24.16
C LEU C 420 7.94 -3.16 -23.60
N VAL C 421 8.49 -4.16 -24.28
CA VAL C 421 7.98 -5.53 -24.17
C VAL C 421 9.11 -6.51 -24.50
N ALA C 422 9.10 -7.65 -23.82
CA ALA C 422 10.03 -8.74 -24.10
C ALA C 422 9.41 -10.05 -23.64
N ALA C 423 9.88 -11.16 -24.20
CA ALA C 423 9.30 -12.46 -23.89
C ALA C 423 10.37 -13.54 -23.89
N VAL C 424 10.24 -14.49 -22.97
CA VAL C 424 11.15 -15.62 -22.84
C VAL C 424 10.33 -16.90 -22.85
N PHE C 425 10.84 -17.90 -23.57
CA PHE C 425 10.21 -19.22 -23.63
C PHE C 425 11.23 -20.25 -23.17
N THR C 426 10.99 -20.85 -22.00
CA THR C 426 11.92 -21.83 -21.45
C THR C 426 11.21 -22.58 -20.34
N ASN C 427 11.81 -23.72 -19.95
CA ASN C 427 11.39 -24.45 -18.77
C ASN C 427 12.41 -24.39 -17.64
N ASP C 428 13.61 -23.86 -17.90
CA ASP C 428 14.62 -23.69 -16.86
C ASP C 428 14.24 -22.56 -15.93
N ILE C 429 14.25 -22.82 -14.62
CA ILE C 429 13.88 -21.80 -13.66
C ILE C 429 14.93 -20.69 -13.63
N ASN C 430 16.21 -21.05 -13.77
CA ASN C 430 17.29 -20.06 -13.67
C ASN C 430 17.36 -19.20 -14.93
N LYS C 431 17.27 -19.82 -16.11
CA LYS C 431 17.28 -19.03 -17.35
C LYS C 431 16.04 -18.15 -17.46
N ALA C 432 14.88 -18.63 -16.98
CA ALA C 432 13.67 -17.81 -17.04
C ALA C 432 13.78 -16.58 -16.15
N LEU C 433 14.46 -16.70 -15.00
CA LEU C 433 14.53 -15.60 -14.06
C LEU C 433 15.69 -14.65 -14.37
N THR C 434 16.82 -15.18 -14.84
CA THR C 434 17.93 -14.31 -15.21
C THR C 434 17.55 -13.41 -16.38
N VAL C 435 16.96 -13.99 -17.42
CA VAL C 435 16.60 -13.23 -18.61
C VAL C 435 15.47 -12.26 -18.30
N SER C 436 14.47 -12.71 -17.53
CA SER C 436 13.32 -11.85 -17.25
C SER C 436 13.74 -10.60 -16.47
N SER C 437 14.69 -10.74 -15.56
CA SER C 437 15.18 -9.58 -14.81
C SER C 437 16.18 -8.77 -15.63
N ALA C 438 16.93 -9.41 -16.53
CA ALA C 438 17.96 -8.70 -17.28
C ALA C 438 17.34 -7.80 -18.34
N MET C 439 16.16 -8.15 -18.85
CA MET C 439 15.53 -7.34 -19.89
C MET C 439 15.24 -5.94 -19.38
N GLN C 440 15.25 -4.99 -20.31
CA GLN C 440 14.96 -3.60 -19.99
C GLN C 440 13.62 -3.21 -20.61
N ALA C 441 12.57 -3.95 -20.27
CA ALA C 441 11.24 -3.71 -20.79
C ALA C 441 10.24 -3.66 -19.64
N GLY C 442 9.14 -2.95 -19.86
CA GLY C 442 8.12 -2.81 -18.83
C GLY C 442 7.29 -4.06 -18.60
N THR C 443 7.25 -4.96 -19.58
CA THR C 443 6.48 -6.20 -19.48
C THR C 443 7.32 -7.34 -20.05
N VAL C 444 7.50 -8.38 -19.23
CA VAL C 444 8.26 -9.56 -19.63
C VAL C 444 7.35 -10.77 -19.46
N TRP C 445 7.23 -11.58 -20.51
CA TRP C 445 6.42 -12.78 -20.47
C TRP C 445 7.30 -14.01 -20.45
N ILE C 446 6.90 -15.00 -19.65
CA ILE C 446 7.55 -16.30 -19.61
C ILE C 446 6.54 -17.32 -20.11
N ASN C 447 6.87 -17.97 -21.24
CA ASN C 447 6.03 -18.99 -21.87
C ASN C 447 4.69 -18.44 -22.34
N CYS C 448 4.64 -17.19 -22.77
CA CYS C 448 3.43 -16.60 -23.33
C CYS C 448 3.83 -15.31 -24.06
N TYR C 449 2.84 -14.69 -24.71
CA TYR C 449 3.05 -13.40 -25.35
C TYR C 449 1.74 -12.62 -25.30
N ASN C 450 1.88 -11.28 -25.44
CA ASN C 450 0.87 -10.26 -25.18
C ASN C 450 -0.38 -10.79 -24.48
N ALA C 451 -0.19 -11.45 -23.35
CA ALA C 451 -1.31 -11.82 -22.47
C ALA C 451 -1.48 -10.65 -21.51
N LEU C 452 -2.33 -9.70 -21.89
CA LEU C 452 -2.59 -8.52 -21.08
C LEU C 452 -3.90 -8.68 -20.30
N ASN C 453 -4.09 -7.80 -19.32
CA ASN C 453 -5.29 -7.82 -18.51
C ASN C 453 -5.54 -6.43 -17.95
N ALA C 454 -6.78 -6.21 -17.50
CA ALA C 454 -7.10 -4.98 -16.80
C ALA C 454 -6.23 -4.80 -15.56
N GLN C 455 -6.10 -5.85 -14.76
CA GLN C 455 -5.09 -5.90 -13.72
C GLN C 455 -3.70 -5.91 -14.35
N SER C 456 -2.70 -5.60 -13.53
CA SER C 456 -1.28 -5.54 -13.91
C SER C 456 -0.99 -4.34 -14.82
N PRO C 457 0.11 -3.60 -14.56
CA PRO C 457 0.36 -2.38 -15.31
C PRO C 457 1.07 -2.60 -16.65
N PHE C 458 1.45 -1.50 -17.30
CA PHE C 458 1.81 -1.47 -18.72
C PHE C 458 1.97 -0.02 -19.16
N GLY C 459 3.16 0.44 -19.58
CA GLY C 459 4.41 -0.29 -19.78
C GLY C 459 4.79 0.27 -21.13
N GLY C 460 6.06 0.58 -21.43
CA GLY C 460 7.22 0.24 -20.63
C GLY C 460 8.38 1.23 -20.58
N PHE C 461 9.59 0.75 -20.86
CA PHE C 461 10.84 1.40 -20.52
C PHE C 461 11.35 2.30 -21.65
N LYS C 462 12.44 3.02 -21.36
CA LYS C 462 13.33 3.68 -22.33
C LYS C 462 12.52 4.69 -23.16
N MET C 463 12.76 4.77 -24.47
CA MET C 463 12.06 5.66 -25.38
C MET C 463 10.73 5.08 -25.88
N SER C 464 10.13 4.14 -25.14
CA SER C 464 8.87 3.55 -25.52
C SER C 464 7.66 4.12 -24.78
N GLY C 465 7.89 4.95 -23.75
CA GLY C 465 6.78 5.56 -23.06
C GLY C 465 7.24 6.17 -21.74
N ASN C 466 6.28 6.85 -21.10
CA ASN C 466 6.52 7.48 -19.80
C ASN C 466 5.32 7.15 -18.91
N GLY C 467 5.55 6.34 -17.88
CA GLY C 467 4.46 5.90 -17.02
C GLY C 467 3.83 4.61 -17.51
N ARG C 468 2.79 4.24 -16.78
CA ARG C 468 2.10 2.97 -16.99
C ARG C 468 0.59 3.15 -16.95
N GLU C 469 -0.10 2.49 -17.89
CA GLU C 469 -1.54 2.33 -17.84
C GLU C 469 -1.85 0.92 -17.32
N MET C 470 -3.15 0.62 -17.15
CA MET C 470 -3.62 -0.66 -16.62
C MET C 470 -3.18 -0.86 -15.17
N GLY C 471 -3.74 -1.88 -14.50
CA GLY C 471 -3.42 -2.17 -13.11
C GLY C 471 -3.77 -1.00 -12.19
N GLU C 472 -3.22 -1.07 -10.98
CA GLU C 472 -3.40 0.03 -10.04
C GLU C 472 -2.57 1.24 -10.45
N PHE C 473 -1.36 1.00 -10.96
CA PHE C 473 -0.46 2.11 -11.26
C PHE C 473 -0.98 2.98 -12.40
N GLY C 474 -1.87 2.46 -13.24
CA GLY C 474 -2.50 3.30 -14.24
C GLY C 474 -3.30 4.42 -13.62
N LEU C 475 -3.82 4.21 -12.41
CA LEU C 475 -4.55 5.27 -11.71
C LEU C 475 -3.63 6.40 -11.29
N ARG C 476 -2.38 6.08 -10.96
CA ARG C 476 -1.47 7.08 -10.42
C ARG C 476 -1.17 8.18 -11.42
N GLU C 477 -1.43 7.96 -12.70
CA GLU C 477 -1.21 8.99 -13.71
C GLU C 477 -2.39 9.93 -13.88
N TYR C 478 -3.55 9.62 -13.29
CA TYR C 478 -4.71 10.50 -13.37
C TYR C 478 -5.13 11.03 -12.01
N SER C 479 -4.31 10.88 -10.99
CA SER C 479 -4.55 11.44 -9.68
C SER C 479 -3.59 12.60 -9.43
N GLU C 480 -3.86 13.32 -8.34
CA GLU C 480 -3.02 14.44 -7.91
C GLU C 480 -2.93 14.39 -6.39
N VAL C 481 -1.70 14.36 -5.88
CA VAL C 481 -1.49 14.18 -4.44
C VAL C 481 -1.44 15.56 -3.78
N LYS C 482 -2.32 15.78 -2.80
CA LYS C 482 -2.33 17.01 -2.02
C LYS C 482 -2.03 16.65 -0.57
N THR C 483 -0.98 17.27 -0.02
CA THR C 483 -0.61 17.08 1.38
C THR C 483 -1.28 18.14 2.23
N VAL C 484 -1.86 17.73 3.35
CA VAL C 484 -2.50 18.63 4.30
C VAL C 484 -1.88 18.39 5.67
N THR C 485 -1.30 19.44 6.23
CA THR C 485 -0.66 19.39 7.54
C THR C 485 -1.41 20.30 8.48
N VAL C 486 -1.80 19.77 9.64
CA VAL C 486 -2.58 20.51 10.63
C VAL C 486 -1.79 20.53 11.92
N LYS C 487 -1.51 21.73 12.42
CA LYS C 487 -0.85 21.88 13.71
C LYS C 487 -1.77 21.38 14.82
N ILE C 488 -1.24 20.48 15.64
CA ILE C 488 -2.00 19.90 16.75
C ILE C 488 -1.28 20.27 18.04
N PRO C 489 -2.00 20.31 19.16
CA PRO C 489 -1.38 20.76 20.43
C PRO C 489 -0.45 19.73 21.09
N GLN C 490 -0.64 18.44 20.84
CA GLN C 490 0.07 17.45 21.67
C GLN C 490 0.84 16.40 20.86
N LYS C 491 0.15 15.69 19.98
CA LYS C 491 0.70 14.52 19.27
C LYS C 491 1.17 13.43 20.22
N ASN C 492 0.35 12.41 20.42
CA ASN C 492 0.71 11.24 21.20
C ASN C 492 0.80 10.03 20.27
N SER C 493 0.63 8.83 20.83
CA SER C 493 0.81 7.56 20.12
C SER C 493 2.28 7.37 19.74
N PRO D 2 37.35 -14.41 13.82
CA PRO D 2 36.83 -13.99 15.13
C PRO D 2 36.96 -15.12 16.15
N SER D 3 37.20 -14.77 17.41
CA SER D 3 37.40 -15.74 18.47
C SER D 3 36.45 -15.45 19.63
N PRO D 4 36.01 -16.48 20.34
CA PRO D 4 35.18 -16.25 21.53
C PRO D 4 35.91 -15.40 22.56
N THR D 5 35.15 -14.64 23.32
CA THR D 5 35.72 -13.94 24.46
C THR D 5 36.27 -14.97 25.44
N PRO D 6 37.55 -14.86 25.86
CA PRO D 6 38.22 -15.94 26.60
C PRO D 6 37.47 -16.47 27.82
N ASN D 7 37.71 -15.88 28.98
CA ASN D 7 36.98 -16.21 30.20
C ASN D 7 35.96 -15.09 30.44
N LEU D 8 34.69 -15.40 30.17
CA LEU D 8 33.66 -14.38 30.05
C LEU D 8 33.00 -14.11 31.39
N GLU D 9 32.93 -12.83 31.76
CA GLU D 9 32.15 -12.40 32.91
C GLU D 9 30.67 -12.37 32.55
N ILE D 10 29.85 -12.97 33.40
CA ILE D 10 28.40 -12.87 33.28
C ILE D 10 27.99 -11.80 34.28
N LYS D 11 27.88 -10.56 33.78
CA LYS D 11 27.70 -9.42 34.67
C LYS D 11 26.24 -9.18 35.02
N TYR D 12 25.33 -9.34 34.05
CA TYR D 12 23.93 -8.98 34.22
C TYR D 12 23.10 -10.24 34.46
N THR D 13 22.67 -10.42 35.71
CA THR D 13 21.88 -11.61 36.08
C THR D 13 20.63 -11.27 36.86
N LYS D 14 20.22 -10.00 36.90
CA LYS D 14 19.07 -9.57 37.68
C LYS D 14 17.91 -9.19 36.76
N ILE D 15 16.75 -8.96 37.39
CA ILE D 15 15.56 -8.57 36.64
C ILE D 15 15.69 -7.12 36.19
N PHE D 16 15.26 -6.85 34.96
CA PHE D 16 15.34 -5.53 34.33
C PHE D 16 13.95 -4.91 34.30
N ILE D 17 13.71 -3.96 35.20
CA ILE D 17 12.44 -3.25 35.32
C ILE D 17 12.74 -1.77 35.48
N ASN D 18 12.07 -0.93 34.69
CA ASN D 18 12.22 0.52 34.77
C ASN D 18 13.67 0.96 34.57
N ASN D 19 14.38 0.26 33.68
CA ASN D 19 15.79 0.52 33.40
C ASN D 19 16.64 0.40 34.67
N GLU D 20 16.25 -0.49 35.58
CA GLU D 20 16.99 -0.76 36.81
C GLU D 20 17.09 -2.26 37.01
N TRP D 21 18.05 -2.66 37.82
CA TRP D 21 18.29 -4.06 38.12
C TRP D 21 17.69 -4.37 39.48
N GLN D 22 16.67 -5.22 39.50
CA GLN D 22 15.96 -5.57 40.72
C GLN D 22 16.19 -7.03 41.09
N ASN D 23 16.15 -7.29 42.39
CA ASN D 23 16.11 -8.66 42.87
C ASN D 23 14.69 -9.20 42.81
N SER D 24 14.56 -10.52 42.90
CA SER D 24 13.24 -11.13 42.98
C SER D 24 12.59 -10.82 44.32
N GLU D 25 11.28 -10.55 44.28
CA GLU D 25 10.53 -10.31 45.50
C GLU D 25 10.55 -11.54 46.42
N SER D 26 10.62 -12.73 45.82
CA SER D 26 10.82 -13.94 46.60
C SER D 26 12.27 -14.13 47.02
N GLY D 27 13.20 -13.45 46.35
CA GLY D 27 14.62 -13.63 46.61
C GLY D 27 15.23 -14.87 45.99
N ARG D 28 14.48 -15.62 45.20
CA ARG D 28 14.96 -16.86 44.63
C ARG D 28 15.86 -16.60 43.42
N VAL D 29 16.70 -17.58 43.12
CA VAL D 29 17.54 -17.59 41.93
C VAL D 29 17.42 -18.96 41.29
N PHE D 30 17.77 -19.03 40.02
CA PHE D 30 17.78 -20.31 39.32
C PHE D 30 19.05 -20.42 38.50
N PRO D 31 19.56 -21.64 38.30
CA PRO D 31 20.84 -21.82 37.62
C PRO D 31 20.71 -21.88 36.10
N VAL D 32 21.81 -21.56 35.45
CA VAL D 32 21.96 -21.63 33.99
C VAL D 32 23.15 -22.51 33.68
N TYR D 33 23.00 -23.38 32.69
CA TYR D 33 23.97 -24.42 32.44
C TYR D 33 24.60 -24.27 31.07
N ASN D 34 25.82 -24.79 30.94
CA ASN D 34 26.50 -24.98 29.67
C ASN D 34 26.04 -26.30 29.09
N PRO D 35 25.28 -26.29 28.00
CA PRO D 35 24.75 -27.56 27.45
C PRO D 35 25.82 -28.50 26.93
N ALA D 36 27.06 -28.03 26.74
CA ALA D 36 28.12 -28.88 26.21
C ALA D 36 28.90 -29.60 27.29
N THR D 37 28.91 -29.07 28.52
CA THR D 37 29.61 -29.68 29.63
C THR D 37 28.71 -30.07 30.78
N GLY D 38 27.48 -29.55 30.83
CA GLY D 38 26.59 -29.79 31.94
C GLY D 38 26.86 -28.99 33.18
N GLU D 39 27.93 -28.20 33.21
CA GLU D 39 28.26 -27.48 34.44
C GLU D 39 27.46 -26.18 34.50
N GLN D 40 27.29 -25.69 35.74
CA GLN D 40 26.58 -24.45 35.97
C GLN D 40 27.42 -23.25 35.54
N VAL D 41 26.74 -22.19 35.10
CA VAL D 41 27.36 -20.97 34.59
C VAL D 41 27.19 -19.82 35.56
N CYS D 42 25.98 -19.62 36.08
CA CYS D 42 25.70 -18.54 37.02
C CYS D 42 24.31 -18.80 37.61
N GLU D 43 23.81 -17.82 38.37
CA GLU D 43 22.47 -17.86 38.91
C GLU D 43 21.75 -16.58 38.52
N VAL D 44 20.49 -16.72 38.11
CA VAL D 44 19.68 -15.60 37.64
C VAL D 44 18.53 -15.39 38.61
N GLN D 45 18.17 -14.14 38.84
CA GLN D 45 16.97 -13.84 39.64
C GLN D 45 15.74 -14.42 38.97
N GLU D 46 14.92 -15.11 39.76
CA GLU D 46 13.71 -15.77 39.24
C GLU D 46 12.53 -14.83 39.36
N ALA D 47 11.93 -14.48 38.22
CA ALA D 47 10.74 -13.64 38.20
C ALA D 47 9.49 -14.50 38.39
N ASP D 48 8.58 -14.05 39.25
CA ASP D 48 7.32 -14.71 39.50
C ASP D 48 6.18 -13.72 39.26
N LYS D 49 4.98 -14.08 39.70
CA LYS D 49 3.82 -13.21 39.51
C LYS D 49 4.04 -11.84 40.17
N ALA D 50 4.80 -11.79 41.26
CA ALA D 50 5.08 -10.51 41.90
C ALA D 50 5.91 -9.61 41.01
N ASP D 51 7.01 -10.14 40.48
CA ASP D 51 7.87 -9.34 39.61
C ASP D 51 7.15 -8.97 38.32
N ILE D 52 6.31 -9.86 37.80
CA ILE D 52 5.53 -9.54 36.60
C ILE D 52 4.59 -8.37 36.85
N ASP D 53 4.04 -8.28 38.06
CA ASP D 53 3.13 -7.17 38.36
C ASP D 53 3.85 -5.83 38.34
N LYS D 54 5.06 -5.79 38.91
CA LYS D 54 5.82 -4.54 38.90
C LYS D 54 6.19 -4.13 37.48
N ALA D 55 6.52 -5.09 36.63
CA ALA D 55 6.89 -4.77 35.26
C ALA D 55 5.71 -4.20 34.49
N VAL D 56 4.52 -4.77 34.68
CA VAL D 56 3.34 -4.32 33.94
C VAL D 56 3.03 -2.87 34.26
N GLN D 57 3.03 -2.51 35.55
CA GLN D 57 2.74 -1.13 35.90
C GLN D 57 3.85 -0.19 35.49
N ALA D 58 5.08 -0.69 35.35
CA ALA D 58 6.13 0.12 34.78
C ALA D 58 5.91 0.35 33.28
N ALA D 59 5.54 -0.71 32.56
CA ALA D 59 5.25 -0.58 31.13
C ALA D 59 3.96 0.17 30.89
N ARG D 60 2.98 0.02 31.78
CA ARG D 60 1.74 0.78 31.65
C ARG D 60 2.01 2.26 31.87
N LEU D 61 2.83 2.60 32.88
CA LEU D 61 3.12 4.00 33.13
C LEU D 61 3.89 4.62 31.97
N ALA D 62 4.84 3.89 31.40
CA ALA D 62 5.63 4.40 30.29
C ALA D 62 4.80 4.58 29.02
N PHE D 63 3.62 3.99 28.95
CA PHE D 63 2.72 4.11 27.79
C PHE D 63 1.65 5.19 27.98
N SER D 64 1.63 5.87 29.12
CA SER D 64 0.58 6.84 29.41
C SER D 64 0.72 8.07 28.51
N LEU D 65 -0.43 8.70 28.24
CA LEU D 65 -0.45 9.91 27.44
C LEU D 65 0.44 10.98 28.04
N GLY D 66 1.15 11.70 27.18
CA GLY D 66 2.05 12.74 27.62
C GLY D 66 3.40 12.26 28.11
N SER D 67 3.65 10.95 28.10
CA SER D 67 4.94 10.45 28.52
C SER D 67 6.00 10.73 27.45
N VAL D 68 7.24 10.46 27.82
CA VAL D 68 8.36 10.62 26.88
C VAL D 68 8.20 9.68 25.69
N TRP D 69 7.85 8.42 25.95
CA TRP D 69 7.78 7.43 24.88
C TRP D 69 6.60 7.68 23.95
N ARG D 70 5.51 8.24 24.47
CA ARG D 70 4.32 8.46 23.65
C ARG D 70 4.41 9.72 22.81
N ARG D 71 5.09 10.75 23.31
CA ARG D 71 5.24 12.01 22.59
C ARG D 71 6.47 12.05 21.69
N MET D 72 7.41 11.13 21.87
CA MET D 72 8.61 11.10 21.06
C MET D 72 8.27 10.93 19.58
N ASP D 73 9.00 11.62 18.72
CA ASP D 73 8.85 11.45 17.27
C ASP D 73 9.06 10.00 16.87
N ALA D 74 8.22 9.53 15.93
CA ALA D 74 8.37 8.16 15.42
C ALA D 74 9.76 7.95 14.84
N SER D 75 10.30 8.96 14.16
CA SER D 75 11.66 8.85 13.63
C SER D 75 12.68 8.64 14.74
N GLU D 76 12.38 9.11 15.95
CA GLU D 76 13.32 8.91 17.05
C GLU D 76 13.19 7.52 17.65
N ARG D 77 11.99 6.95 17.66
CA ARG D 77 11.85 5.54 18.01
C ARG D 77 12.70 4.66 17.08
N GLY D 78 12.87 5.08 15.82
CA GLY D 78 13.79 4.39 14.94
C GLY D 78 15.25 4.70 15.23
N ARG D 79 15.56 5.93 15.64
CA ARG D 79 16.92 6.27 16.01
C ARG D 79 17.40 5.43 17.19
N LEU D 80 16.54 5.25 18.20
CA LEU D 80 16.90 4.41 19.33
C LEU D 80 17.13 2.97 18.90
N LEU D 81 16.35 2.49 17.93
CA LEU D 81 16.55 1.13 17.44
C LEU D 81 17.85 1.01 16.65
N ASP D 82 18.21 2.06 15.91
CA ASP D 82 19.48 2.06 15.19
C ASP D 82 20.65 2.09 16.16
N LYS D 83 20.55 2.88 17.23
CA LYS D 83 21.59 2.91 18.26
C LYS D 83 21.70 1.55 18.95
N LEU D 84 20.58 0.91 19.21
CA LEU D 84 20.62 -0.43 19.80
C LEU D 84 21.34 -1.41 18.89
N ALA D 85 21.09 -1.32 17.58
CA ALA D 85 21.83 -2.17 16.64
C ALA D 85 23.32 -1.82 16.62
N ASP D 86 23.67 -0.54 16.87
CA ASP D 86 25.08 -0.18 16.91
C ASP D 86 25.77 -0.80 18.11
N LEU D 87 25.07 -0.84 19.25
CA LEU D 87 25.64 -1.41 20.47
C LEU D 87 25.74 -2.92 20.36
N VAL D 88 24.89 -3.56 19.57
CA VAL D 88 24.99 -5.01 19.40
C VAL D 88 26.21 -5.36 18.55
N GLU D 89 26.49 -4.56 17.52
CA GLU D 89 27.62 -4.85 16.65
C GLU D 89 28.96 -4.61 17.33
N ARG D 90 29.01 -3.69 18.30
CA ARG D 90 30.23 -3.51 19.07
C ARG D 90 30.48 -4.71 19.99
N ASP D 91 29.46 -5.09 20.77
CA ASP D 91 29.52 -6.28 21.62
C ASP D 91 29.08 -7.54 20.87
N ARG D 92 29.29 -7.59 19.55
CA ARG D 92 28.90 -8.76 18.77
C ARG D 92 29.63 -10.02 19.21
N ALA D 93 30.93 -9.89 19.52
CA ALA D 93 31.69 -11.07 19.94
C ALA D 93 31.27 -11.57 21.32
N VAL D 94 30.93 -10.65 22.23
CA VAL D 94 30.50 -11.04 23.56
C VAL D 94 29.16 -11.76 23.50
N LEU D 95 28.18 -11.19 22.79
CA LEU D 95 26.86 -11.80 22.72
C LEU D 95 26.90 -13.14 22.01
N ALA D 96 27.72 -13.25 20.94
CA ALA D 96 27.91 -14.54 20.30
C ALA D 96 28.58 -15.53 21.24
N THR D 97 29.49 -15.05 22.10
CA THR D 97 30.08 -15.92 23.12
C THR D 97 29.03 -16.38 24.13
N MET D 98 28.19 -15.44 24.60
CA MET D 98 27.11 -15.81 25.50
C MET D 98 26.19 -16.85 24.87
N GLU D 99 25.74 -16.59 23.64
CA GLU D 99 24.80 -17.51 22.98
C GLU D 99 25.45 -18.85 22.71
N SER D 100 26.74 -18.85 22.37
CA SER D 100 27.46 -20.10 22.18
C SER D 100 27.65 -20.83 23.50
N LEU D 101 27.86 -20.07 24.58
CA LEU D 101 28.07 -20.66 25.90
C LEU D 101 26.77 -21.22 26.45
N ASN D 102 25.69 -20.45 26.35
CA ASN D 102 24.42 -20.77 26.97
C ASN D 102 23.52 -21.63 26.08
N GLY D 103 23.74 -21.64 24.76
CA GLY D 103 22.84 -22.34 23.88
C GLY D 103 23.41 -23.58 23.24
N GLY D 104 24.71 -23.77 23.37
CA GLY D 104 25.40 -24.85 22.68
C GLY D 104 25.69 -24.59 21.21
N LYS D 105 25.33 -23.42 20.68
CA LYS D 105 25.58 -23.13 19.27
C LYS D 105 27.08 -23.06 19.01
N PRO D 106 27.54 -23.56 17.86
CA PRO D 106 28.92 -23.29 17.43
C PRO D 106 29.16 -21.79 17.34
N PHE D 107 30.30 -21.35 17.89
CA PHE D 107 30.55 -19.92 18.04
C PHE D 107 30.46 -19.18 16.71
N LEU D 108 31.22 -19.64 15.71
CA LEU D 108 31.24 -18.96 14.42
C LEU D 108 29.86 -18.88 13.80
N GLN D 109 29.02 -19.90 14.00
CA GLN D 109 27.67 -19.82 13.45
C GLN D 109 26.79 -18.86 14.24
N ALA D 110 27.02 -18.70 15.54
CA ALA D 110 26.30 -17.69 16.31
C ALA D 110 26.78 -16.29 15.94
N PHE D 111 28.06 -16.14 15.59
CA PHE D 111 28.59 -14.84 15.23
C PHE D 111 28.12 -14.38 13.86
N TYR D 112 28.06 -15.29 12.90
CA TYR D 112 27.81 -14.96 11.50
C TYR D 112 26.36 -15.15 11.08
N VAL D 113 25.54 -15.84 11.87
CA VAL D 113 24.14 -16.04 11.48
C VAL D 113 23.22 -15.34 12.46
N ASP D 114 23.24 -15.78 13.73
CA ASP D 114 22.32 -15.23 14.73
C ASP D 114 22.59 -13.76 14.97
N LEU D 115 23.85 -13.41 15.26
CA LEU D 115 24.18 -12.02 15.55
C LEU D 115 24.00 -11.13 14.33
N GLN D 116 24.24 -11.68 13.14
CA GLN D 116 23.97 -10.92 11.92
C GLN D 116 22.48 -10.61 11.81
N GLY D 117 21.63 -11.61 12.02
CA GLY D 117 20.19 -11.37 11.96
C GLY D 117 19.70 -10.44 13.03
N VAL D 118 20.36 -10.45 14.20
CA VAL D 118 19.97 -9.54 15.28
C VAL D 118 20.22 -8.10 14.86
N ILE D 119 21.39 -7.82 14.29
CA ILE D 119 21.71 -6.48 13.84
C ILE D 119 20.81 -6.07 12.67
N LYS D 120 20.66 -6.95 11.68
CA LYS D 120 19.87 -6.60 10.50
C LYS D 120 18.41 -6.40 10.85
N THR D 121 17.91 -7.08 11.88
CA THR D 121 16.52 -6.89 12.27
C THR D 121 16.30 -5.51 12.89
N PHE D 122 17.13 -5.14 13.87
CA PHE D 122 17.02 -3.81 14.47
C PHE D 122 17.21 -2.71 13.43
N ARG D 123 18.13 -2.90 12.49
CA ARG D 123 18.31 -1.89 11.45
C ARG D 123 17.08 -1.81 10.55
N TYR D 124 16.51 -2.96 10.17
CA TYR D 124 15.36 -2.94 9.29
C TYR D 124 14.19 -2.23 9.94
N TYR D 125 13.86 -2.60 11.16
CA TYR D 125 12.74 -1.98 11.85
C TYR D 125 13.04 -0.57 12.32
N ALA D 126 14.32 -0.19 12.40
CA ALA D 126 14.64 1.21 12.68
C ALA D 126 14.10 2.13 11.60
N GLY D 127 14.01 1.63 10.35
CA GLY D 127 13.47 2.40 9.26
C GLY D 127 11.96 2.43 9.17
N TRP D 128 11.29 1.40 9.69
CA TRP D 128 9.84 1.33 9.59
C TRP D 128 9.12 2.30 10.52
N ALA D 129 9.81 2.82 11.54
CA ALA D 129 9.13 3.57 12.60
C ALA D 129 8.30 4.72 12.05
N ASP D 130 8.93 5.64 11.33
CA ASP D 130 8.23 6.81 10.81
C ASP D 130 7.58 6.55 9.46
N LYS D 131 7.37 5.28 9.10
CA LYS D 131 6.79 4.93 7.81
C LYS D 131 5.59 4.01 7.97
N ILE D 132 4.91 4.07 9.11
CA ILE D 132 3.70 3.29 9.33
C ILE D 132 2.52 4.21 9.03
N HIS D 133 1.92 4.03 7.85
CA HIS D 133 0.92 4.97 7.34
C HIS D 133 -0.50 4.44 7.51
N GLY D 134 -1.40 5.35 7.87
CA GLY D 134 -2.83 5.11 7.74
C GLY D 134 -3.28 5.44 6.34
N MET D 135 -4.58 5.64 6.18
CA MET D 135 -5.13 5.94 4.86
C MET D 135 -6.27 6.94 4.99
N THR D 136 -6.54 7.64 3.90
CA THR D 136 -7.72 8.48 3.78
C THR D 136 -8.65 7.84 2.76
N ILE D 137 -9.91 7.68 3.11
CA ILE D 137 -10.84 6.81 2.40
C ILE D 137 -11.95 7.65 1.79
N PRO D 138 -12.26 7.49 0.50
CA PRO D 138 -13.33 8.27 -0.11
C PRO D 138 -14.69 7.64 0.11
N VAL D 139 -15.34 7.98 1.22
CA VAL D 139 -16.58 7.32 1.62
C VAL D 139 -17.77 8.08 1.07
N ASP D 140 -18.91 7.39 1.02
CA ASP D 140 -20.15 8.01 0.54
C ASP D 140 -20.62 9.09 1.50
N GLY D 141 -21.35 10.08 0.96
CA GLY D 141 -21.84 11.18 1.74
C GLY D 141 -20.78 12.21 2.03
N ASP D 142 -21.22 13.31 2.67
CA ASP D 142 -20.35 14.44 2.98
C ASP D 142 -19.56 14.11 4.25
N TYR D 143 -18.46 13.40 4.07
CA TYR D 143 -17.65 12.96 5.19
C TYR D 143 -16.19 12.95 4.79
N PHE D 144 -15.33 13.02 5.80
CA PHE D 144 -13.89 12.88 5.63
C PHE D 144 -13.42 11.79 6.60
N THR D 145 -13.04 10.64 6.07
CA THR D 145 -12.67 9.48 6.86
C THR D 145 -11.19 9.17 6.67
N PHE D 146 -10.47 9.05 7.78
CA PHE D 146 -9.07 8.66 7.76
C PHE D 146 -8.82 7.66 8.89
N THR D 147 -7.61 7.12 8.92
CA THR D 147 -7.24 6.08 9.89
C THR D 147 -5.87 6.36 10.46
N ARG D 148 -5.72 6.10 11.76
CA ARG D 148 -4.44 6.18 12.44
C ARG D 148 -4.05 4.78 12.92
N HIS D 149 -2.76 4.47 12.83
CA HIS D 149 -2.22 3.23 13.38
C HIS D 149 -1.54 3.57 14.70
N GLU D 150 -2.23 3.34 15.80
CA GLU D 150 -1.67 3.64 17.10
C GLU D 150 -1.08 2.37 17.74
N PRO D 151 -0.10 2.51 18.63
CA PRO D 151 0.38 1.33 19.37
C PRO D 151 -0.71 0.76 20.26
N ILE D 152 -0.68 -0.56 20.44
CA ILE D 152 -1.71 -1.24 21.22
C ILE D 152 -1.55 -0.95 22.70
N GLY D 153 -0.33 -1.00 23.21
CA GLY D 153 -0.08 -0.79 24.62
C GLY D 153 1.04 -1.64 25.16
N VAL D 154 0.82 -2.28 26.30
CA VAL D 154 1.83 -3.15 26.89
C VAL D 154 1.77 -4.51 26.23
N CYS D 155 2.90 -5.00 25.74
CA CYS D 155 2.98 -6.27 25.05
C CYS D 155 3.80 -7.25 25.87
N GLY D 156 3.15 -8.34 26.29
CA GLY D 156 3.87 -9.44 26.92
C GLY D 156 4.38 -10.38 25.85
N GLN D 157 5.65 -10.77 25.97
CA GLN D 157 6.28 -11.63 24.97
C GLN D 157 7.06 -12.75 25.65
N ILE D 158 6.90 -13.97 25.12
CA ILE D 158 7.57 -15.15 25.63
C ILE D 158 8.34 -15.77 24.47
N ILE D 159 9.63 -16.01 24.68
CA ILE D 159 10.49 -16.47 23.59
C ILE D 159 11.12 -17.81 23.97
N PRO D 160 11.48 -18.64 23.00
CA PRO D 160 12.05 -19.96 23.34
C PRO D 160 13.56 -19.92 23.50
N TRP D 161 14.19 -21.10 23.49
CA TRP D 161 15.63 -21.22 23.77
C TRP D 161 16.46 -21.60 22.55
N ASN D 162 15.83 -21.84 21.39
CA ASN D 162 16.59 -22.31 20.23
C ASN D 162 17.34 -21.17 19.54
N PHE D 163 16.77 -19.96 19.53
CA PHE D 163 17.42 -18.76 19.01
C PHE D 163 17.20 -17.63 20.00
N PRO D 164 17.86 -17.70 21.17
CA PRO D 164 17.53 -16.76 22.25
C PRO D 164 17.70 -15.29 21.86
N LEU D 165 18.88 -14.92 21.36
CA LEU D 165 19.08 -13.52 20.99
C LEU D 165 18.24 -13.15 19.77
N LEU D 166 18.22 -14.00 18.75
CA LEU D 166 17.48 -13.69 17.53
C LEU D 166 15.98 -13.62 17.80
N MET D 167 15.44 -14.53 18.62
CA MET D 167 14.03 -14.42 18.96
C MET D 167 13.77 -13.17 19.79
N PHE D 168 14.75 -12.75 20.60
CA PHE D 168 14.60 -11.52 21.38
C PHE D 168 14.47 -10.31 20.45
N ALA D 169 15.33 -10.25 19.42
CA ALA D 169 15.23 -9.14 18.49
C ALA D 169 13.94 -9.22 17.67
N TRP D 170 13.60 -10.42 17.20
CA TRP D 170 12.42 -10.59 16.35
C TRP D 170 11.16 -10.13 17.06
N LYS D 171 11.15 -10.14 18.38
CA LYS D 171 9.94 -9.81 19.12
C LYS D 171 9.90 -8.35 19.53
N ILE D 172 11.03 -7.80 19.98
CA ILE D 172 10.95 -6.45 20.53
C ILE D 172 11.09 -5.41 19.44
N ALA D 173 11.76 -5.73 18.34
CA ALA D 173 11.93 -4.73 17.29
C ALA D 173 10.61 -4.26 16.70
N PRO D 174 9.71 -5.12 16.22
CA PRO D 174 8.44 -4.60 15.70
C PRO D 174 7.57 -3.96 16.75
N ALA D 175 7.60 -4.48 17.98
CA ALA D 175 6.76 -3.93 19.03
C ALA D 175 7.19 -2.51 19.38
N LEU D 176 8.50 -2.26 19.47
CA LEU D 176 8.99 -0.91 19.77
C LEU D 176 8.82 0.01 18.57
N CYS D 177 9.01 -0.52 17.36
CA CYS D 177 8.84 0.27 16.15
C CYS D 177 7.45 0.94 16.10
N CYS D 178 6.42 0.25 16.58
CA CYS D 178 5.06 0.80 16.57
C CYS D 178 4.78 1.69 17.76
N GLY D 179 5.66 1.74 18.76
CA GLY D 179 5.48 2.61 19.90
C GLY D 179 4.89 1.97 21.13
N ASN D 180 4.88 0.64 21.20
CA ASN D 180 4.41 -0.11 22.37
C ASN D 180 5.49 -0.17 23.44
N THR D 181 5.07 -0.61 24.63
CA THR D 181 6.00 -0.97 25.70
C THR D 181 5.97 -2.48 25.86
N VAL D 182 7.08 -3.03 26.33
CA VAL D 182 7.35 -4.47 26.24
C VAL D 182 7.61 -5.04 27.63
N VAL D 183 6.98 -6.18 27.92
CA VAL D 183 7.32 -7.04 29.05
C VAL D 183 7.66 -8.40 28.45
N ILE D 184 8.94 -8.73 28.41
CA ILE D 184 9.44 -9.90 27.70
C ILE D 184 10.05 -10.89 28.69
N LYS D 185 9.75 -12.17 28.51
CA LYS D 185 10.23 -13.24 29.40
C LYS D 185 10.98 -14.29 28.60
N PRO D 186 12.32 -14.31 28.67
CA PRO D 186 13.08 -15.31 27.92
C PRO D 186 12.97 -16.69 28.57
N ALA D 187 13.27 -17.69 27.75
CA ALA D 187 13.25 -19.07 28.21
C ALA D 187 14.20 -19.25 29.38
N GLU D 188 13.81 -20.08 30.34
CA GLU D 188 14.58 -20.23 31.57
C GLU D 188 15.94 -20.85 31.31
N GLN D 189 16.08 -21.64 30.24
CA GLN D 189 17.35 -22.28 29.96
C GLN D 189 18.39 -21.29 29.46
N THR D 190 17.95 -20.28 28.71
CA THR D 190 18.86 -19.35 28.03
C THR D 190 18.37 -17.92 28.25
N PRO D 191 18.50 -17.39 29.46
CA PRO D 191 18.10 -15.99 29.72
C PRO D 191 19.22 -14.97 29.61
N LEU D 192 20.46 -15.39 29.36
CA LEU D 192 21.60 -14.50 29.61
C LEU D 192 21.74 -13.45 28.52
N SER D 193 21.77 -13.85 27.25
CA SER D 193 21.95 -12.86 26.20
C SER D 193 20.81 -11.87 26.18
N ALA D 194 19.61 -12.29 26.57
CA ALA D 194 18.49 -11.35 26.69
C ALA D 194 18.75 -10.33 27.79
N LEU D 195 19.34 -10.76 28.92
CA LEU D 195 19.61 -9.84 30.01
C LEU D 195 20.73 -8.86 29.66
N TYR D 196 21.71 -9.30 28.87
CA TYR D 196 22.73 -8.37 28.38
C TYR D 196 22.11 -7.31 27.47
N MET D 197 21.06 -7.68 26.72
CA MET D 197 20.36 -6.70 25.91
C MET D 197 19.70 -5.63 26.77
N GLY D 198 19.35 -5.97 28.01
CA GLY D 198 18.80 -4.98 28.92
C GLY D 198 19.79 -3.86 29.22
N ALA D 199 21.08 -4.18 29.29
CA ALA D 199 22.08 -3.15 29.53
C ALA D 199 22.27 -2.26 28.31
N LEU D 200 22.35 -2.87 27.12
CA LEU D 200 22.40 -2.09 25.89
C LEU D 200 21.19 -1.17 25.72
N ILE D 201 20.02 -1.63 26.15
CA ILE D 201 18.81 -0.79 26.04
C ILE D 201 18.94 0.45 26.92
N LYS D 202 19.39 0.27 28.17
CA LYS D 202 19.60 1.42 29.04
C LYS D 202 20.72 2.31 28.51
N GLU D 203 21.75 1.71 27.90
CA GLU D 203 22.82 2.52 27.32
C GLU D 203 22.35 3.26 26.08
N ALA D 204 21.50 2.62 25.27
CA ALA D 204 20.98 3.26 24.06
C ALA D 204 20.10 4.46 24.37
N GLY D 205 19.52 4.54 25.56
CA GLY D 205 18.71 5.68 25.94
C GLY D 205 17.21 5.46 25.91
N PHE D 206 16.75 4.21 25.91
CA PHE D 206 15.32 3.95 25.92
C PHE D 206 14.71 4.43 27.24
N PRO D 207 13.58 5.12 27.20
CA PRO D 207 12.98 5.60 28.43
C PRO D 207 12.65 4.46 29.36
N PRO D 208 12.65 4.69 30.67
CA PRO D 208 12.39 3.59 31.62
C PRO D 208 10.99 3.01 31.44
N GLY D 209 10.89 1.70 31.68
CA GLY D 209 9.64 0.99 31.58
C GLY D 209 9.18 0.67 30.17
N VAL D 210 9.89 1.13 29.14
CA VAL D 210 9.51 0.78 27.77
C VAL D 210 9.84 -0.68 27.50
N ILE D 211 10.95 -1.18 28.04
CA ILE D 211 11.33 -2.57 27.90
C ILE D 211 11.63 -3.14 29.29
N ASN D 212 10.98 -4.24 29.64
CA ASN D 212 11.20 -4.91 30.91
C ASN D 212 11.44 -6.38 30.64
N ILE D 213 12.54 -6.91 31.18
CA ILE D 213 12.93 -8.30 30.96
C ILE D 213 12.81 -9.06 32.27
N LEU D 214 12.08 -10.18 32.24
CA LEU D 214 11.80 -10.96 33.44
C LEU D 214 12.15 -12.42 33.22
N PRO D 215 13.34 -12.85 33.65
CA PRO D 215 13.73 -14.26 33.47
C PRO D 215 13.03 -15.14 34.52
N GLY D 216 12.53 -16.28 34.06
CA GLY D 216 11.75 -17.13 34.94
C GLY D 216 11.23 -18.33 34.19
N TYR D 217 10.37 -19.09 34.87
CA TYR D 217 9.82 -20.33 34.33
C TYR D 217 8.45 -20.08 33.70
N GLY D 218 8.01 -21.07 32.92
CA GLY D 218 6.76 -21.00 32.21
C GLY D 218 5.55 -20.83 33.11
N PRO D 219 5.29 -21.82 33.97
CA PRO D 219 4.09 -21.77 34.82
C PRO D 219 4.10 -20.63 35.83
N THR D 220 5.22 -19.93 35.98
CA THR D 220 5.31 -18.83 36.95
C THR D 220 5.36 -17.49 36.23
N ALA D 221 6.47 -17.15 35.60
CA ALA D 221 6.56 -15.87 34.89
C ALA D 221 5.67 -15.87 33.66
N GLY D 222 5.80 -16.90 32.82
CA GLY D 222 5.01 -16.96 31.60
C GLY D 222 3.51 -16.96 31.84
N ALA D 223 3.05 -17.80 32.76
CA ALA D 223 1.61 -17.88 33.05
C ALA D 223 1.08 -16.55 33.59
N ALA D 224 1.85 -15.88 34.45
CA ALA D 224 1.40 -14.58 34.96
C ALA D 224 1.26 -13.55 33.84
N ILE D 225 2.09 -13.65 32.81
CA ILE D 225 1.95 -12.74 31.68
C ILE D 225 0.71 -13.07 30.87
N ALA D 226 0.44 -14.37 30.68
CA ALA D 226 -0.64 -14.79 29.80
C ALA D 226 -2.01 -14.41 30.32
N SER D 227 -2.17 -14.28 31.65
CA SER D 227 -3.47 -14.04 32.25
C SER D 227 -3.57 -12.67 32.90
N HIS D 228 -2.58 -11.79 32.71
CA HIS D 228 -2.61 -10.47 33.32
C HIS D 228 -3.69 -9.62 32.67
N ILE D 229 -4.52 -8.97 33.50
CA ILE D 229 -5.61 -8.15 32.98
C ILE D 229 -5.12 -6.79 32.48
N GLY D 230 -3.93 -6.37 32.90
CA GLY D 230 -3.35 -5.11 32.48
C GLY D 230 -2.46 -5.20 31.26
N ILE D 231 -2.39 -6.37 30.63
CA ILE D 231 -1.59 -6.58 29.43
C ILE D 231 -2.53 -6.67 28.22
N ASP D 232 -2.23 -5.89 27.19
CA ASP D 232 -3.11 -5.74 26.04
C ASP D 232 -2.86 -6.76 24.95
N LYS D 233 -1.64 -7.27 24.83
CA LYS D 233 -1.32 -8.22 23.78
C LYS D 233 -0.25 -9.18 24.27
N ILE D 234 -0.32 -10.42 23.80
CA ILE D 234 0.68 -11.43 24.09
C ILE D 234 1.24 -11.97 22.78
N ALA D 235 2.53 -12.27 22.78
CA ALA D 235 3.23 -12.82 21.62
C ALA D 235 4.07 -14.00 22.10
N PHE D 236 3.59 -15.21 21.85
CA PHE D 236 4.26 -16.42 22.29
C PHE D 236 4.89 -17.13 21.11
N THR D 237 6.11 -17.64 21.32
CA THR D 237 6.77 -18.51 20.35
C THR D 237 7.25 -19.75 21.09
N GLY D 238 6.85 -20.92 20.61
CA GLY D 238 7.23 -22.15 21.28
C GLY D 238 6.49 -23.36 20.76
N SER D 239 6.12 -24.26 21.67
CA SER D 239 5.46 -25.50 21.29
C SER D 239 3.99 -25.24 20.97
N THR D 240 3.44 -26.09 20.10
CA THR D 240 2.01 -26.02 19.79
C THR D 240 1.17 -26.30 21.03
N GLU D 241 1.62 -27.19 21.91
CA GLU D 241 0.85 -27.50 23.10
C GLU D 241 0.69 -26.27 23.99
N VAL D 242 1.78 -25.55 24.24
CA VAL D 242 1.69 -24.34 25.06
C VAL D 242 0.97 -23.22 24.31
N GLY D 243 1.05 -23.21 22.97
CA GLY D 243 0.33 -22.22 22.19
C GLY D 243 -1.18 -22.29 22.39
N LYS D 244 -1.72 -23.48 22.64
CA LYS D 244 -3.15 -23.61 22.93
C LYS D 244 -3.50 -22.95 24.26
N LEU D 245 -2.60 -23.04 25.24
CA LEU D 245 -2.87 -22.48 26.56
C LEU D 245 -2.77 -20.96 26.55
N ILE D 246 -1.94 -20.40 25.67
CA ILE D 246 -1.85 -18.95 25.56
C ILE D 246 -3.15 -18.38 25.01
N GLN D 247 -3.63 -18.92 23.87
CA GLN D 247 -4.88 -18.44 23.31
C GLN D 247 -6.06 -18.72 24.23
N GLU D 248 -5.95 -19.75 25.07
CA GLU D 248 -7.00 -20.03 26.04
C GLU D 248 -6.99 -19.02 27.18
N ALA D 249 -5.82 -18.76 27.77
CA ALA D 249 -5.73 -17.82 28.89
C ALA D 249 -6.09 -16.41 28.47
N ALA D 250 -5.87 -16.06 27.20
CA ALA D 250 -6.25 -14.74 26.71
C ALA D 250 -7.76 -14.55 26.72
N GLY D 251 -8.50 -15.55 26.25
CA GLY D 251 -9.96 -15.48 26.31
C GLY D 251 -10.50 -15.43 27.72
N ARG D 252 -9.85 -16.11 28.67
CA ARG D 252 -10.31 -16.13 30.04
C ARG D 252 -9.99 -14.86 30.81
N SER D 253 -8.98 -14.10 30.38
CA SER D 253 -8.55 -12.91 31.10
C SER D 253 -9.20 -11.65 30.55
N ASN D 254 -8.60 -11.07 29.49
CA ASN D 254 -9.09 -9.80 28.98
C ASN D 254 -9.15 -9.76 27.45
N LEU D 255 -9.21 -10.92 26.79
CA LEU D 255 -9.27 -11.00 25.33
C LEU D 255 -8.11 -10.26 24.68
N LYS D 256 -6.95 -10.31 25.32
CA LYS D 256 -5.77 -9.70 24.72
C LYS D 256 -5.49 -10.32 23.37
N ARG D 257 -4.99 -9.50 22.44
CA ARG D 257 -4.60 -10.02 21.14
C ARG D 257 -3.49 -11.05 21.32
N VAL D 258 -3.41 -11.99 20.38
CA VAL D 258 -2.53 -13.15 20.50
C VAL D 258 -1.75 -13.34 19.21
N THR D 259 -0.44 -13.45 19.33
CA THR D 259 0.43 -13.88 18.24
C THR D 259 1.12 -15.18 18.66
N LEU D 260 1.18 -16.14 17.75
CA LEU D 260 1.79 -17.43 18.04
C LEU D 260 2.72 -17.84 16.90
N GLU D 261 3.87 -18.40 17.27
CA GLU D 261 4.79 -19.04 16.33
C GLU D 261 5.08 -20.42 16.90
N LEU D 262 4.42 -21.44 16.35
CA LEU D 262 4.35 -22.74 17.02
C LEU D 262 5.10 -23.85 16.28
N GLY D 263 5.81 -23.53 15.21
CA GLY D 263 6.58 -24.56 14.52
C GLY D 263 5.72 -25.69 13.94
N GLY D 264 6.42 -26.70 13.43
CA GLY D 264 5.71 -27.81 12.83
C GLY D 264 6.64 -28.81 12.17
N LYS D 265 6.06 -29.62 11.28
CA LYS D 265 6.75 -30.70 10.59
C LYS D 265 6.88 -30.33 9.12
N SER D 266 7.89 -29.52 8.81
CA SER D 266 7.99 -28.87 7.51
C SER D 266 8.55 -29.85 6.46
N PRO D 267 7.90 -30.00 5.32
CA PRO D 267 8.40 -30.90 4.28
C PRO D 267 9.41 -30.25 3.35
N ASN D 268 10.26 -31.10 2.78
CA ASN D 268 11.24 -30.69 1.79
C ASN D 268 11.18 -31.68 0.63
N ILE D 269 10.82 -31.18 -0.56
CA ILE D 269 10.56 -32.03 -1.73
C ILE D 269 11.74 -31.89 -2.70
N ILE D 270 12.37 -33.01 -3.01
CA ILE D 270 13.51 -33.06 -3.93
C ILE D 270 13.09 -33.79 -5.20
N PHE D 271 12.98 -33.05 -6.30
CA PHE D 271 12.68 -33.63 -7.59
C PHE D 271 13.96 -34.06 -8.30
N ALA D 272 13.84 -35.07 -9.17
CA ALA D 272 14.99 -35.52 -9.93
C ALA D 272 15.52 -34.45 -10.88
N ASP D 273 14.69 -33.46 -11.21
CA ASP D 273 15.11 -32.36 -12.05
C ASP D 273 16.10 -31.43 -11.36
N ALA D 274 16.35 -31.60 -10.06
CA ALA D 274 17.12 -30.64 -9.29
C ALA D 274 18.61 -30.97 -9.31
N ASP D 275 19.41 -29.97 -8.96
CA ASP D 275 20.84 -30.17 -8.75
C ASP D 275 21.03 -31.07 -7.53
N LEU D 276 21.55 -32.28 -7.75
CA LEU D 276 21.57 -33.29 -6.70
C LEU D 276 22.51 -32.91 -5.56
N ASP D 277 23.77 -32.57 -5.90
CA ASP D 277 24.74 -32.23 -4.87
C ASP D 277 24.38 -30.96 -4.12
N TYR D 278 23.73 -30.02 -4.80
CA TYR D 278 23.22 -28.83 -4.12
C TYR D 278 22.10 -29.20 -3.17
N ALA D 279 21.14 -30.01 -3.64
CA ALA D 279 20.00 -30.40 -2.81
C ALA D 279 20.42 -31.27 -1.62
N VAL D 280 21.39 -32.18 -1.84
CA VAL D 280 21.87 -33.00 -0.76
C VAL D 280 22.43 -32.13 0.36
N GLU D 281 23.21 -31.11 -0.01
CA GLU D 281 23.81 -30.25 1.01
C GLU D 281 22.79 -29.33 1.66
N GLN D 282 21.87 -28.79 0.87
CA GLN D 282 20.91 -27.84 1.43
C GLN D 282 19.90 -28.55 2.34
N ALA D 283 19.39 -29.71 1.91
CA ALA D 283 18.45 -30.46 2.73
C ALA D 283 19.12 -30.97 4.01
N HIS D 284 20.41 -31.32 3.92
CA HIS D 284 21.17 -31.68 5.12
C HIS D 284 21.35 -30.47 6.05
N GLN D 285 21.49 -29.27 5.49
CA GLN D 285 21.55 -28.08 6.34
C GLN D 285 20.18 -27.76 6.94
N GLY D 286 19.10 -28.03 6.20
CA GLY D 286 17.77 -27.77 6.72
C GLY D 286 17.33 -28.71 7.82
N VAL D 287 18.07 -29.80 8.03
CA VAL D 287 17.76 -30.74 9.10
C VAL D 287 18.67 -30.54 10.30
N PHE D 288 19.97 -30.31 10.07
CA PHE D 288 20.97 -30.34 11.12
C PHE D 288 21.36 -28.96 11.64
N PHE D 289 20.82 -27.89 11.05
CA PHE D 289 21.23 -26.54 11.45
C PHE D 289 20.81 -26.26 12.90
N ASN D 290 21.75 -25.69 13.66
CA ASN D 290 21.55 -25.38 15.07
C ASN D 290 21.04 -26.62 15.82
N GLN D 291 21.77 -27.72 15.66
CA GLN D 291 21.50 -28.96 16.38
C GLN D 291 20.11 -29.49 16.10
N GLY D 292 19.58 -29.19 14.92
CA GLY D 292 18.24 -29.63 14.55
C GLY D 292 17.11 -28.94 15.29
N GLN D 293 17.41 -27.95 16.11
CA GLN D 293 16.42 -27.29 16.96
C GLN D 293 15.88 -26.03 16.30
N CYS D 294 15.32 -26.22 15.10
CA CYS D 294 14.67 -25.15 14.36
C CYS D 294 13.21 -25.52 14.13
N CYS D 295 12.31 -24.57 14.41
CA CYS D 295 10.90 -24.80 14.13
C CYS D 295 10.68 -25.08 12.65
N THR D 296 11.54 -24.56 11.79
CA THR D 296 11.45 -24.73 10.35
C THR D 296 12.23 -25.95 9.84
N ALA D 297 12.57 -26.89 10.72
CA ALA D 297 13.38 -28.03 10.32
C ALA D 297 12.68 -28.83 9.22
N GLY D 298 13.42 -29.13 8.15
CA GLY D 298 12.92 -30.00 7.12
C GLY D 298 12.91 -31.45 7.56
N SER D 299 12.08 -31.76 8.56
CA SER D 299 12.12 -33.08 9.20
C SER D 299 11.74 -34.19 8.21
N ARG D 300 10.82 -33.92 7.30
CA ARG D 300 10.38 -34.88 6.30
C ARG D 300 10.92 -34.46 4.94
N ILE D 301 11.84 -35.23 4.39
CA ILE D 301 12.47 -34.94 3.11
C ILE D 301 11.92 -35.94 2.09
N PHE D 302 11.02 -35.49 1.22
CA PHE D 302 10.50 -36.30 0.15
C PHE D 302 11.43 -36.22 -1.05
N VAL D 303 11.86 -37.38 -1.55
CA VAL D 303 12.79 -37.47 -2.67
C VAL D 303 12.17 -38.35 -3.74
N GLU D 304 12.29 -37.92 -5.01
CA GLU D 304 11.75 -38.70 -6.11
C GLU D 304 12.45 -40.06 -6.18
N GLU D 305 11.67 -41.10 -6.51
CA GLU D 305 12.18 -42.46 -6.48
C GLU D 305 13.34 -42.66 -7.45
N SER D 306 13.34 -41.91 -8.57
CA SER D 306 14.42 -42.03 -9.55
C SER D 306 15.78 -41.74 -8.93
N ILE D 307 15.83 -40.86 -7.93
CA ILE D 307 17.09 -40.47 -7.31
C ILE D 307 17.12 -40.78 -5.82
N TYR D 308 16.17 -41.60 -5.34
CA TYR D 308 16.04 -41.83 -3.91
C TYR D 308 17.27 -42.52 -3.34
N GLU D 309 17.66 -43.65 -3.94
CA GLU D 309 18.68 -44.49 -3.31
C GLU D 309 20.04 -43.80 -3.26
N GLU D 310 20.31 -42.89 -4.21
CA GLU D 310 21.59 -42.20 -4.23
C GLU D 310 21.55 -40.86 -3.51
N PHE D 311 20.40 -40.20 -3.47
CA PHE D 311 20.24 -39.09 -2.53
C PHE D 311 20.45 -39.57 -1.10
N VAL D 312 19.89 -40.74 -0.77
CA VAL D 312 20.03 -41.30 0.57
C VAL D 312 21.50 -41.54 0.88
N ARG D 313 22.21 -42.20 -0.05
CA ARG D 313 23.61 -42.55 0.17
C ARG D 313 24.45 -41.29 0.34
N ARG D 314 24.27 -40.31 -0.54
CA ARG D 314 25.00 -39.05 -0.41
C ARG D 314 24.71 -38.38 0.92
N SER D 315 23.47 -38.47 1.40
CA SER D 315 23.13 -37.85 2.66
C SER D 315 23.78 -38.59 3.83
N VAL D 316 23.87 -39.92 3.75
CA VAL D 316 24.51 -40.68 4.80
C VAL D 316 26.00 -40.35 4.87
N GLU D 317 26.65 -40.25 3.71
CA GLU D 317 28.06 -39.86 3.68
C GLU D 317 28.24 -38.46 4.26
N ARG D 318 27.34 -37.54 3.93
CA ARG D 318 27.43 -36.18 4.47
C ARG D 318 27.23 -36.17 5.97
N ALA D 319 26.31 -36.98 6.48
CA ALA D 319 26.05 -37.03 7.92
C ALA D 319 27.22 -37.68 8.66
N LYS D 320 27.82 -38.71 8.08
CA LYS D 320 28.91 -39.40 8.75
C LYS D 320 30.17 -38.54 8.88
N ARG D 321 30.32 -37.53 8.00
CA ARG D 321 31.46 -36.63 8.09
C ARG D 321 31.12 -35.31 8.77
N ARG D 322 29.86 -35.10 9.17
CA ARG D 322 29.48 -33.91 9.93
C ARG D 322 30.22 -33.89 11.26
N VAL D 323 30.89 -32.78 11.53
CA VAL D 323 31.80 -32.66 12.67
C VAL D 323 31.05 -32.17 13.89
N VAL D 324 31.07 -32.98 14.95
CA VAL D 324 30.43 -32.64 16.23
C VAL D 324 31.53 -32.44 17.27
N GLY D 325 31.44 -31.35 18.01
CA GLY D 325 32.48 -31.04 18.97
C GLY D 325 32.12 -29.84 19.82
N SER D 326 33.13 -29.32 20.50
CA SER D 326 32.90 -28.20 21.41
C SER D 326 32.43 -26.98 20.62
N PRO D 327 31.45 -26.24 21.16
CA PRO D 327 30.98 -25.03 20.47
C PRO D 327 32.06 -23.98 20.29
N PHE D 328 33.10 -23.98 21.13
CA PHE D 328 34.15 -22.97 21.00
C PHE D 328 35.19 -23.32 19.95
N ASP D 329 35.19 -24.55 19.41
CA ASP D 329 36.18 -24.95 18.42
C ASP D 329 35.70 -24.59 17.02
N PRO D 330 36.50 -23.89 16.23
CA PRO D 330 36.03 -23.43 14.91
C PRO D 330 35.69 -24.54 13.94
N THR D 331 36.19 -25.76 14.17
CA THR D 331 35.88 -26.87 13.27
C THR D 331 34.53 -27.51 13.56
N THR D 332 33.91 -27.19 14.70
CA THR D 332 32.64 -27.80 15.07
C THR D 332 31.50 -27.22 14.24
N GLU D 333 30.69 -28.09 13.63
CA GLU D 333 29.48 -27.67 12.95
C GLU D 333 28.22 -27.90 13.76
N GLN D 334 28.26 -28.82 14.73
CA GLN D 334 27.08 -29.20 15.50
C GLN D 334 27.45 -29.24 16.97
N GLY D 335 26.71 -28.48 17.78
CA GLY D 335 26.90 -28.50 19.21
C GLY D 335 25.98 -29.48 19.90
N PRO D 336 25.74 -29.28 21.19
CA PRO D 336 24.85 -30.16 21.92
C PRO D 336 23.41 -29.66 21.87
N GLN D 337 22.50 -30.57 22.20
CA GLN D 337 21.13 -30.19 22.45
C GLN D 337 21.05 -29.36 23.72
N ILE D 338 19.88 -28.76 23.97
CA ILE D 338 19.79 -27.71 24.98
C ILE D 338 19.81 -28.27 26.40
N ASP D 339 19.19 -29.43 26.63
CA ASP D 339 19.11 -29.96 27.99
C ASP D 339 18.82 -31.46 27.95
N LYS D 340 18.69 -32.05 29.13
CA LYS D 340 18.43 -33.49 29.23
C LYS D 340 17.02 -33.85 28.78
N LYS D 341 16.05 -32.95 29.00
CA LYS D 341 14.68 -33.24 28.58
C LYS D 341 14.57 -33.40 27.07
N GLN D 342 15.17 -32.46 26.32
CA GLN D 342 15.18 -32.58 24.86
C GLN D 342 16.04 -33.76 24.41
N TYR D 343 17.18 -33.97 25.08
CA TYR D 343 18.08 -35.06 24.72
C TYR D 343 17.36 -36.40 24.77
N ASN D 344 16.62 -36.65 25.86
CA ASN D 344 15.90 -37.92 26.00
C ASN D 344 14.80 -38.04 24.96
N LYS D 345 14.00 -36.99 24.77
CA LYS D 345 12.92 -37.04 23.78
C LYS D 345 13.43 -37.41 22.41
N ILE D 346 14.62 -36.94 22.04
CA ILE D 346 15.20 -37.32 20.75
C ILE D 346 15.58 -38.79 20.74
N LEU D 347 16.24 -39.25 21.81
CA LEU D 347 16.67 -40.65 21.84
C LEU D 347 15.48 -41.60 21.83
N GLU D 348 14.37 -41.23 22.47
CA GLU D 348 13.18 -42.08 22.44
C GLU D 348 12.55 -42.09 21.05
N LEU D 349 12.54 -40.95 20.36
CA LEU D 349 11.97 -40.92 19.03
C LEU D 349 12.83 -41.71 18.04
N ILE D 350 14.15 -41.73 18.24
CA ILE D 350 15.02 -42.55 17.40
C ILE D 350 14.71 -44.02 17.59
N GLN D 351 14.35 -44.42 18.82
CA GLN D 351 13.97 -45.81 19.08
C GLN D 351 12.64 -46.16 18.42
N SER D 352 11.71 -45.21 18.38
CA SER D 352 10.44 -45.44 17.68
C SER D 352 10.66 -45.68 16.20
N GLY D 353 11.65 -45.00 15.61
CA GLY D 353 11.93 -45.20 14.20
C GLY D 353 12.45 -46.60 13.91
N VAL D 354 13.39 -47.07 14.73
CA VAL D 354 13.90 -48.43 14.54
C VAL D 354 12.80 -49.45 14.81
N ALA D 355 11.95 -49.19 15.81
CA ALA D 355 10.88 -50.12 16.16
C ALA D 355 9.85 -50.23 15.04
N GLU D 356 9.38 -49.09 14.54
CA GLU D 356 8.34 -49.10 13.52
C GLU D 356 8.84 -49.57 12.16
N GLY D 357 10.12 -49.90 12.03
CA GLY D 357 10.64 -50.48 10.81
C GLY D 357 11.27 -49.50 9.84
N ALA D 358 12.12 -48.61 10.34
CA ALA D 358 12.86 -47.68 9.51
C ALA D 358 14.33 -48.07 9.46
N LYS D 359 14.96 -47.81 8.32
CA LYS D 359 16.37 -48.17 8.11
C LYS D 359 17.24 -47.08 8.72
N LEU D 360 17.79 -47.35 9.89
CA LEU D 360 18.73 -46.43 10.53
C LEU D 360 20.06 -46.48 9.77
N GLU D 361 20.27 -45.53 8.86
CA GLU D 361 21.41 -45.59 7.96
C GLU D 361 22.72 -45.25 8.65
N CYS D 362 22.66 -44.44 9.72
CA CYS D 362 23.87 -44.08 10.46
C CYS D 362 23.45 -43.39 11.75
N GLY D 363 24.40 -43.28 12.67
CA GLY D 363 24.20 -42.63 13.96
C GLY D 363 23.12 -43.31 14.77
N GLY D 364 22.38 -42.50 15.52
CA GLY D 364 21.23 -42.98 16.26
C GLY D 364 21.41 -43.14 17.75
N LYS D 365 22.51 -42.63 18.30
CA LYS D 365 22.76 -42.77 19.73
C LYS D 365 23.50 -41.54 20.24
N GLY D 366 23.39 -41.32 21.55
CA GLY D 366 24.08 -40.21 22.16
C GLY D 366 25.59 -40.39 22.14
N LEU D 367 26.28 -39.26 22.03
CA LEU D 367 27.74 -39.21 21.88
C LEU D 367 28.36 -38.65 23.15
N GLY D 368 29.23 -39.42 23.79
CA GLY D 368 30.00 -38.96 24.93
C GLY D 368 29.26 -39.11 26.25
N ARG D 369 29.87 -38.53 27.29
CA ARG D 369 29.36 -38.60 28.65
C ARG D 369 28.90 -37.26 29.20
N LYS D 370 29.54 -36.17 28.81
CA LYS D 370 29.17 -34.84 29.27
C LYS D 370 28.39 -34.11 28.19
N GLY D 371 27.53 -33.19 28.62
CA GLY D 371 26.77 -32.44 27.65
C GLY D 371 25.64 -33.27 27.09
N PHE D 372 25.10 -32.79 25.97
CA PHE D 372 23.94 -33.44 25.35
C PHE D 372 24.16 -33.56 23.84
N PHE D 373 25.28 -34.13 23.45
CA PHE D 373 25.59 -34.34 22.04
C PHE D 373 24.95 -35.62 21.54
N ILE D 374 24.49 -35.60 20.30
CA ILE D 374 23.86 -36.76 19.64
C ILE D 374 24.44 -36.88 18.24
N GLU D 375 24.68 -38.12 17.81
CA GLU D 375 25.24 -38.35 16.49
C GLU D 375 24.28 -37.87 15.40
N PRO D 376 24.82 -37.40 14.27
CA PRO D 376 23.96 -37.18 13.09
C PRO D 376 23.28 -38.47 12.69
N THR D 377 21.98 -38.39 12.42
CA THR D 377 21.13 -39.57 12.26
C THR D 377 20.35 -39.47 10.97
N VAL D 378 20.31 -40.56 10.21
CA VAL D 378 19.56 -40.67 8.97
C VAL D 378 18.67 -41.90 9.04
N PHE D 379 17.46 -41.79 8.50
CA PHE D 379 16.53 -42.90 8.37
C PHE D 379 16.17 -43.09 6.90
N SER D 380 15.26 -44.03 6.63
CA SER D 380 14.84 -44.32 5.26
C SER D 380 13.49 -45.03 5.30
N ASN D 381 12.90 -45.19 4.11
CA ASN D 381 11.56 -45.72 3.90
C ASN D 381 10.58 -45.31 4.98
N VAL D 382 10.65 -44.06 5.45
CA VAL D 382 9.87 -43.67 6.61
C VAL D 382 8.43 -43.39 6.13
N THR D 383 7.61 -44.43 6.15
CA THR D 383 6.24 -44.31 5.71
C THR D 383 5.51 -43.26 6.54
N ASP D 384 4.48 -42.66 5.94
CA ASP D 384 3.79 -41.52 6.54
C ASP D 384 3.17 -41.84 7.90
N ASP D 385 2.87 -43.12 8.18
CA ASP D 385 2.21 -43.48 9.43
C ASP D 385 3.17 -43.63 10.60
N MET D 386 4.48 -43.70 10.35
CA MET D 386 5.43 -43.89 11.42
C MET D 386 5.48 -42.65 12.32
N ARG D 387 5.89 -42.88 13.57
CA ARG D 387 5.85 -41.81 14.56
C ARG D 387 6.86 -40.71 14.26
N ILE D 388 8.06 -41.09 13.80
CA ILE D 388 9.05 -40.07 13.49
C ILE D 388 8.60 -39.22 12.33
N ALA D 389 7.73 -39.75 11.46
CA ALA D 389 7.21 -38.97 10.36
C ALA D 389 6.13 -38.00 10.81
N LYS D 390 5.43 -38.30 11.91
CA LYS D 390 4.35 -37.46 12.37
C LYS D 390 4.80 -36.44 13.41
N GLU D 391 5.54 -36.89 14.42
CA GLU D 391 5.91 -36.04 15.54
C GLU D 391 7.11 -35.16 15.21
N GLU D 392 7.06 -33.92 15.69
CA GLU D 392 8.15 -32.98 15.45
C GLU D 392 9.35 -33.37 16.33
N ILE D 393 10.49 -33.63 15.69
CA ILE D 393 11.72 -33.94 16.39
C ILE D 393 12.60 -32.70 16.36
N PHE D 394 13.10 -32.30 17.52
CA PHE D 394 13.99 -31.16 17.64
C PHE D 394 15.45 -31.61 17.75
N GLY D 395 15.86 -32.56 16.92
CA GLY D 395 17.19 -33.12 17.01
C GLY D 395 17.80 -33.43 15.67
N PRO D 396 19.10 -33.74 15.66
CA PRO D 396 19.79 -34.01 14.39
C PRO D 396 19.36 -35.32 13.75
N VAL D 397 18.10 -35.42 13.35
CA VAL D 397 17.57 -36.66 12.76
C VAL D 397 17.04 -36.33 11.38
N GLN D 398 17.67 -36.89 10.35
CA GLN D 398 17.23 -36.74 8.97
C GLN D 398 16.36 -37.93 8.59
N GLU D 399 15.22 -37.65 7.96
CA GLU D 399 14.26 -38.68 7.59
C GLU D 399 13.87 -38.52 6.14
N ILE D 400 14.14 -39.54 5.32
CA ILE D 400 14.00 -39.47 3.88
C ILE D 400 12.87 -40.37 3.43
N LEU D 401 11.94 -39.82 2.67
CA LEU D 401 10.85 -40.55 2.06
C LEU D 401 10.98 -40.51 0.54
N ARG D 402 10.31 -41.45 -0.12
CA ARG D 402 10.27 -41.46 -1.57
C ARG D 402 8.84 -41.19 -2.04
N PHE D 403 8.73 -40.76 -3.30
CA PHE D 403 7.42 -40.54 -3.90
C PHE D 403 7.55 -40.79 -5.40
N LYS D 404 6.40 -40.80 -6.07
CA LYS D 404 6.35 -41.10 -7.50
C LYS D 404 5.82 -39.95 -8.34
N THR D 405 4.88 -39.15 -7.83
CA THR D 405 4.19 -38.14 -8.62
C THR D 405 4.14 -36.83 -7.85
N MET D 406 4.31 -35.73 -8.57
CA MET D 406 4.16 -34.41 -7.95
C MET D 406 2.80 -34.28 -7.27
N ASP D 407 1.73 -34.73 -7.95
CA ASP D 407 0.40 -34.70 -7.35
C ASP D 407 0.31 -35.57 -6.10
N GLU D 408 1.09 -36.65 -6.05
CA GLU D 408 1.10 -37.48 -4.85
C GLU D 408 1.85 -36.80 -3.70
N VAL D 409 3.06 -36.30 -3.99
CA VAL D 409 3.87 -35.67 -2.94
C VAL D 409 3.21 -34.39 -2.45
N ILE D 410 2.45 -33.71 -3.30
CA ILE D 410 1.74 -32.51 -2.85
C ILE D 410 0.71 -32.88 -1.80
N GLU D 411 -0.09 -33.92 -2.05
CA GLU D 411 -1.10 -34.33 -1.08
C GLU D 411 -0.47 -34.83 0.20
N ARG D 412 0.63 -35.59 0.09
CA ARG D 412 1.29 -36.15 1.25
C ARG D 412 1.94 -35.06 2.11
N ALA D 413 2.59 -34.08 1.47
CA ALA D 413 3.23 -33.01 2.22
C ALA D 413 2.20 -32.15 2.94
N ASN D 414 1.02 -31.95 2.33
CA ASN D 414 -0.01 -31.15 2.96
C ASN D 414 -0.76 -31.90 4.05
N ASN D 415 -0.68 -33.22 4.06
CA ASN D 415 -1.40 -34.04 5.05
C ASN D 415 -0.72 -33.90 6.40
N SER D 416 -1.02 -32.80 7.09
CA SER D 416 -0.45 -32.51 8.39
C SER D 416 -1.17 -31.31 9.00
N ASP D 417 -1.33 -31.34 10.32
CA ASP D 417 -1.83 -30.18 11.04
C ASP D 417 -0.82 -29.07 11.12
N PHE D 418 0.45 -29.35 10.82
CA PHE D 418 1.51 -28.36 10.82
C PHE D 418 1.68 -27.79 9.41
N GLY D 419 1.65 -26.46 9.31
CA GLY D 419 1.85 -25.82 8.03
C GLY D 419 2.73 -24.58 8.14
N LEU D 420 3.97 -24.76 8.60
CA LEU D 420 4.81 -23.59 8.82
C LEU D 420 5.68 -23.27 7.61
N VAL D 421 6.39 -24.26 7.07
CA VAL D 421 7.43 -24.01 6.08
C VAL D 421 7.45 -25.16 5.08
N ALA D 422 7.79 -24.86 3.83
CA ALA D 422 7.93 -25.87 2.79
C ALA D 422 9.18 -25.55 1.97
N ALA D 423 9.56 -26.51 1.12
CA ALA D 423 10.73 -26.34 0.26
C ALA D 423 10.66 -27.34 -0.87
N VAL D 424 10.82 -26.86 -2.11
CA VAL D 424 10.87 -27.72 -3.28
C VAL D 424 12.16 -27.44 -4.02
N PHE D 425 12.81 -28.50 -4.49
CA PHE D 425 14.06 -28.38 -5.25
C PHE D 425 13.82 -28.96 -6.64
N THR D 426 13.88 -28.09 -7.64
CA THR D 426 13.63 -28.50 -9.02
C THR D 426 14.17 -27.41 -9.93
N ASN D 427 14.44 -27.80 -11.17
CA ASN D 427 14.91 -26.86 -12.18
C ASN D 427 13.84 -26.50 -13.21
N ASP D 428 12.65 -27.08 -13.10
CA ASP D 428 11.54 -26.76 -13.99
C ASP D 428 10.64 -25.71 -13.36
N ILE D 429 10.29 -24.69 -14.13
CA ILE D 429 9.52 -23.58 -13.58
C ILE D 429 8.08 -23.99 -13.32
N ASN D 430 7.50 -24.82 -14.19
CA ASN D 430 6.12 -25.25 -13.99
C ASN D 430 5.96 -26.04 -12.70
N LYS D 431 6.88 -26.99 -12.46
CA LYS D 431 6.83 -27.77 -11.23
C LYS D 431 7.07 -26.90 -10.01
N ALA D 432 7.92 -25.88 -10.13
CA ALA D 432 8.16 -24.98 -8.99
C ALA D 432 6.95 -24.11 -8.71
N LEU D 433 6.26 -23.64 -9.76
CA LEU D 433 5.03 -22.89 -9.53
C LEU D 433 3.92 -23.78 -9.00
N THR D 434 3.90 -25.06 -9.39
CA THR D 434 2.80 -25.94 -9.02
C THR D 434 2.79 -26.19 -7.52
N VAL D 435 3.86 -26.78 -7.01
CA VAL D 435 3.92 -27.12 -5.59
C VAL D 435 3.81 -25.86 -4.72
N SER D 436 4.60 -24.81 -5.03
CA SER D 436 4.69 -23.67 -4.13
C SER D 436 3.34 -22.99 -3.92
N SER D 437 2.50 -22.96 -4.95
CA SER D 437 1.16 -22.37 -4.84
C SER D 437 0.14 -23.34 -4.24
N ALA D 438 0.39 -24.65 -4.31
CA ALA D 438 -0.58 -25.65 -3.89
C ALA D 438 -0.28 -26.22 -2.50
N MET D 439 0.56 -25.55 -1.72
CA MET D 439 0.93 -26.03 -0.40
C MET D 439 0.38 -25.12 0.68
N GLN D 440 0.23 -25.68 1.88
CA GLN D 440 -0.28 -24.97 3.04
C GLN D 440 0.88 -24.72 3.98
N ALA D 441 1.67 -23.69 3.67
CA ALA D 441 2.84 -23.34 4.46
C ALA D 441 3.08 -21.84 4.36
N GLY D 442 3.54 -21.24 5.46
CA GLY D 442 3.73 -19.80 5.51
C GLY D 442 4.90 -19.32 4.69
N THR D 443 5.89 -20.18 4.46
CA THR D 443 7.07 -19.80 3.69
C THR D 443 7.44 -20.99 2.82
N VAL D 444 7.56 -20.74 1.53
CA VAL D 444 7.93 -21.76 0.56
C VAL D 444 9.23 -21.33 -0.07
N TRP D 445 10.30 -22.07 0.17
CA TRP D 445 11.59 -21.83 -0.45
C TRP D 445 11.74 -22.70 -1.68
N ILE D 446 12.23 -22.11 -2.76
CA ILE D 446 12.45 -22.82 -4.03
C ILE D 446 13.95 -22.85 -4.28
N ASN D 447 14.50 -24.07 -4.34
CA ASN D 447 15.91 -24.31 -4.64
C ASN D 447 16.82 -23.63 -3.63
N CYS D 448 16.38 -23.58 -2.38
CA CYS D 448 17.15 -23.03 -1.27
C CYS D 448 16.45 -23.46 0.02
N TYR D 449 17.05 -23.12 1.16
CA TYR D 449 16.45 -23.46 2.44
C TYR D 449 16.95 -22.50 3.50
N ASN D 450 16.09 -22.23 4.49
CA ASN D 450 16.40 -21.39 5.64
C ASN D 450 16.86 -20.00 5.23
N ALA D 451 16.40 -19.54 4.06
CA ALA D 451 16.69 -18.19 3.59
C ALA D 451 15.72 -17.22 4.27
N LEU D 452 16.07 -16.88 5.50
CA LEU D 452 15.30 -15.92 6.28
C LEU D 452 15.91 -14.52 6.14
N ASN D 453 15.04 -13.51 6.23
CA ASN D 453 15.46 -12.12 6.07
C ASN D 453 14.72 -11.26 7.08
N ALA D 454 15.22 -10.04 7.27
CA ALA D 454 14.45 -9.04 8.00
C ALA D 454 13.32 -8.47 7.16
N GLN D 455 13.40 -8.63 5.84
CA GLN D 455 12.41 -8.06 4.94
C GLN D 455 11.25 -9.00 4.61
N SER D 456 11.42 -10.33 4.79
CA SER D 456 10.39 -11.30 4.45
C SER D 456 9.58 -11.69 5.69
N PRO D 457 8.24 -11.82 5.56
CA PRO D 457 7.38 -12.09 6.72
C PRO D 457 7.75 -13.32 7.53
N PHE D 458 7.22 -14.49 7.14
CA PHE D 458 7.41 -15.79 7.82
C PHE D 458 6.39 -15.98 8.95
N GLY D 459 5.73 -17.14 8.94
CA GLY D 459 4.75 -17.46 9.96
C GLY D 459 4.02 -18.73 9.59
N GLY D 460 3.13 -19.15 10.48
CA GLY D 460 2.44 -20.42 10.33
C GLY D 460 1.11 -20.31 9.60
N PHE D 461 0.72 -21.42 8.95
CA PHE D 461 -0.56 -21.49 8.24
C PHE D 461 -1.65 -22.12 9.08
N LYS D 462 -1.42 -23.33 9.59
CA LYS D 462 -2.46 -24.02 10.36
C LYS D 462 -2.19 -23.90 11.85
N MET D 463 -1.87 -25.03 12.48
CA MET D 463 -1.48 -25.04 13.89
C MET D 463 -0.04 -24.61 14.11
N SER D 464 0.55 -23.89 13.16
CA SER D 464 1.93 -23.43 13.25
C SER D 464 2.05 -21.96 13.64
N GLY D 465 0.94 -21.27 13.86
CA GLY D 465 1.00 -19.92 14.39
C GLY D 465 -0.17 -19.09 13.92
N ASN D 466 -0.34 -17.95 14.61
CA ASN D 466 -1.32 -16.93 14.27
C ASN D 466 -0.56 -15.68 13.84
N GLY D 467 -0.82 -15.21 12.62
CA GLY D 467 -0.16 -14.03 12.13
C GLY D 467 1.28 -14.29 11.74
N ARG D 468 1.98 -13.19 11.47
CA ARG D 468 3.36 -13.21 10.99
C ARG D 468 4.21 -12.23 11.80
N GLU D 469 5.53 -12.43 11.73
CA GLU D 469 6.52 -11.47 12.18
C GLU D 469 7.36 -11.04 10.97
N MET D 470 8.36 -10.19 11.22
CA MET D 470 9.24 -9.65 10.17
C MET D 470 8.50 -8.93 9.05
N GLY D 471 9.23 -8.42 8.08
CA GLY D 471 8.63 -7.72 6.94
C GLY D 471 7.71 -6.58 7.31
N GLU D 472 6.92 -6.10 6.36
CA GLU D 472 5.90 -5.11 6.69
C GLU D 472 4.80 -5.74 7.53
N PHE D 473 4.44 -6.99 7.24
CA PHE D 473 3.28 -7.60 7.84
C PHE D 473 3.47 -7.87 9.33
N GLY D 474 4.70 -7.95 9.82
CA GLY D 474 4.93 -8.07 11.25
C GLY D 474 4.47 -6.86 12.04
N LEU D 475 4.44 -5.69 11.40
CA LEU D 475 4.06 -4.45 12.09
C LEU D 475 2.57 -4.40 12.38
N ARG D 476 1.74 -5.02 11.54
CA ARG D 476 0.30 -4.94 11.72
C ARG D 476 -0.19 -5.71 12.94
N GLU D 477 0.64 -6.58 13.52
CA GLU D 477 0.27 -7.29 14.74
C GLU D 477 0.52 -6.46 16.00
N TYR D 478 1.08 -5.26 15.88
CA TYR D 478 1.36 -4.41 17.03
C TYR D 478 0.76 -3.02 16.87
N SER D 479 -0.34 -2.91 16.12
CA SER D 479 -0.95 -1.62 15.84
C SER D 479 -2.47 -1.74 15.89
N GLU D 480 -3.10 -0.85 16.65
CA GLU D 480 -4.56 -0.70 16.60
C GLU D 480 -4.94 0.30 15.52
N VAL D 481 -5.95 -0.05 14.74
CA VAL D 481 -6.43 0.80 13.66
C VAL D 481 -7.62 1.58 14.17
N LYS D 482 -7.47 2.90 14.29
CA LYS D 482 -8.55 3.80 14.66
C LYS D 482 -9.07 4.52 13.44
N THR D 483 -10.39 4.58 13.30
CA THR D 483 -11.06 5.29 12.21
C THR D 483 -11.68 6.57 12.73
N VAL D 484 -11.40 7.69 12.08
CA VAL D 484 -11.97 8.98 12.43
C VAL D 484 -12.76 9.49 11.22
N THR D 485 -14.01 9.86 11.45
CA THR D 485 -14.89 10.33 10.38
C THR D 485 -15.50 11.67 10.76
N VAL D 486 -15.32 12.65 9.89
CA VAL D 486 -15.70 14.04 10.14
C VAL D 486 -16.83 14.41 9.21
N LYS D 487 -17.92 14.96 9.77
CA LYS D 487 -18.98 15.51 8.95
C LYS D 487 -18.48 16.82 8.33
N ILE D 488 -18.34 16.84 7.01
CA ILE D 488 -17.83 18.03 6.33
C ILE D 488 -18.96 18.67 5.55
N PRO D 489 -18.88 19.97 5.25
CA PRO D 489 -19.98 20.64 4.54
C PRO D 489 -20.30 20.04 3.17
N GLN D 490 -19.56 20.45 2.13
CA GLN D 490 -19.96 20.16 0.76
C GLN D 490 -19.34 18.88 0.20
N LYS D 491 -18.05 18.67 0.46
CA LYS D 491 -17.28 17.53 -0.04
C LYS D 491 -17.13 17.54 -1.56
N ASN D 492 -15.89 17.71 -2.03
CA ASN D 492 -15.56 17.66 -3.45
C ASN D 492 -14.48 16.60 -3.64
N SER D 493 -14.85 15.50 -4.27
CA SER D 493 -13.91 14.40 -4.48
C SER D 493 -12.80 14.85 -5.44
C01 CU4 E . 10.95 23.80 -1.01
C05 CU4 E . 11.42 25.35 1.48
C06 CU4 E . 12.54 24.80 2.13
C07 CU4 E . 12.61 24.72 3.54
C08 CU4 E . 11.53 25.18 4.34
C09 CU4 E . 10.41 25.74 3.69
C10 CU4 E . 10.35 25.82 2.27
C11 CU4 E . 11.55 25.15 5.76
C14 CU4 E . 11.66 24.65 7.91
C15 CU4 E . 11.79 24.08 6.64
C16 CU4 E . 12.10 22.71 6.38
C19 CU4 E . 12.46 20.44 7.35
C20 CU4 E . 12.37 19.72 8.57
C21 CU4 E . 12.63 18.33 8.60
C22 CU4 E . 12.96 17.64 7.42
C23 CU4 E . 13.06 18.34 6.20
C25 CU4 E . 12.80 19.72 6.18
C26 CU4 E . 11.14 26.89 8.72
C27 CU4 E . 10.25 27.97 8.48
C28 CU4 E . 10.01 28.93 9.47
C29 CU4 E . 10.64 28.84 10.72
C30 CU4 E . 11.52 27.77 10.99
C31 CU4 E . 11.77 26.80 9.99
C32 CU4 E . 10.40 29.74 11.64
F24 CU4 E . 13.37 17.74 5.08
N12 CU4 E . 11.30 26.24 6.50
N13 CU4 E . 11.36 25.96 7.75
N18 CU4 E . 12.19 21.79 7.40
N33 CU4 E . 10.20 30.53 12.45
O03 CU4 E . 10.20 26.46 -0.77
O04 CU4 E . 12.73 25.94 -0.93
O17 CU4 E . 12.27 22.36 5.18
S02 CU4 E . 11.33 25.44 -0.29
C01 CU4 F . -21.76 -2.49 14.42
C05 CU4 F . -24.18 -0.84 13.95
C06 CU4 F . -24.03 0.53 14.27
C07 CU4 F . -24.61 1.50 13.44
C08 CU4 F . -25.34 1.15 12.29
C09 CU4 F . -25.50 -0.22 11.98
C10 CU4 F . -24.92 -1.21 12.81
C11 CU4 F . -25.92 2.18 11.51
C14 CU4 F . -26.57 3.61 9.97
C15 CU4 F . -25.74 2.51 10.14
C16 CU4 F . -24.94 1.91 9.13
C19 CU4 F . -24.37 1.98 6.68
C20 CU4 F . -24.51 2.84 5.57
C21 CU4 F . -23.88 2.56 4.34
C22 CU4 F . -23.11 1.39 4.19
C23 CU4 F . -22.97 0.51 5.27
C25 CU4 F . -23.58 0.81 6.51
C26 CU4 F . -28.05 4.89 11.41
C27 CU4 F . -28.04 5.56 12.65
C28 CU4 F . -28.96 6.59 12.92
C29 CU4 F . -29.91 6.96 11.94
C30 CU4 F . -29.92 6.30 10.69
C31 CU4 F . -29.00 5.28 10.44
C32 CU4 F . -30.78 7.91 12.17
F24 CU4 F . -22.24 -0.57 5.11
N12 CU4 F . -26.78 3.04 12.04
N13 CU4 F . -27.16 3.90 11.15
N18 CU4 F . -25.02 2.36 7.83
N33 CU4 F . -31.54 8.75 12.36
O03 CU4 F . -24.31 -3.40 15.07
O04 CU4 F . -23.35 -1.48 16.52
O17 CU4 F . -24.16 0.99 9.47
S02 CU4 F . -23.44 -2.06 15.02
C01 CU4 G . -0.57 -1.84 -26.38
C05 CU4 G . -1.75 -4.27 -27.65
C06 CU4 G . -0.97 -5.45 -27.53
C07 CU4 G . -1.59 -6.69 -27.29
C08 CU4 G . -2.99 -6.79 -27.17
C09 CU4 G . -3.77 -5.62 -27.29
C10 CU4 G . -3.15 -4.37 -27.52
C11 CU4 G . -3.59 -8.05 -26.94
C14 CU4 G . -4.69 -9.82 -26.22
C15 CU4 G . -4.45 -8.48 -25.92
C16 CU4 G . -5.00 -7.77 -24.82
C19 CU4 G . -6.71 -7.83 -22.98
C20 CU4 G . -7.30 -8.80 -22.14
C21 CU4 G . -8.02 -8.42 -20.98
C22 CU4 G . -8.17 -7.06 -20.66
C23 CU4 G . -7.59 -6.08 -21.48
C25 CU4 G . -6.86 -6.46 -22.62
C26 CU4 G . -3.95 -11.35 -27.96
C27 CU4 G . -2.83 -11.71 -28.76
C28 CU4 G . -2.78 -12.95 -29.41
C29 CU4 G . -3.84 -13.86 -29.28
C30 CU4 G . -4.96 -13.52 -28.49
C31 CU4 G . -5.01 -12.27 -27.84
C32 CU4 G . -3.81 -15.03 -29.87
F24 CU4 G . -7.72 -4.82 -21.16
N12 CU4 G . -3.35 -9.10 -27.75
N13 CU4 G . -3.99 -10.14 -27.34
N18 CU4 G . -6.03 -8.30 -24.08
N33 CU4 G . -3.78 -16.04 -30.40
O03 CU4 G . -1.90 -1.76 -28.85
O04 CU4 G . 0.40 -2.94 -28.76
O17 CU4 G . -4.50 -6.65 -24.53
S02 CU4 G . -0.96 -2.71 -27.94
C01 CU4 H . 12.12 -19.25 12.88
C05 CU4 H . 14.90 -20.06 12.29
C06 CU4 H . 15.08 -20.69 11.04
C07 CU4 H . 16.21 -20.41 10.26
C08 CU4 H . 17.19 -19.47 10.69
C09 CU4 H . 17.01 -18.85 11.95
C10 CU4 H . 15.87 -19.14 12.73
C11 CU4 H . 18.32 -19.22 9.88
C14 CU4 H . 19.96 -18.41 8.63
C15 CU4 H . 18.84 -18.00 9.36
C16 CU4 H . 18.40 -16.66 9.52
C19 CU4 H . 18.77 -14.29 8.86
C20 CU4 H . 19.57 -13.48 8.03
C21 CU4 H . 19.38 -12.08 7.95
C22 CU4 H . 18.38 -11.47 8.72
C23 CU4 H . 17.56 -12.25 9.56
C25 CU4 H . 17.76 -13.65 9.62
C26 CU4 H . 21.03 -20.56 8.15
C27 CU4 H . 22.29 -20.04 7.79
C28 CU4 H . 23.27 -20.88 7.22
C29 CU4 H . 22.99 -22.24 6.98
C30 CU4 H . 21.72 -22.76 7.34
C31 CU4 H . 20.75 -21.92 7.91
C32 CU4 H . 23.88 -23.03 6.46
F24 CU4 H . 16.62 -11.70 10.28
N12 CU4 H . 19.11 -20.23 9.44
N13 CU4 H . 20.08 -19.75 8.71
N18 CU4 H . 19.03 -15.64 8.86
N33 CU4 H . 24.66 -23.73 5.98
O03 CU4 H . 13.76 -20.36 14.84
O04 CU4 H . 12.96 -21.91 12.92
O17 CU4 H . 17.43 -16.43 10.28
S02 CU4 H . 13.47 -20.43 13.26
#